data_1YB3
# 
_entry.id   1YB3 
# 
_audit_conform.dict_name       mmcif_pdbx.dic 
_audit_conform.dict_version    5.397 
_audit_conform.dict_location   http://mmcif.pdb.org/dictionaries/ascii/mmcif_pdbx.dic 
# 
loop_
_database_2.database_id 
_database_2.database_code 
_database_2.pdbx_database_accession 
_database_2.pdbx_DOI 
PDB   1YB3         pdb_00001yb3 10.2210/pdb1yb3/pdb 
RCSB  RCSB031329   ?            ?                   
WWPDB D_1000031329 ?            ?                   
# 
loop_
_pdbx_audit_revision_history.ordinal 
_pdbx_audit_revision_history.data_content_type 
_pdbx_audit_revision_history.major_revision 
_pdbx_audit_revision_history.minor_revision 
_pdbx_audit_revision_history.revision_date 
1 'Structure model' 1 0 2005-02-01 
2 'Structure model' 1 1 2008-04-30 
3 'Structure model' 1 2 2011-07-13 
4 'Structure model' 1 3 2017-10-11 
5 'Structure model' 1 4 2024-10-30 
# 
_pdbx_audit_revision_details.ordinal             1 
_pdbx_audit_revision_details.revision_ordinal    1 
_pdbx_audit_revision_details.data_content_type   'Structure model' 
_pdbx_audit_revision_details.provider            repository 
_pdbx_audit_revision_details.type                'Initial release' 
_pdbx_audit_revision_details.description         ? 
_pdbx_audit_revision_details.details             ? 
# 
loop_
_pdbx_audit_revision_group.ordinal 
_pdbx_audit_revision_group.revision_ordinal 
_pdbx_audit_revision_group.data_content_type 
_pdbx_audit_revision_group.group 
1 2 'Structure model' 'Version format compliance' 
2 3 'Structure model' 'Derived calculations'      
3 3 'Structure model' 'Version format compliance' 
4 4 'Structure model' 'Refinement description'    
5 5 'Structure model' 'Data collection'           
6 5 'Structure model' 'Database references'       
7 5 'Structure model' 'Derived calculations'      
8 5 'Structure model' 'Structure summary'         
# 
loop_
_pdbx_audit_revision_category.ordinal 
_pdbx_audit_revision_category.revision_ordinal 
_pdbx_audit_revision_category.data_content_type 
_pdbx_audit_revision_category.category 
1 4 'Structure model' software                  
2 5 'Structure model' chem_comp_atom            
3 5 'Structure model' chem_comp_bond            
4 5 'Structure model' database_2                
5 5 'Structure model' pdbx_entry_details        
6 5 'Structure model' pdbx_modification_feature 
7 5 'Structure model' struct_conn               
8 5 'Structure model' struct_ref_seq_dif        
9 5 'Structure model' struct_site               
# 
loop_
_pdbx_audit_revision_item.ordinal 
_pdbx_audit_revision_item.revision_ordinal 
_pdbx_audit_revision_item.data_content_type 
_pdbx_audit_revision_item.item 
1  4 'Structure model' '_software.classification'            
2  4 'Structure model' '_software.contact_author'            
3  4 'Structure model' '_software.contact_author_email'      
4  4 'Structure model' '_software.date'                      
5  4 'Structure model' '_software.language'                  
6  4 'Structure model' '_software.location'                  
7  4 'Structure model' '_software.name'                      
8  4 'Structure model' '_software.type'                      
9  4 'Structure model' '_software.version'                   
10 5 'Structure model' '_database_2.pdbx_DOI'                
11 5 'Structure model' '_database_2.pdbx_database_accession' 
12 5 'Structure model' '_struct_conn.pdbx_leaving_atom_flag' 
13 5 'Structure model' '_struct_ref_seq_dif.details'         
14 5 'Structure model' '_struct_site.pdbx_auth_asym_id'      
15 5 'Structure model' '_struct_site.pdbx_auth_comp_id'      
16 5 'Structure model' '_struct_site.pdbx_auth_seq_id'       
# 
_pdbx_database_status.entry_id                        1YB3 
_pdbx_database_status.deposit_site                    RCSB 
_pdbx_database_status.process_site                    RCSB 
_pdbx_database_status.recvd_initial_deposition_date   2004-12-19 
_pdbx_database_status.status_code                     REL 
_pdbx_database_status.status_code_sf                  REL 
_pdbx_database_status.status_code_mr                  ? 
_pdbx_database_status.SG_entry                        Y 
_pdbx_database_status.pdb_format_compatible           Y 
_pdbx_database_status.status_code_cs                  ? 
_pdbx_database_status.methods_development_category    ? 
_pdbx_database_status.status_code_nmr_data            ? 
# 
_pdbx_database_related.db_name        TargetDB 
_pdbx_database_related.db_id          Pfu-178653-001 
_pdbx_database_related.details        . 
_pdbx_database_related.content_type   unspecified 
# 
loop_
_audit_author.name 
_audit_author.pdbx_ordinal 
'Habel, J.'                                               1  
'Zhou, W.'                                                2  
'Chang, J.'                                               3  
'Zhao, M.'                                                4  
'Xu, H.'                                                  5  
'Chen, L.'                                                6  
'Lee, D.'                                                 7  
'Nguyen, D.'                                              8  
'Chang, S.-H.'                                            9  
'Horanyi, P.'                                             10 
'Florence, Q.'                                            11 
'Tempel, W.'                                              12 
'Lin, D.'                                                 13 
'Zhang, H.'                                               14 
'Praissman, J.'                                           15 
'Jenney Jr., F.E.'                                        16 
'Adams, M.W.W.'                                           17 
'Liu, Z.-J.'                                              18 
'Rose, J.P.'                                              19 
'Wang, B.-C.'                                             20 
'Southeast Collaboratory for Structural Genomics (SECSG)' 21 
# 
_citation.id                        primary 
_citation.title                     'Conserved hypothetical protein Pfu-178653-001 from Pyrococcus furiosus' 
_citation.journal_abbrev            'To be published' 
_citation.journal_volume            ? 
_citation.page_first                ? 
_citation.page_last                 ? 
_citation.year                      ? 
_citation.journal_id_ASTM           ? 
_citation.country                   ? 
_citation.journal_id_ISSN           ? 
_citation.journal_id_CSD            0353 
_citation.book_publisher            ? 
_citation.pdbx_database_id_PubMed   ? 
_citation.pdbx_database_id_DOI      ? 
# 
loop_
_citation_author.citation_id 
_citation_author.name 
_citation_author.ordinal 
_citation_author.identifier_ORCID 
primary 'Habel, J.'        1  ? 
primary 'Zhou, W.'         2  ? 
primary 'Chang, J.'        3  ? 
primary 'Zhao, M.'         4  ? 
primary 'Xu, H.'           5  ? 
primary 'Chen, L.'         6  ? 
primary 'Lee, D.'          7  ? 
primary 'Nguyen, D.'       8  ? 
primary 'Chang, S.-H.'     9  ? 
primary 'Horanyi, P.'      10 ? 
primary 'Florence, Q.'     11 ? 
primary 'Tempel, W.'       12 ? 
primary 'Lin, D.'          13 ? 
primary 'Zhang, H.'        14 ? 
primary 'Praissman, J.'    15 ? 
primary 'Jenney Jr., F.E.' 16 ? 
primary 'Adams, M.W.W.'    17 ? 
primary 'Liu, Z.-J.'       18 ? 
primary 'Rose, J.P.'       19 ? 
primary 'Wang, B.-C.'      20 ? 
# 
loop_
_entity.id 
_entity.type 
_entity.src_method 
_entity.pdbx_description 
_entity.formula_weight 
_entity.pdbx_number_of_molecules 
_entity.pdbx_ec 
_entity.pdbx_mutation 
_entity.pdbx_fragment 
_entity.details 
1 polymer     man 'hypothetical protein' 21019.145 1   ? ? ? ? 
2 non-polymer syn 'UNKNOWN ATOM OR ION'  ?         1   ? ? ? ? 
3 water       nat water                  18.015    102 ? ? ? ? 
# 
_entity_poly.entity_id                      1 
_entity_poly.type                           'polypeptide(L)' 
_entity_poly.nstd_linkage                   no 
_entity_poly.nstd_monomer                   yes 
_entity_poly.pdbx_seq_one_letter_code       
;AHHHHHHGS(MSE)LKEVHELLNRIWGDIFELREELKEELKGFTVEEVSEVFNAYLYIDGKWEE(MSE)KYPHPAFAVKP
GGEVGATPQGFYFVFAFPKEELSKEFIEDVIRAFEKLFIYGAENFLEDFYNFEHPISGDEVWDRIVNSDEE(MSE)INFE
VDLGFDKEEVKREIKRFIELARRYNLL
;
_entity_poly.pdbx_seq_one_letter_code_can   
;AHHHHHHGSMLKEVHELLNRIWGDIFELREELKEELKGFTVEEVSEVFNAYLYIDGKWEEMKYPHPAFAVKPGGEVGATP
QGFYFVFAFPKEELSKEFIEDVIRAFEKLFIYGAENFLEDFYNFEHPISGDEVWDRIVNSDEEMINFEVDLGFDKEEVKR
EIKRFIELARRYNLL
;
_entity_poly.pdbx_strand_id                 A 
_entity_poly.pdbx_target_identifier         Pfu-178653-001 
# 
loop_
_pdbx_entity_nonpoly.entity_id 
_pdbx_entity_nonpoly.name 
_pdbx_entity_nonpoly.comp_id 
2 'UNKNOWN ATOM OR ION' UNX 
3 water                 HOH 
# 
loop_
_entity_poly_seq.entity_id 
_entity_poly_seq.num 
_entity_poly_seq.mon_id 
_entity_poly_seq.hetero 
1 1   ALA n 
1 2   HIS n 
1 3   HIS n 
1 4   HIS n 
1 5   HIS n 
1 6   HIS n 
1 7   HIS n 
1 8   GLY n 
1 9   SER n 
1 10  MSE n 
1 11  LEU n 
1 12  LYS n 
1 13  GLU n 
1 14  VAL n 
1 15  HIS n 
1 16  GLU n 
1 17  LEU n 
1 18  LEU n 
1 19  ASN n 
1 20  ARG n 
1 21  ILE n 
1 22  TRP n 
1 23  GLY n 
1 24  ASP n 
1 25  ILE n 
1 26  PHE n 
1 27  GLU n 
1 28  LEU n 
1 29  ARG n 
1 30  GLU n 
1 31  GLU n 
1 32  LEU n 
1 33  LYS n 
1 34  GLU n 
1 35  GLU n 
1 36  LEU n 
1 37  LYS n 
1 38  GLY n 
1 39  PHE n 
1 40  THR n 
1 41  VAL n 
1 42  GLU n 
1 43  GLU n 
1 44  VAL n 
1 45  SER n 
1 46  GLU n 
1 47  VAL n 
1 48  PHE n 
1 49  ASN n 
1 50  ALA n 
1 51  TYR n 
1 52  LEU n 
1 53  TYR n 
1 54  ILE n 
1 55  ASP n 
1 56  GLY n 
1 57  LYS n 
1 58  TRP n 
1 59  GLU n 
1 60  GLU n 
1 61  MSE n 
1 62  LYS n 
1 63  TYR n 
1 64  PRO n 
1 65  HIS n 
1 66  PRO n 
1 67  ALA n 
1 68  PHE n 
1 69  ALA n 
1 70  VAL n 
1 71  LYS n 
1 72  PRO n 
1 73  GLY n 
1 74  GLY n 
1 75  GLU n 
1 76  VAL n 
1 77  GLY n 
1 78  ALA n 
1 79  THR n 
1 80  PRO n 
1 81  GLN n 
1 82  GLY n 
1 83  PHE n 
1 84  TYR n 
1 85  PHE n 
1 86  VAL n 
1 87  PHE n 
1 88  ALA n 
1 89  PHE n 
1 90  PRO n 
1 91  LYS n 
1 92  GLU n 
1 93  GLU n 
1 94  LEU n 
1 95  SER n 
1 96  LYS n 
1 97  GLU n 
1 98  PHE n 
1 99  ILE n 
1 100 GLU n 
1 101 ASP n 
1 102 VAL n 
1 103 ILE n 
1 104 ARG n 
1 105 ALA n 
1 106 PHE n 
1 107 GLU n 
1 108 LYS n 
1 109 LEU n 
1 110 PHE n 
1 111 ILE n 
1 112 TYR n 
1 113 GLY n 
1 114 ALA n 
1 115 GLU n 
1 116 ASN n 
1 117 PHE n 
1 118 LEU n 
1 119 GLU n 
1 120 ASP n 
1 121 PHE n 
1 122 TYR n 
1 123 ASN n 
1 124 PHE n 
1 125 GLU n 
1 126 HIS n 
1 127 PRO n 
1 128 ILE n 
1 129 SER n 
1 130 GLY n 
1 131 ASP n 
1 132 GLU n 
1 133 VAL n 
1 134 TRP n 
1 135 ASP n 
1 136 ARG n 
1 137 ILE n 
1 138 VAL n 
1 139 ASN n 
1 140 SER n 
1 141 ASP n 
1 142 GLU n 
1 143 GLU n 
1 144 MSE n 
1 145 ILE n 
1 146 ASN n 
1 147 PHE n 
1 148 GLU n 
1 149 VAL n 
1 150 ASP n 
1 151 LEU n 
1 152 GLY n 
1 153 PHE n 
1 154 ASP n 
1 155 LYS n 
1 156 GLU n 
1 157 GLU n 
1 158 VAL n 
1 159 LYS n 
1 160 ARG n 
1 161 GLU n 
1 162 ILE n 
1 163 LYS n 
1 164 ARG n 
1 165 PHE n 
1 166 ILE n 
1 167 GLU n 
1 168 LEU n 
1 169 ALA n 
1 170 ARG n 
1 171 ARG n 
1 172 TYR n 
1 173 ASN n 
1 174 LEU n 
1 175 LEU n 
# 
_entity_src_gen.entity_id                          1 
_entity_src_gen.pdbx_src_id                        1 
_entity_src_gen.pdbx_alt_source_flag               sample 
_entity_src_gen.pdbx_seq_type                      ? 
_entity_src_gen.pdbx_beg_seq_num                   ? 
_entity_src_gen.pdbx_end_seq_num                   ? 
_entity_src_gen.gene_src_common_name               ? 
_entity_src_gen.gene_src_genus                     Pyrococcus 
_entity_src_gen.pdbx_gene_src_gene                 ? 
_entity_src_gen.gene_src_species                   ? 
_entity_src_gen.gene_src_strain                    ? 
_entity_src_gen.gene_src_tissue                    ? 
_entity_src_gen.gene_src_tissue_fraction           ? 
_entity_src_gen.gene_src_details                   ? 
_entity_src_gen.pdbx_gene_src_fragment             ? 
_entity_src_gen.pdbx_gene_src_scientific_name      'Pyrococcus furiosus' 
_entity_src_gen.pdbx_gene_src_ncbi_taxonomy_id     2261 
_entity_src_gen.pdbx_gene_src_variant              ? 
_entity_src_gen.pdbx_gene_src_cell_line            ? 
_entity_src_gen.pdbx_gene_src_atcc                 ? 
_entity_src_gen.pdbx_gene_src_organ                ? 
_entity_src_gen.pdbx_gene_src_organelle            ? 
_entity_src_gen.pdbx_gene_src_cell                 ? 
_entity_src_gen.pdbx_gene_src_cellular_location    ? 
_entity_src_gen.host_org_common_name               ? 
_entity_src_gen.pdbx_host_org_scientific_name      'Escherichia coli' 
_entity_src_gen.pdbx_host_org_ncbi_taxonomy_id     562 
_entity_src_gen.host_org_genus                     Escherichia 
_entity_src_gen.pdbx_host_org_gene                 ? 
_entity_src_gen.pdbx_host_org_organ                ? 
_entity_src_gen.host_org_species                   ? 
_entity_src_gen.pdbx_host_org_tissue               ? 
_entity_src_gen.pdbx_host_org_tissue_fraction      ? 
_entity_src_gen.pdbx_host_org_strain               ? 
_entity_src_gen.pdbx_host_org_variant              ? 
_entity_src_gen.pdbx_host_org_cell_line            ? 
_entity_src_gen.pdbx_host_org_atcc                 ? 
_entity_src_gen.pdbx_host_org_culture_collection   ? 
_entity_src_gen.pdbx_host_org_cell                 ? 
_entity_src_gen.pdbx_host_org_organelle            ? 
_entity_src_gen.pdbx_host_org_cellular_location    ? 
_entity_src_gen.pdbx_host_org_vector_type          ? 
_entity_src_gen.pdbx_host_org_vector               ? 
_entity_src_gen.host_org_details                   ? 
_entity_src_gen.expression_system_id               ? 
_entity_src_gen.plasmid_name                       ? 
_entity_src_gen.plasmid_details                    ? 
_entity_src_gen.pdbx_description                   ? 
# 
loop_
_chem_comp.id 
_chem_comp.type 
_chem_comp.mon_nstd_flag 
_chem_comp.name 
_chem_comp.pdbx_synonyms 
_chem_comp.formula 
_chem_comp.formula_weight 
ALA 'L-peptide linking' y ALANINE               ? 'C3 H7 N O2'     89.093  
ARG 'L-peptide linking' y ARGININE              ? 'C6 H15 N4 O2 1' 175.209 
ASN 'L-peptide linking' y ASPARAGINE            ? 'C4 H8 N2 O3'    132.118 
ASP 'L-peptide linking' y 'ASPARTIC ACID'       ? 'C4 H7 N O4'     133.103 
GLN 'L-peptide linking' y GLUTAMINE             ? 'C5 H10 N2 O3'   146.144 
GLU 'L-peptide linking' y 'GLUTAMIC ACID'       ? 'C5 H9 N O4'     147.129 
GLY 'peptide linking'   y GLYCINE               ? 'C2 H5 N O2'     75.067  
HIS 'L-peptide linking' y HISTIDINE             ? 'C6 H10 N3 O2 1' 156.162 
HOH non-polymer         . WATER                 ? 'H2 O'           18.015  
ILE 'L-peptide linking' y ISOLEUCINE            ? 'C6 H13 N O2'    131.173 
LEU 'L-peptide linking' y LEUCINE               ? 'C6 H13 N O2'    131.173 
LYS 'L-peptide linking' y LYSINE                ? 'C6 H15 N2 O2 1' 147.195 
MET 'L-peptide linking' y METHIONINE            ? 'C5 H11 N O2 S'  149.211 
MSE 'L-peptide linking' n SELENOMETHIONINE      ? 'C5 H11 N O2 Se' 196.106 
PHE 'L-peptide linking' y PHENYLALANINE         ? 'C9 H11 N O2'    165.189 
PRO 'L-peptide linking' y PROLINE               ? 'C5 H9 N O2'     115.130 
SER 'L-peptide linking' y SERINE                ? 'C3 H7 N O3'     105.093 
THR 'L-peptide linking' y THREONINE             ? 'C4 H9 N O3'     119.119 
TRP 'L-peptide linking' y TRYPTOPHAN            ? 'C11 H12 N2 O2'  204.225 
TYR 'L-peptide linking' y TYROSINE              ? 'C9 H11 N O3'    181.189 
UNX non-polymer         . 'UNKNOWN ATOM OR ION' ? ?                ?       
VAL 'L-peptide linking' y VALINE                ? 'C5 H11 N O2'    117.146 
# 
loop_
_pdbx_poly_seq_scheme.asym_id 
_pdbx_poly_seq_scheme.entity_id 
_pdbx_poly_seq_scheme.seq_id 
_pdbx_poly_seq_scheme.mon_id 
_pdbx_poly_seq_scheme.ndb_seq_num 
_pdbx_poly_seq_scheme.pdb_seq_num 
_pdbx_poly_seq_scheme.auth_seq_num 
_pdbx_poly_seq_scheme.pdb_mon_id 
_pdbx_poly_seq_scheme.auth_mon_id 
_pdbx_poly_seq_scheme.pdb_strand_id 
_pdbx_poly_seq_scheme.pdb_ins_code 
_pdbx_poly_seq_scheme.hetero 
A 1 1   ALA 1   -7  ?   ?   ?   A . n 
A 1 2   HIS 2   -6  ?   ?   ?   A . n 
A 1 3   HIS 3   -5  ?   ?   ?   A . n 
A 1 4   HIS 4   -4  ?   ?   ?   A . n 
A 1 5   HIS 5   -3  ?   ?   ?   A . n 
A 1 6   HIS 6   -2  ?   ?   ?   A . n 
A 1 7   HIS 7   -1  ?   ?   ?   A . n 
A 1 8   GLY 8   0   ?   ?   ?   A . n 
A 1 9   SER 9   1   ?   ?   ?   A . n 
A 1 10  MSE 10  2   2   MSE MSE A . n 
A 1 11  LEU 11  3   3   LEU LEU A . n 
A 1 12  LYS 12  4   4   LYS LYS A . n 
A 1 13  GLU 13  5   5   GLU GLU A . n 
A 1 14  VAL 14  6   6   VAL VAL A . n 
A 1 15  HIS 15  7   7   HIS HIS A . n 
A 1 16  GLU 16  8   8   GLU GLU A . n 
A 1 17  LEU 17  9   9   LEU LEU A . n 
A 1 18  LEU 18  10  10  LEU LEU A . n 
A 1 19  ASN 19  11  11  ASN ASN A . n 
A 1 20  ARG 20  12  12  ARG ARG A . n 
A 1 21  ILE 21  13  13  ILE ILE A . n 
A 1 22  TRP 22  14  14  TRP TRP A . n 
A 1 23  GLY 23  15  15  GLY GLY A . n 
A 1 24  ASP 24  16  16  ASP ASP A . n 
A 1 25  ILE 25  17  17  ILE ILE A . n 
A 1 26  PHE 26  18  18  PHE PHE A . n 
A 1 27  GLU 27  19  19  GLU GLU A . n 
A 1 28  LEU 28  20  20  LEU LEU A . n 
A 1 29  ARG 29  21  21  ARG ARG A . n 
A 1 30  GLU 30  22  22  GLU GLU A . n 
A 1 31  GLU 31  23  23  GLU GLU A . n 
A 1 32  LEU 32  24  24  LEU LEU A . n 
A 1 33  LYS 33  25  25  LYS LYS A . n 
A 1 34  GLU 34  26  26  GLU GLU A . n 
A 1 35  GLU 35  27  27  GLU GLU A . n 
A 1 36  LEU 36  28  28  LEU LEU A . n 
A 1 37  LYS 37  29  29  LYS LYS A . n 
A 1 38  GLY 38  30  30  GLY GLY A . n 
A 1 39  PHE 39  31  31  PHE PHE A . n 
A 1 40  THR 40  32  32  THR THR A . n 
A 1 41  VAL 41  33  33  VAL VAL A . n 
A 1 42  GLU 42  34  34  GLU GLU A . n 
A 1 43  GLU 43  35  35  GLU GLU A . n 
A 1 44  VAL 44  36  36  VAL VAL A . n 
A 1 45  SER 45  37  37  SER SER A . n 
A 1 46  GLU 46  38  38  GLU GLU A . n 
A 1 47  VAL 47  39  39  VAL VAL A . n 
A 1 48  PHE 48  40  40  PHE PHE A . n 
A 1 49  ASN 49  41  41  ASN ASN A . n 
A 1 50  ALA 50  42  42  ALA ALA A . n 
A 1 51  TYR 51  43  43  TYR TYR A . n 
A 1 52  LEU 52  44  44  LEU LEU A . n 
A 1 53  TYR 53  45  45  TYR TYR A . n 
A 1 54  ILE 54  46  46  ILE ILE A . n 
A 1 55  ASP 55  47  47  ASP ASP A . n 
A 1 56  GLY 56  48  48  GLY GLY A . n 
A 1 57  LYS 57  49  49  LYS LYS A . n 
A 1 58  TRP 58  50  50  TRP TRP A . n 
A 1 59  GLU 59  51  51  GLU GLU A . n 
A 1 60  GLU 60  52  52  GLU GLU A . n 
A 1 61  MSE 61  53  53  MSE MSE A . n 
A 1 62  LYS 62  54  54  LYS LYS A . n 
A 1 63  TYR 63  55  55  TYR TYR A . n 
A 1 64  PRO 64  56  56  PRO PRO A . n 
A 1 65  HIS 65  57  57  HIS HIS A . n 
A 1 66  PRO 66  58  58  PRO PRO A . n 
A 1 67  ALA 67  59  59  ALA ALA A . n 
A 1 68  PHE 68  60  60  PHE PHE A . n 
A 1 69  ALA 69  61  61  ALA ALA A . n 
A 1 70  VAL 70  62  62  VAL VAL A . n 
A 1 71  LYS 71  63  63  LYS LYS A . n 
A 1 72  PRO 72  64  64  PRO PRO A . n 
A 1 73  GLY 73  65  65  GLY GLY A . n 
A 1 74  GLY 74  66  66  GLY GLY A . n 
A 1 75  GLU 75  67  67  GLU GLU A . n 
A 1 76  VAL 76  68  68  VAL VAL A . n 
A 1 77  GLY 77  69  69  GLY GLY A . n 
A 1 78  ALA 78  70  70  ALA ALA A . n 
A 1 79  THR 79  71  71  THR THR A . n 
A 1 80  PRO 80  72  72  PRO PRO A . n 
A 1 81  GLN 81  73  73  GLN GLN A . n 
A 1 82  GLY 82  74  74  GLY GLY A . n 
A 1 83  PHE 83  75  75  PHE PHE A . n 
A 1 84  TYR 84  76  76  TYR TYR A . n 
A 1 85  PHE 85  77  77  PHE PHE A . n 
A 1 86  VAL 86  78  78  VAL VAL A . n 
A 1 87  PHE 87  79  79  PHE PHE A . n 
A 1 88  ALA 88  80  80  ALA ALA A . n 
A 1 89  PHE 89  81  81  PHE PHE A . n 
A 1 90  PRO 90  82  82  PRO PRO A . n 
A 1 91  LYS 91  83  83  LYS LYS A . n 
A 1 92  GLU 92  84  84  GLU GLU A . n 
A 1 93  GLU 93  85  85  GLU GLU A . n 
A 1 94  LEU 94  86  86  LEU LEU A . n 
A 1 95  SER 95  87  87  SER SER A . n 
A 1 96  LYS 96  88  88  LYS LYS A . n 
A 1 97  GLU 97  89  89  GLU GLU A . n 
A 1 98  PHE 98  90  90  PHE PHE A . n 
A 1 99  ILE 99  91  91  ILE ILE A . n 
A 1 100 GLU 100 92  92  GLU GLU A . n 
A 1 101 ASP 101 93  93  ASP ASP A . n 
A 1 102 VAL 102 94  94  VAL VAL A . n 
A 1 103 ILE 103 95  95  ILE ILE A . n 
A 1 104 ARG 104 96  96  ARG ARG A . n 
A 1 105 ALA 105 97  97  ALA ALA A . n 
A 1 106 PHE 106 98  98  PHE PHE A . n 
A 1 107 GLU 107 99  99  GLU GLU A . n 
A 1 108 LYS 108 100 100 LYS LYS A . n 
A 1 109 LEU 109 101 101 LEU LEU A . n 
A 1 110 PHE 110 102 102 PHE PHE A . n 
A 1 111 ILE 111 103 103 ILE ILE A . n 
A 1 112 TYR 112 104 104 TYR TYR A . n 
A 1 113 GLY 113 105 105 GLY GLY A . n 
A 1 114 ALA 114 106 106 ALA ALA A . n 
A 1 115 GLU 115 107 107 GLU GLU A . n 
A 1 116 ASN 116 108 108 ASN ASN A . n 
A 1 117 PHE 117 109 109 PHE PHE A . n 
A 1 118 LEU 118 110 110 LEU LEU A . n 
A 1 119 GLU 119 111 111 GLU GLU A . n 
A 1 120 ASP 120 112 112 ASP ASP A . n 
A 1 121 PHE 121 113 113 PHE PHE A . n 
A 1 122 TYR 122 114 114 TYR TYR A . n 
A 1 123 ASN 123 115 115 ASN ASN A . n 
A 1 124 PHE 124 116 116 PHE PHE A . n 
A 1 125 GLU 125 117 117 GLU GLU A . n 
A 1 126 HIS 126 118 118 HIS HIS A . n 
A 1 127 PRO 127 119 119 PRO PRO A . n 
A 1 128 ILE 128 120 120 ILE ILE A . n 
A 1 129 SER 129 121 121 SER SER A . n 
A 1 130 GLY 130 122 122 GLY GLY A . n 
A 1 131 ASP 131 123 123 ASP ASP A . n 
A 1 132 GLU 132 124 124 GLU GLU A . n 
A 1 133 VAL 133 125 125 VAL VAL A . n 
A 1 134 TRP 134 126 126 TRP TRP A . n 
A 1 135 ASP 135 127 127 ASP ASP A . n 
A 1 136 ARG 136 128 128 ARG ARG A . n 
A 1 137 ILE 137 129 129 ILE ILE A . n 
A 1 138 VAL 138 130 130 VAL VAL A . n 
A 1 139 ASN 139 131 131 ASN ASN A . n 
A 1 140 SER 140 132 132 SER SER A . n 
A 1 141 ASP 141 133 133 ASP ASP A . n 
A 1 142 GLU 142 134 134 GLU GLU A . n 
A 1 143 GLU 143 135 135 GLU GLU A . n 
A 1 144 MSE 144 136 136 MSE MSE A . n 
A 1 145 ILE 145 137 137 ILE ILE A . n 
A 1 146 ASN 146 138 138 ASN ASN A . n 
A 1 147 PHE 147 139 139 PHE PHE A . n 
A 1 148 GLU 148 140 140 GLU GLU A . n 
A 1 149 VAL 149 141 141 VAL VAL A . n 
A 1 150 ASP 150 142 142 ASP ASP A . n 
A 1 151 LEU 151 143 143 LEU LEU A . n 
A 1 152 GLY 152 144 144 GLY GLY A . n 
A 1 153 PHE 153 145 145 PHE PHE A . n 
A 1 154 ASP 154 146 146 ASP ASP A . n 
A 1 155 LYS 155 147 147 LYS LYS A . n 
A 1 156 GLU 156 148 148 GLU GLU A . n 
A 1 157 GLU 157 149 149 GLU GLU A . n 
A 1 158 VAL 158 150 150 VAL VAL A . n 
A 1 159 LYS 159 151 151 LYS LYS A . n 
A 1 160 ARG 160 152 152 ARG ARG A . n 
A 1 161 GLU 161 153 153 GLU GLU A . n 
A 1 162 ILE 162 154 154 ILE ILE A . n 
A 1 163 LYS 163 155 155 LYS LYS A . n 
A 1 164 ARG 164 156 156 ARG ARG A . n 
A 1 165 PHE 165 157 157 PHE PHE A . n 
A 1 166 ILE 166 158 158 ILE ILE A . n 
A 1 167 GLU 167 159 159 GLU GLU A . n 
A 1 168 LEU 168 160 160 LEU LEU A . n 
A 1 169 ALA 169 161 161 ALA ALA A . n 
A 1 170 ARG 170 162 162 ARG ARG A . n 
A 1 171 ARG 171 163 163 ARG ARG A . n 
A 1 172 TYR 172 164 164 TYR TYR A . n 
A 1 173 ASN 173 165 165 ASN ASN A . n 
A 1 174 LEU 174 166 166 LEU LEU A . n 
A 1 175 LEU 175 167 167 LEU LEU A . n 
# 
loop_
_pdbx_nonpoly_scheme.asym_id 
_pdbx_nonpoly_scheme.entity_id 
_pdbx_nonpoly_scheme.mon_id 
_pdbx_nonpoly_scheme.ndb_seq_num 
_pdbx_nonpoly_scheme.pdb_seq_num 
_pdbx_nonpoly_scheme.auth_seq_num 
_pdbx_nonpoly_scheme.pdb_mon_id 
_pdbx_nonpoly_scheme.auth_mon_id 
_pdbx_nonpoly_scheme.pdb_strand_id 
_pdbx_nonpoly_scheme.pdb_ins_code 
B 2 UNX 1   401 401 UNX UNX A . 
C 3 HOH 1   201 201 HOH HOH A . 
C 3 HOH 2   202 202 HOH HOH A . 
C 3 HOH 3   203 203 HOH HOH A . 
C 3 HOH 4   204 204 HOH HOH A . 
C 3 HOH 5   205 205 HOH HOH A . 
C 3 HOH 6   206 206 HOH HOH A . 
C 3 HOH 7   207 207 HOH HOH A . 
C 3 HOH 8   208 208 HOH HOH A . 
C 3 HOH 9   209 209 HOH HOH A . 
C 3 HOH 10  210 210 HOH HOH A . 
C 3 HOH 11  211 211 HOH HOH A . 
C 3 HOH 12  212 212 HOH HOH A . 
C 3 HOH 13  213 213 HOH HOH A . 
C 3 HOH 14  214 214 HOH HOH A . 
C 3 HOH 15  215 215 HOH HOH A . 
C 3 HOH 16  216 216 HOH HOH A . 
C 3 HOH 17  217 217 HOH HOH A . 
C 3 HOH 18  218 218 HOH HOH A . 
C 3 HOH 19  219 219 HOH HOH A . 
C 3 HOH 20  220 220 HOH HOH A . 
C 3 HOH 21  221 221 HOH HOH A . 
C 3 HOH 22  222 222 HOH HOH A . 
C 3 HOH 23  223 223 HOH HOH A . 
C 3 HOH 24  224 224 HOH HOH A . 
C 3 HOH 25  225 225 HOH HOH A . 
C 3 HOH 26  226 226 HOH HOH A . 
C 3 HOH 27  227 227 HOH HOH A . 
C 3 HOH 28  228 228 HOH HOH A . 
C 3 HOH 29  229 229 HOH HOH A . 
C 3 HOH 30  230 230 HOH HOH A . 
C 3 HOH 31  231 231 HOH HOH A . 
C 3 HOH 32  232 232 HOH HOH A . 
C 3 HOH 33  233 233 HOH HOH A . 
C 3 HOH 34  234 234 HOH HOH A . 
C 3 HOH 35  235 235 HOH HOH A . 
C 3 HOH 36  236 236 HOH HOH A . 
C 3 HOH 37  237 237 HOH HOH A . 
C 3 HOH 38  238 238 HOH HOH A . 
C 3 HOH 39  239 239 HOH HOH A . 
C 3 HOH 40  240 240 HOH HOH A . 
C 3 HOH 41  241 241 HOH HOH A . 
C 3 HOH 42  242 242 HOH HOH A . 
C 3 HOH 43  243 243 HOH HOH A . 
C 3 HOH 44  244 244 HOH HOH A . 
C 3 HOH 45  245 245 HOH HOH A . 
C 3 HOH 46  246 246 HOH HOH A . 
C 3 HOH 47  247 247 HOH HOH A . 
C 3 HOH 48  248 248 HOH HOH A . 
C 3 HOH 49  249 249 HOH HOH A . 
C 3 HOH 50  250 250 HOH HOH A . 
C 3 HOH 51  251 251 HOH HOH A . 
C 3 HOH 52  252 252 HOH HOH A . 
C 3 HOH 53  253 253 HOH HOH A . 
C 3 HOH 54  254 254 HOH HOH A . 
C 3 HOH 55  255 255 HOH HOH A . 
C 3 HOH 56  256 256 HOH HOH A . 
C 3 HOH 57  257 257 HOH HOH A . 
C 3 HOH 58  258 258 HOH HOH A . 
C 3 HOH 59  259 259 HOH HOH A . 
C 3 HOH 60  260 260 HOH HOH A . 
C 3 HOH 61  261 261 HOH HOH A . 
C 3 HOH 62  262 262 HOH HOH A . 
C 3 HOH 63  263 263 HOH HOH A . 
C 3 HOH 64  264 264 HOH HOH A . 
C 3 HOH 65  265 265 HOH HOH A . 
C 3 HOH 66  266 266 HOH HOH A . 
C 3 HOH 67  267 267 HOH HOH A . 
C 3 HOH 68  268 268 HOH HOH A . 
C 3 HOH 69  269 269 HOH HOH A . 
C 3 HOH 70  270 270 HOH HOH A . 
C 3 HOH 71  271 271 HOH HOH A . 
C 3 HOH 72  272 272 HOH HOH A . 
C 3 HOH 73  273 273 HOH HOH A . 
C 3 HOH 74  274 274 HOH HOH A . 
C 3 HOH 75  275 275 HOH HOH A . 
C 3 HOH 76  276 276 HOH HOH A . 
C 3 HOH 77  277 277 HOH HOH A . 
C 3 HOH 78  278 278 HOH HOH A . 
C 3 HOH 79  279 279 HOH HOH A . 
C 3 HOH 80  280 280 HOH HOH A . 
C 3 HOH 81  281 281 HOH HOH A . 
C 3 HOH 82  282 282 HOH HOH A . 
C 3 HOH 83  283 283 HOH HOH A . 
C 3 HOH 84  284 284 HOH HOH A . 
C 3 HOH 85  285 285 HOH HOH A . 
C 3 HOH 86  286 286 HOH HOH A . 
C 3 HOH 87  287 287 HOH HOH A . 
C 3 HOH 88  288 288 HOH HOH A . 
C 3 HOH 89  289 289 HOH HOH A . 
C 3 HOH 90  290 290 HOH HOH A . 
C 3 HOH 91  291 291 HOH HOH A . 
C 3 HOH 92  292 292 HOH HOH A . 
C 3 HOH 93  293 293 HOH HOH A . 
C 3 HOH 94  294 294 HOH HOH A . 
C 3 HOH 95  295 295 HOH HOH A . 
C 3 HOH 96  296 296 HOH HOH A . 
C 3 HOH 97  297 297 HOH HOH A . 
C 3 HOH 98  298 298 HOH HOH A . 
C 3 HOH 99  299 299 HOH HOH A . 
C 3 HOH 100 300 300 HOH HOH A . 
C 3 HOH 101 301 301 HOH HOH A . 
C 3 HOH 102 302 302 HOH HOH A . 
# 
loop_
_pdbx_unobs_or_zero_occ_atoms.id 
_pdbx_unobs_or_zero_occ_atoms.PDB_model_num 
_pdbx_unobs_or_zero_occ_atoms.polymer_flag 
_pdbx_unobs_or_zero_occ_atoms.occupancy_flag 
_pdbx_unobs_or_zero_occ_atoms.auth_asym_id 
_pdbx_unobs_or_zero_occ_atoms.auth_comp_id 
_pdbx_unobs_or_zero_occ_atoms.auth_seq_id 
_pdbx_unobs_or_zero_occ_atoms.PDB_ins_code 
_pdbx_unobs_or_zero_occ_atoms.auth_atom_id 
_pdbx_unobs_or_zero_occ_atoms.label_alt_id 
_pdbx_unobs_or_zero_occ_atoms.label_asym_id 
_pdbx_unobs_or_zero_occ_atoms.label_comp_id 
_pdbx_unobs_or_zero_occ_atoms.label_seq_id 
_pdbx_unobs_or_zero_occ_atoms.label_atom_id 
1  1 Y 1 A LYS 4  ? CD  ? A LYS 12  CD  
2  1 Y 1 A LYS 4  ? CE  ? A LYS 12  CE  
3  1 Y 1 A LYS 4  ? NZ  ? A LYS 12  NZ  
4  1 Y 1 A GLU 5  ? CG  ? A GLU 13  CG  
5  1 Y 1 A GLU 5  ? CD  ? A GLU 13  CD  
6  1 Y 1 A GLU 5  ? OE1 ? A GLU 13  OE1 
7  1 Y 1 A GLU 5  ? OE2 ? A GLU 13  OE2 
8  1 Y 1 A LYS 49 ? CD  ? A LYS 57  CD  
9  1 Y 1 A LYS 49 ? CE  ? A LYS 57  CE  
10 1 Y 1 A LYS 49 ? NZ  ? A LYS 57  NZ  
11 1 Y 1 A ARG 96 ? NE  ? A ARG 104 NE  
12 1 Y 1 A ARG 96 ? CZ  ? A ARG 104 CZ  
13 1 Y 1 A ARG 96 ? NH1 ? A ARG 104 NH1 
14 1 Y 1 A ARG 96 ? NH2 ? A ARG 104 NH2 
# 
loop_
_software.name 
_software.version 
_software.date 
_software.type 
_software.contact_author 
_software.contact_author_email 
_software.classification 
_software.location 
_software.language 
_software.citation_id 
_software.pdbx_ordinal 
DENZO       .               ?           package 'Zbyszek Otwinowski' zbyszek@mix.swmed.edu    'data reduction'  
http://www.lnls.br/infra/linhasluz/denzo-hkl.htm ?       ? 1 
SCALEPACK   .               ?           package 'Zbyszek Otwinowski' zbyszek@mix.swmed.edu    'data scaling'    
http://www.lnls.br/infra/linhasluz/denzo-hkl.htm ?       ? 2 
SOLVE       2.06            28-Dec-2003 program 'Tom Terwilliger'    terwilliger@LANL.gov     phasing           
http://www.solve.lanl.gov/                       ?       ? 3 
RESOLVE     2.06            28-Dec-2003 program 'Terwilliger, T. C'  terwilliger@LANL.gov     phasing           
http://www.solve.lanl.gov/                       ?       ? 4 
REFMAC      refmac_5.2.0005 24/04/2001  program 'Murshudov, G.N.'    ccp4@dl.ac.uk            refinement        
http://www.ccp4.ac.uk/main.html                  Fortran ? 5 
PDB_EXTRACT 1.0             02/20/2004  program H.Yang               sw-help@rcsb.rutgers.edu 'data extraction' 
http://pdb.rutgers.edu/software/                 C/C++   ? 6 
MAR345      .               ?           ?       ?                    ?                        'data collection' ? ?       ? 7 
ISAS        .               ?           ?       ?                    ?                        phasing           ? ?       ? 8 
ARP/wARP    .               ?           ?       ?                    ?                        'model building'  ? ?       ? 9 
# 
_cell.length_a           109.134 
_cell.length_b           44.388 
_cell.length_c           55.326 
_cell.angle_alpha        90.00 
_cell.angle_beta         118.82 
_cell.angle_gamma        90.00 
_cell.entry_id           1YB3 
_cell.pdbx_unique_axis   ? 
_cell.Z_PDB              4 
# 
_symmetry.space_group_name_H-M             'C 1 2 1' 
_symmetry.Int_Tables_number                5 
_symmetry.entry_id                         1YB3 
_symmetry.pdbx_full_space_group_name_H-M   ? 
_symmetry.cell_setting                     ? 
_symmetry.space_group_name_Hall            ? 
# 
_exptl.crystals_number   1 
_exptl.method            'X-RAY DIFFRACTION' 
_exptl.entry_id          1YB3 
# 
_exptl_crystal.id                    1 
_exptl_crystal.density_meas          ? 
_exptl_crystal.density_percent_sol   55.96 
_exptl_crystal.density_Matthews      2.79 
_exptl_crystal.description           ? 
_exptl_crystal.F_000                 ? 
_exptl_crystal.preparation           ? 
# 
_exptl_crystal_grow.crystal_id      1 
_exptl_crystal_grow.method          'modified microbatch' 
_exptl_crystal_grow.pH              3.6 
_exptl_crystal_grow.temp            291 
_exptl_crystal_grow.pdbx_details    
'12% w/v PEG 4000, 0.2M sodium chloride, 0.2M magnesium chloride, 0.1M sodium citrate, pH 3.6, modified microbatch, temperature 291K' 
_exptl_crystal_grow.temp_details    ? 
_exptl_crystal_grow.pdbx_pH_range   . 
# 
_diffrn.id                     1 
_diffrn.ambient_temp           100 
_diffrn.ambient_temp_details   ? 
_diffrn.crystal_id             1 
# 
_diffrn_detector.diffrn_id              1 
_diffrn_detector.detector               CCD 
_diffrn_detector.type                   'MARMOSAIC 300 mm CCD' 
_diffrn_detector.pdbx_collection_date   ? 
_diffrn_detector.details                ? 
# 
_diffrn_radiation.diffrn_id                        1 
_diffrn_radiation.pdbx_diffrn_protocol             'SINGLE WAVELENGTH' 
_diffrn_radiation.monochromator                    ? 
_diffrn_radiation.wavelength_id                    1 
_diffrn_radiation.pdbx_monochromatic_or_laue_m_l   M 
_diffrn_radiation.pdbx_scattering_type             x-ray 
# 
_diffrn_radiation_wavelength.id           1 
_diffrn_radiation_wavelength.wavelength   0.9795 
_diffrn_radiation_wavelength.wt           1.0 
# 
_diffrn_source.diffrn_id                   1 
_diffrn_source.source                      SYNCHROTRON 
_diffrn_source.type                        'APS BEAMLINE 22-ID' 
_diffrn_source.pdbx_wavelength_list        0.9795 
_diffrn_source.pdbx_wavelength             ? 
_diffrn_source.pdbx_synchrotron_site       APS 
_diffrn_source.pdbx_synchrotron_beamline   22-ID 
# 
_reflns.d_resolution_low             50.00 
_reflns.d_resolution_high            1.60 
_reflns.number_obs                   26254 
_reflns.percent_possible_obs         84.800 
_reflns.pdbx_Rmerge_I_obs            0.052 
_reflns.pdbx_chi_squared             1.337 
_reflns.entry_id                     1YB3 
_reflns.observed_criterion_sigma_F   ? 
_reflns.observed_criterion_sigma_I   ? 
_reflns.number_all                   ? 
_reflns.pdbx_Rsym_value              ? 
_reflns.pdbx_netI_over_sigmaI        ? 
_reflns.B_iso_Wilson_estimate        ? 
_reflns.pdbx_redundancy              ? 
_reflns.R_free_details               ? 
_reflns.limit_h_max                  ? 
_reflns.limit_h_min                  ? 
_reflns.limit_k_max                  ? 
_reflns.limit_k_min                  ? 
_reflns.limit_l_max                  ? 
_reflns.limit_l_min                  ? 
_reflns.observed_criterion_F_max     ? 
_reflns.observed_criterion_F_min     ? 
_reflns.pdbx_scaling_rejects         ? 
_reflns.pdbx_ordinal                 1 
_reflns.pdbx_diffrn_id               1 
# 
loop_
_reflns_shell.d_res_low 
_reflns_shell.d_res_high 
_reflns_shell.number_measured_all 
_reflns_shell.percent_possible_all 
_reflns_shell.Rmerge_I_obs 
_reflns_shell.pdbx_chi_squared 
_reflns_shell.number_unique_all 
_reflns_shell.meanI_over_sigI_obs 
_reflns_shell.pdbx_Rsym_value 
_reflns_shell.percent_possible_obs 
_reflns_shell.pdbx_redundancy 
_reflns_shell.number_measured_obs 
_reflns_shell.number_unique_obs 
_reflns_shell.pdbx_ordinal 
_reflns_shell.pdbx_diffrn_id 
1.66  1.60 1066 34.600 0.218 1.013 ? ? ? ? ? ? ? 1  1 
1.72  1.66 1595 51.600 0.2   1.132 ? ? ? ? ? ? ? 2  1 
1.80  1.72 2356 77.300 0.195 0.915 ? ? ? ? ? ? ? 3  1 
1.90  1.80 2925 95.000 0.165 1.026 ? ? ? ? ? ? ? 4  1 
2.02  1.90 3022 97.600 0.128 1.157 ? ? ? ? ? ? ? 5  1 
2.17  2.02 3007 97.900 0.085 1.308 ? ? ? ? ? ? ? 6  1 
2.39  2.17 3031 98.000 0.067 1.500 ? ? ? ? ? ? ? 7  1 
2.74  2.39 3049 98.300 0.058 1.540 ? ? ? ? ? ? ? 8  1 
3.45  2.74 3074 98.400 0.049 1.822 ? ? ? ? ? ? ? 9  1 
50.00 3.45 3129 98.200 0.042 1.231 ? ? ? ? ? ? ? 10 1 
# 
_refine.details                                  'HYDROGENS HAVE BEEN ADDED IN THE RIDING POSITIONS' 
_refine.B_iso_mean                               26.965 
_refine.aniso_B[1][1]                            -1.491 
_refine.aniso_B[2][2]                            0.988 
_refine.aniso_B[3][3]                            0.359 
_refine.aniso_B[1][2]                            0.000 
_refine.aniso_B[1][3]                            -0.150 
_refine.aniso_B[2][3]                            0.000 
_refine.solvent_model_details                    'MASK BULK SOLVENT' 
_refine.pdbx_solvent_vdw_probe_radii             1.200 
_refine.pdbx_solvent_ion_probe_radii             0.800 
_refine.ls_d_res_high                            1.6 
_refine.ls_d_res_low                             48.450 
_refine.ls_number_reflns_R_free                  1312 
_refine.ls_number_reflns_obs                     26254 
_refine.ls_R_factor_R_work                       0.2039 
_refine.ls_R_factor_R_free                       0.2291 
_refine.ls_R_factor_all                          0.205 
_refine.ls_wR_factor_R_work                      0.217 
_refine.ls_wR_factor_R_free                      0.245 
_refine.ls_percent_reflns_obs                    84.792 
_refine.ls_percent_reflns_R_free                 4.997 
_refine.correlation_coeff_Fo_to_Fc               0.957 
_refine.correlation_coeff_Fo_to_Fc_free          0.943 
_refine.pdbx_overall_ESU_R                       0.100 
_refine.pdbx_overall_ESU_R_Free                  0.097 
_refine.pdbx_ls_cross_valid_method               THROUGHOUT 
_refine.pdbx_R_Free_selection_details            RANDOM 
_refine.overall_SU_R_Cruickshank_DPI             0.100 
_refine.overall_SU_ML                            0.060 
_refine.overall_SU_B                             1.663 
_refine.pdbx_solvent_shrinkage_radii             0.800 
_refine.entry_id                                 1YB3 
_refine.pdbx_ls_sigma_F                          ? 
_refine.pdbx_ls_sigma_I                          ? 
_refine.ls_number_reflns_all                     ? 
_refine.ls_R_factor_obs                          0.20521 
_refine.ls_redundancy_reflns_obs                 ? 
_refine.pdbx_data_cutoff_high_absF               ? 
_refine.pdbx_data_cutoff_low_absF                ? 
_refine.ls_number_parameters                     ? 
_refine.ls_number_restraints                     ? 
_refine.ls_R_factor_R_free_error                 ? 
_refine.ls_R_factor_R_free_error_details         ? 
_refine.pdbx_method_to_determine_struct          SAS 
_refine.pdbx_starting_model                      ? 
_refine.pdbx_stereochem_target_val_spec_case     ? 
_refine.pdbx_stereochemistry_target_values       ? 
_refine.solvent_model_param_bsol                 ? 
_refine.solvent_model_param_ksol                 ? 
_refine.occupancy_max                            ? 
_refine.occupancy_min                            ? 
_refine.pdbx_isotropic_thermal_model             ? 
_refine.B_iso_min                                ? 
_refine.B_iso_max                                ? 
_refine.overall_SU_R_free                        ? 
_refine.pdbx_data_cutoff_high_rms_absF           ? 
_refine.overall_FOM_free_R_set                   ? 
_refine.overall_FOM_work_R_set                   ? 
_refine.pdbx_refine_id                           'X-RAY DIFFRACTION' 
_refine.pdbx_diffrn_id                           1 
_refine.pdbx_TLS_residual_ADP_flag               ? 
_refine.pdbx_overall_phase_error                 ? 
_refine.pdbx_overall_SU_R_free_Cruickshank_DPI   ? 
_refine.pdbx_overall_SU_R_Blow_DPI               ? 
_refine.pdbx_overall_SU_R_free_Blow_DPI          ? 
# 
_refine_hist.pdbx_refine_id                   'X-RAY DIFFRACTION' 
_refine_hist.cycle_id                         LAST 
_refine_hist.pdbx_number_atoms_protein        1392 
_refine_hist.pdbx_number_atoms_nucleic_acid   0 
_refine_hist.pdbx_number_atoms_ligand         1 
_refine_hist.number_atoms_solvent             102 
_refine_hist.number_atoms_total               1495 
_refine_hist.d_res_high                       1.6 
_refine_hist.d_res_low                        48.450 
# 
loop_
_refine_ls_restr.type 
_refine_ls_restr.number 
_refine_ls_restr.dev_ideal 
_refine_ls_restr.dev_ideal_target 
_refine_ls_restr.weight 
_refine_ls_restr.pdbx_refine_id 
_refine_ls_restr.pdbx_restraint_function 
r_bond_refined_d         1461 0.012  0.022  ? 'X-RAY DIFFRACTION' ? 
r_angle_refined_deg      1974 1.151  1.954  ? 'X-RAY DIFFRACTION' ? 
r_dihedral_angle_1_deg   165  5.310  5.000  ? 'X-RAY DIFFRACTION' ? 
r_dihedral_angle_2_deg   88   27.983 25.000 ? 'X-RAY DIFFRACTION' ? 
r_dihedral_angle_3_deg   258  12.034 15.000 ? 'X-RAY DIFFRACTION' ? 
r_dihedral_angle_4_deg   7    17.644 15.000 ? 'X-RAY DIFFRACTION' ? 
r_chiral_restr           202  0.087  0.200  ? 'X-RAY DIFFRACTION' ? 
r_gen_planes_refined     1150 0.005  0.020  ? 'X-RAY DIFFRACTION' ? 
r_nbd_refined            642  0.194  0.200  ? 'X-RAY DIFFRACTION' ? 
r_nbtor_refined          1009 0.309  0.200  ? 'X-RAY DIFFRACTION' ? 
r_xyhbond_nbd_refined    76   0.098  0.200  ? 'X-RAY DIFFRACTION' ? 
r_symmetry_vdw_refined   44   0.212  0.200  ? 'X-RAY DIFFRACTION' ? 
r_symmetry_hbond_refined 7    0.118  0.200  ? 'X-RAY DIFFRACTION' ? 
r_mcbond_it              873  2.373  2.000  ? 'X-RAY DIFFRACTION' ? 
r_mcangle_it             1352 3.040  3.000  ? 'X-RAY DIFFRACTION' ? 
r_scbond_it              690  2.437  2.000  ? 'X-RAY DIFFRACTION' ? 
r_scangle_it             622  3.637  3.000  ? 'X-RAY DIFFRACTION' ? 
# 
loop_
_refine_ls_shell.pdbx_total_number_of_bins_used 
_refine_ls_shell.d_res_low 
_refine_ls_shell.d_res_high 
_refine_ls_shell.number_reflns_all 
_refine_ls_shell.percent_reflns_obs 
_refine_ls_shell.number_reflns_R_work 
_refine_ls_shell.R_factor_R_work 
_refine_ls_shell.number_reflns_R_free 
_refine_ls_shell.R_factor_R_free 
_refine_ls_shell.number_reflns_obs 
_refine_ls_shell.R_factor_R_free_error 
_refine_ls_shell.percent_reflns_R_free 
_refine_ls_shell.redundancy_reflns_obs 
_refine_ls_shell.pdbx_refine_id 
_refine_ls_shell.R_factor_all 
20 1.639  1.6   2276 33.260 718  0.282 39 0.324 . . . . 'X-RAY DIFFRACTION' . 
20 1.684  1.639 2209 43.187 910  0.283 44 0.326 . . . . 'X-RAY DIFFRACTION' . 
20 1.733  1.684 2167 59.160 1223 0.286 59 0.308 . . . . 'X-RAY DIFFRACTION' . 
20 1.786  1.733 2089 77.262 1536 0.272 78 0.337 . . . . 'X-RAY DIFFRACTION' . 
20 1.845  1.786 2027 91.909 1774 0.257 89 0.29  . . . . 'X-RAY DIFFRACTION' . 
20 1.909  1.845 1957 96.934 1811 0.222 86 0.284 . . . . 'X-RAY DIFFRACTION' . 
20 1.981  1.909 1888 97.511 1746 0.216 95 0.231 . . . . 'X-RAY DIFFRACTION' . 
20 2.062  1.981 1832 97.653 1703 0.201 86 0.27  . . . . 'X-RAY DIFFRACTION' . 
20 2.154  2.062 1761 97.899 1632 0.196 92 0.218 . . . . 'X-RAY DIFFRACTION' . 
20 2.259  2.154 1677 98.151 1555 0.196 91 0.245 . . . . 'X-RAY DIFFRACTION' . 
20 2.380  2.259 1601 98.064 1498 0.202 72 0.237 . . . . 'X-RAY DIFFRACTION' . 
20 2.524  2.380 1503 98.204 1407 0.212 69 0.236 . . . . 'X-RAY DIFFRACTION' . 
20 2.698  2.524 1427 98.248 1335 0.223 67 0.264 . . . . 'X-RAY DIFFRACTION' . 
20 2.914  2.698 1331 98.272 1236 0.22  72 0.227 . . . . 'X-RAY DIFFRACTION' . 
20 3.191  2.914 1234 98.622 1150 0.205 67 0.216 . . . . 'X-RAY DIFFRACTION' . 
20 3.565  3.191 1101 98.638 1038 0.191 48 0.205 . . . . 'X-RAY DIFFRACTION' . 
20 4.113  3.565 992  98.286 921  0.181 54 0.185 . . . . 'X-RAY DIFFRACTION' . 
20 5.028  4.113 848  98.349 786  0.156 48 0.174 . . . . 'X-RAY DIFFRACTION' . 
20 7.073  5.028 656  99.695 620  0.207 34 0.263 . . . . 'X-RAY DIFFRACTION' . 
20 48.450 7.073 387  94.315 343  0.217 22 0.24  . . . . 'X-RAY DIFFRACTION' . 
# 
_struct.entry_id                  1YB3 
_struct.title                     'Conserved hypothetical protein Pfu-178653-001 from Pyrococcus furiosus' 
_struct.pdbx_model_details        ? 
_struct.pdbx_CASP_flag            ? 
_struct.pdbx_model_type_details   ? 
# 
_struct_keywords.text            
;Structural Genomics, Protein Structure Initiative, PSI, conserved hypothetical protein, Pyrococcus furiosus, hyperthermophile, SECSG, The Southeast Collaboratory for Structural Genomics, UNKNOWN FUNCTION
;
_struct_keywords.entry_id        1YB3 
_struct_keywords.pdbx_keywords   'STRUCTURAL GENOMICS, UNKNOWN FUNCTION' 
# 
loop_
_struct_asym.id 
_struct_asym.pdbx_blank_PDB_chainid_flag 
_struct_asym.pdbx_modified 
_struct_asym.entity_id 
_struct_asym.details 
A N N 1 ? 
B N N 2 ? 
C N N 3 ? 
# 
_struct_ref.id                         1 
_struct_ref.db_name                    UNP 
_struct_ref.db_code                    Q8U4C0_PYRFU 
_struct_ref.pdbx_db_accession          Q8U4C0 
_struct_ref.entity_id                  1 
_struct_ref.pdbx_seq_one_letter_code   
;MLKEVHELLNRIWGDIFELREELKEELKGFTVEEVSEVFNAYLYIDGKWEEMKYPHPAFAVKPGGEVGATPQGFYFVFAF
PKEELSKEFIEDVIRAFEKLFIYGAENFLEDFYNFEHPISGDEVWDRIVNSDEEMINFEVDLGFDKEEVKREIKRFIELA
RRYNLL
;
_struct_ref.pdbx_align_begin           2 
_struct_ref.pdbx_db_isoform            ? 
# 
_struct_ref_seq.align_id                      1 
_struct_ref_seq.ref_id                        1 
_struct_ref_seq.pdbx_PDB_id_code              1YB3 
_struct_ref_seq.pdbx_strand_id                A 
_struct_ref_seq.seq_align_beg                 10 
_struct_ref_seq.pdbx_seq_align_beg_ins_code   ? 
_struct_ref_seq.seq_align_end                 175 
_struct_ref_seq.pdbx_seq_align_end_ins_code   ? 
_struct_ref_seq.pdbx_db_accession             Q8U4C0 
_struct_ref_seq.db_align_beg                  2 
_struct_ref_seq.pdbx_db_align_beg_ins_code    ? 
_struct_ref_seq.db_align_end                  167 
_struct_ref_seq.pdbx_db_align_end_ins_code    ? 
_struct_ref_seq.pdbx_auth_seq_align_beg       2 
_struct_ref_seq.pdbx_auth_seq_align_end       167 
# 
loop_
_struct_ref_seq_dif.align_id 
_struct_ref_seq_dif.pdbx_pdb_id_code 
_struct_ref_seq_dif.mon_id 
_struct_ref_seq_dif.pdbx_pdb_strand_id 
_struct_ref_seq_dif.seq_num 
_struct_ref_seq_dif.pdbx_pdb_ins_code 
_struct_ref_seq_dif.pdbx_seq_db_name 
_struct_ref_seq_dif.pdbx_seq_db_accession_code 
_struct_ref_seq_dif.db_mon_id 
_struct_ref_seq_dif.pdbx_seq_db_seq_num 
_struct_ref_seq_dif.details 
_struct_ref_seq_dif.pdbx_auth_seq_num 
_struct_ref_seq_dif.pdbx_ordinal 
1 1YB3 ALA A 1   ? UNP Q8U4C0 ?   ?   'cloning artifact' -7  1  
1 1YB3 HIS A 2   ? UNP Q8U4C0 ?   ?   'cloning artifact' -6  2  
1 1YB3 HIS A 3   ? UNP Q8U4C0 ?   ?   'cloning artifact' -5  3  
1 1YB3 HIS A 4   ? UNP Q8U4C0 ?   ?   'cloning artifact' -4  4  
1 1YB3 HIS A 5   ? UNP Q8U4C0 ?   ?   'cloning artifact' -3  5  
1 1YB3 HIS A 6   ? UNP Q8U4C0 ?   ?   'cloning artifact' -2  6  
1 1YB3 HIS A 7   ? UNP Q8U4C0 ?   ?   'cloning artifact' -1  7  
1 1YB3 GLY A 8   ? UNP Q8U4C0 ?   ?   'cloning artifact' 0   8  
1 1YB3 SER A 9   ? UNP Q8U4C0 ?   ?   'cloning artifact' 1   9  
1 1YB3 MSE A 10  ? UNP Q8U4C0 MET 2   'modified residue' 2   10 
1 1YB3 MSE A 61  ? UNP Q8U4C0 MET 53  'modified residue' 53  11 
1 1YB3 MSE A 144 ? UNP Q8U4C0 MET 136 'modified residue' 136 12 
# 
loop_
_pdbx_struct_assembly.id 
_pdbx_struct_assembly.details 
_pdbx_struct_assembly.method_details 
_pdbx_struct_assembly.oligomeric_details 
_pdbx_struct_assembly.oligomeric_count 
1 author_defined_assembly   ?        monomeric 1 
2 software_defined_assembly PISA,PQS dimeric   2 
# 
loop_
_pdbx_struct_assembly_prop.biol_id 
_pdbx_struct_assembly_prop.type 
_pdbx_struct_assembly_prop.value 
_pdbx_struct_assembly_prop.details 
2 'ABSA (A^2)' 2170  ? 
2 MORE         -24   ? 
2 'SSA (A^2)'  15470 ? 
# 
loop_
_pdbx_struct_assembly_gen.assembly_id 
_pdbx_struct_assembly_gen.oper_expression 
_pdbx_struct_assembly_gen.asym_id_list 
1 1   A,B,C 
2 1,2 A,B,C 
# 
loop_
_pdbx_struct_oper_list.id 
_pdbx_struct_oper_list.type 
_pdbx_struct_oper_list.name 
_pdbx_struct_oper_list.symmetry_operation 
_pdbx_struct_oper_list.matrix[1][1] 
_pdbx_struct_oper_list.matrix[1][2] 
_pdbx_struct_oper_list.matrix[1][3] 
_pdbx_struct_oper_list.vector[1] 
_pdbx_struct_oper_list.matrix[2][1] 
_pdbx_struct_oper_list.matrix[2][2] 
_pdbx_struct_oper_list.matrix[2][3] 
_pdbx_struct_oper_list.vector[2] 
_pdbx_struct_oper_list.matrix[3][1] 
_pdbx_struct_oper_list.matrix[3][2] 
_pdbx_struct_oper_list.matrix[3][3] 
_pdbx_struct_oper_list.vector[3] 
1 'identity operation'         1_555 x,y,z     1.0000000000 0.0000000000  0.0000000000 0.0000000000  0.0000000000  1.0000000000  0.0000000000  0.0000000000  0.0000000000 0.0000000000  1.0000000000  0.0000000000   
2 'crystal symmetry operation' 2_655 -x+1,y,-z 0.6655642229 -0.7442869978 0.0553274805 13.2660460982 -0.7442869978 -0.6674021167 -0.0247240687 28.0021237035 0.0553274805 -0.0247240687 -0.9981621062 -22.6620689492 
# 
_struct_biol.id   1 
# 
loop_
_struct_conf.conf_type_id 
_struct_conf.id 
_struct_conf.pdbx_PDB_helix_id 
_struct_conf.beg_label_comp_id 
_struct_conf.beg_label_asym_id 
_struct_conf.beg_label_seq_id 
_struct_conf.pdbx_beg_PDB_ins_code 
_struct_conf.end_label_comp_id 
_struct_conf.end_label_asym_id 
_struct_conf.end_label_seq_id 
_struct_conf.pdbx_end_PDB_ins_code 
_struct_conf.beg_auth_comp_id 
_struct_conf.beg_auth_asym_id 
_struct_conf.beg_auth_seq_id 
_struct_conf.end_auth_comp_id 
_struct_conf.end_auth_asym_id 
_struct_conf.end_auth_seq_id 
_struct_conf.pdbx_PDB_helix_class 
_struct_conf.details 
_struct_conf.pdbx_PDB_helix_length 
HELX_P HELX_P1 1 MSE A 10  ? LEU A 36  ? MSE A 2   LEU A 28  1 ? 27 
HELX_P HELX_P2 2 GLU A 92  ? LEU A 94  ? GLU A 84  LEU A 86  5 ? 3  
HELX_P HELX_P3 3 SER A 95  ? PHE A 106 ? SER A 87  PHE A 98  1 ? 12 
HELX_P HELX_P4 4 SER A 129 ? ASN A 139 ? SER A 121 ASN A 131 1 ? 11 
HELX_P HELX_P5 5 ASP A 154 ? TYR A 172 ? ASP A 146 TYR A 164 1 ? 19 
# 
_struct_conf_type.id          HELX_P 
_struct_conf_type.criteria    ? 
_struct_conf_type.reference   ? 
# 
loop_
_struct_conn.id 
_struct_conn.conn_type_id 
_struct_conn.pdbx_leaving_atom_flag 
_struct_conn.pdbx_PDB_id 
_struct_conn.ptnr1_label_asym_id 
_struct_conn.ptnr1_label_comp_id 
_struct_conn.ptnr1_label_seq_id 
_struct_conn.ptnr1_label_atom_id 
_struct_conn.pdbx_ptnr1_label_alt_id 
_struct_conn.pdbx_ptnr1_PDB_ins_code 
_struct_conn.pdbx_ptnr1_standard_comp_id 
_struct_conn.ptnr1_symmetry 
_struct_conn.ptnr2_label_asym_id 
_struct_conn.ptnr2_label_comp_id 
_struct_conn.ptnr2_label_seq_id 
_struct_conn.ptnr2_label_atom_id 
_struct_conn.pdbx_ptnr2_label_alt_id 
_struct_conn.pdbx_ptnr2_PDB_ins_code 
_struct_conn.ptnr1_auth_asym_id 
_struct_conn.ptnr1_auth_comp_id 
_struct_conn.ptnr1_auth_seq_id 
_struct_conn.ptnr2_auth_asym_id 
_struct_conn.ptnr2_auth_comp_id 
_struct_conn.ptnr2_auth_seq_id 
_struct_conn.ptnr2_symmetry 
_struct_conn.pdbx_ptnr3_label_atom_id 
_struct_conn.pdbx_ptnr3_label_seq_id 
_struct_conn.pdbx_ptnr3_label_comp_id 
_struct_conn.pdbx_ptnr3_label_asym_id 
_struct_conn.pdbx_ptnr3_label_alt_id 
_struct_conn.pdbx_ptnr3_PDB_ins_code 
_struct_conn.details 
_struct_conn.pdbx_dist_value 
_struct_conn.pdbx_value_order 
_struct_conn.pdbx_role 
covale1 covale both ? A MSE 10  C ? ? ? 1_555 A LEU 11  N ? ? A MSE 2   A LEU 3   1_555 ? ? ? ? ? ? ? 1.335 ? ? 
covale2 covale both ? A GLU 60  C ? ? ? 1_555 A MSE 61  N ? ? A GLU 52  A MSE 53  1_555 ? ? ? ? ? ? ? 1.329 ? ? 
covale3 covale both ? A MSE 61  C ? ? ? 1_555 A LYS 62  N ? ? A MSE 53  A LYS 54  1_555 ? ? ? ? ? ? ? 1.337 ? ? 
covale4 covale both ? A GLU 143 C ? ? ? 1_555 A MSE 144 N ? ? A GLU 135 A MSE 136 1_555 ? ? ? ? ? ? ? 1.330 ? ? 
covale5 covale both ? A MSE 144 C ? ? ? 1_555 A ILE 145 N ? ? A MSE 136 A ILE 137 1_555 ? ? ? ? ? ? ? 1.334 ? ? 
# 
_struct_conn_type.id          covale 
_struct_conn_type.criteria    ? 
_struct_conn_type.reference   ? 
# 
loop_
_pdbx_modification_feature.ordinal 
_pdbx_modification_feature.label_comp_id 
_pdbx_modification_feature.label_asym_id 
_pdbx_modification_feature.label_seq_id 
_pdbx_modification_feature.label_alt_id 
_pdbx_modification_feature.modified_residue_label_comp_id 
_pdbx_modification_feature.modified_residue_label_asym_id 
_pdbx_modification_feature.modified_residue_label_seq_id 
_pdbx_modification_feature.modified_residue_label_alt_id 
_pdbx_modification_feature.auth_comp_id 
_pdbx_modification_feature.auth_asym_id 
_pdbx_modification_feature.auth_seq_id 
_pdbx_modification_feature.PDB_ins_code 
_pdbx_modification_feature.symmetry 
_pdbx_modification_feature.modified_residue_auth_comp_id 
_pdbx_modification_feature.modified_residue_auth_asym_id 
_pdbx_modification_feature.modified_residue_auth_seq_id 
_pdbx_modification_feature.modified_residue_PDB_ins_code 
_pdbx_modification_feature.modified_residue_symmetry 
_pdbx_modification_feature.comp_id_linking_atom 
_pdbx_modification_feature.modified_residue_id_linking_atom 
_pdbx_modification_feature.modified_residue_id 
_pdbx_modification_feature.ref_pcm_id 
_pdbx_modification_feature.ref_comp_id 
_pdbx_modification_feature.type 
_pdbx_modification_feature.category 
1 MSE A 10  ? . . . . MSE A 2   ? 1_555 . . . . . . . MET 1 MSE Selenomethionine 'Named protein modification' 
2 MSE A 61  ? . . . . MSE A 53  ? 1_555 . . . . . . . MET 1 MSE Selenomethionine 'Named protein modification' 
3 MSE A 144 ? . . . . MSE A 136 ? 1_555 . . . . . . . MET 1 MSE Selenomethionine 'Named protein modification' 
# 
_struct_mon_prot_cis.pdbx_id                1 
_struct_mon_prot_cis.label_comp_id          LYS 
_struct_mon_prot_cis.label_seq_id           71 
_struct_mon_prot_cis.label_asym_id          A 
_struct_mon_prot_cis.label_alt_id           . 
_struct_mon_prot_cis.pdbx_PDB_ins_code      ? 
_struct_mon_prot_cis.auth_comp_id           LYS 
_struct_mon_prot_cis.auth_seq_id            63 
_struct_mon_prot_cis.auth_asym_id           A 
_struct_mon_prot_cis.pdbx_label_comp_id_2   PRO 
_struct_mon_prot_cis.pdbx_label_seq_id_2    72 
_struct_mon_prot_cis.pdbx_label_asym_id_2   A 
_struct_mon_prot_cis.pdbx_PDB_ins_code_2    ? 
_struct_mon_prot_cis.pdbx_auth_comp_id_2    PRO 
_struct_mon_prot_cis.pdbx_auth_seq_id_2     64 
_struct_mon_prot_cis.pdbx_auth_asym_id_2    A 
_struct_mon_prot_cis.pdbx_PDB_model_num     1 
_struct_mon_prot_cis.pdbx_omega_angle       1.25 
# 
loop_
_struct_sheet.id 
_struct_sheet.type 
_struct_sheet.number_strands 
_struct_sheet.details 
A ? 3 ? 
B ? 7 ? 
C ? 2 ? 
# 
loop_
_struct_sheet_order.sheet_id 
_struct_sheet_order.range_id_1 
_struct_sheet_order.range_id_2 
_struct_sheet_order.offset 
_struct_sheet_order.sense 
A 1 2 ? anti-parallel 
A 2 3 ? anti-parallel 
B 1 2 ? anti-parallel 
B 2 3 ? anti-parallel 
B 3 4 ? anti-parallel 
B 4 5 ? anti-parallel 
B 5 6 ? anti-parallel 
B 6 7 ? anti-parallel 
C 1 2 ? anti-parallel 
# 
loop_
_struct_sheet_range.sheet_id 
_struct_sheet_range.id 
_struct_sheet_range.beg_label_comp_id 
_struct_sheet_range.beg_label_asym_id 
_struct_sheet_range.beg_label_seq_id 
_struct_sheet_range.pdbx_beg_PDB_ins_code 
_struct_sheet_range.end_label_comp_id 
_struct_sheet_range.end_label_asym_id 
_struct_sheet_range.end_label_seq_id 
_struct_sheet_range.pdbx_end_PDB_ins_code 
_struct_sheet_range.beg_auth_comp_id 
_struct_sheet_range.beg_auth_asym_id 
_struct_sheet_range.beg_auth_seq_id 
_struct_sheet_range.end_auth_comp_id 
_struct_sheet_range.end_auth_asym_id 
_struct_sheet_range.end_auth_seq_id 
A 1 THR A 40  ? VAL A 41  ? THR A 32  VAL A 33  
A 2 HIS A 65  ? LYS A 71  ? HIS A 57  LYS A 63  
A 3 SER A 45  ? VAL A 47  ? SER A 37  VAL A 39  
B 1 THR A 40  ? VAL A 41  ? THR A 32  VAL A 33  
B 2 HIS A 65  ? LYS A 71  ? HIS A 57  LYS A 63  
B 3 GLY A 74  ? THR A 79  ? GLY A 66  THR A 71  
B 4 GLY A 82  ? PRO A 90  ? GLY A 74  PRO A 82  
B 5 MSE A 144 ? ASP A 150 ? MSE A 136 ASP A 142 
B 6 LYS A 108 ? TYR A 112 ? LYS A 100 TYR A 104 
B 7 ASP A 120 ? ASN A 123 ? ASP A 112 ASN A 115 
C 1 TYR A 51  ? ILE A 54  ? TYR A 43  ILE A 46  
C 2 LYS A 57  ? GLU A 60  ? LYS A 49  GLU A 52  
# 
loop_
_pdbx_struct_sheet_hbond.sheet_id 
_pdbx_struct_sheet_hbond.range_id_1 
_pdbx_struct_sheet_hbond.range_id_2 
_pdbx_struct_sheet_hbond.range_1_label_atom_id 
_pdbx_struct_sheet_hbond.range_1_label_comp_id 
_pdbx_struct_sheet_hbond.range_1_label_asym_id 
_pdbx_struct_sheet_hbond.range_1_label_seq_id 
_pdbx_struct_sheet_hbond.range_1_PDB_ins_code 
_pdbx_struct_sheet_hbond.range_1_auth_atom_id 
_pdbx_struct_sheet_hbond.range_1_auth_comp_id 
_pdbx_struct_sheet_hbond.range_1_auth_asym_id 
_pdbx_struct_sheet_hbond.range_1_auth_seq_id 
_pdbx_struct_sheet_hbond.range_2_label_atom_id 
_pdbx_struct_sheet_hbond.range_2_label_comp_id 
_pdbx_struct_sheet_hbond.range_2_label_asym_id 
_pdbx_struct_sheet_hbond.range_2_label_seq_id 
_pdbx_struct_sheet_hbond.range_2_PDB_ins_code 
_pdbx_struct_sheet_hbond.range_2_auth_atom_id 
_pdbx_struct_sheet_hbond.range_2_auth_comp_id 
_pdbx_struct_sheet_hbond.range_2_auth_asym_id 
_pdbx_struct_sheet_hbond.range_2_auth_seq_id 
A 1 2 N THR A 40  ? N THR A 32  O LYS A 71  ? O LYS A 63  
A 2 3 O ALA A 67  ? O ALA A 59  N SER A 45  ? N SER A 37  
B 1 2 N THR A 40  ? N THR A 32  O LYS A 71  ? O LYS A 63  
B 2 3 N PHE A 68  ? N PHE A 60  O VAL A 76  ? O VAL A 68  
B 3 4 N GLY A 77  ? N GLY A 69  O TYR A 84  ? O TYR A 76  
B 4 5 N PHE A 89  ? N PHE A 81  O ILE A 145 ? O ILE A 137 
B 5 6 O ASN A 146 ? O ASN A 138 N TYR A 112 ? N TYR A 104 
B 6 7 N ILE A 111 ? N ILE A 103 O TYR A 122 ? O TYR A 114 
C 1 2 N ILE A 54  ? N ILE A 46  O LYS A 57  ? O LYS A 49  
# 
_struct_site.id                   AC1 
_struct_site.pdbx_evidence_code   Software 
_struct_site.pdbx_auth_asym_id    A 
_struct_site.pdbx_auth_comp_id    UNX 
_struct_site.pdbx_auth_seq_id     401 
_struct_site.pdbx_auth_ins_code   ? 
_struct_site.pdbx_num_residues    4 
_struct_site.details              'BINDING SITE FOR RESIDUE UNX A 401' 
# 
loop_
_struct_site_gen.id 
_struct_site_gen.site_id 
_struct_site_gen.pdbx_num_res 
_struct_site_gen.label_comp_id 
_struct_site_gen.label_asym_id 
_struct_site_gen.label_seq_id 
_struct_site_gen.pdbx_auth_ins_code 
_struct_site_gen.auth_comp_id 
_struct_site_gen.auth_asym_id 
_struct_site_gen.auth_seq_id 
_struct_site_gen.label_atom_id 
_struct_site_gen.label_alt_id 
_struct_site_gen.symmetry 
_struct_site_gen.details 
1 AC1 4 GLY A 38  ? GLY A 30  . ? 4_545 ? 
2 AC1 4 GLU A 107 ? GLU A 99  . ? 1_555 ? 
3 AC1 4 HOH C .   ? HOH A 209 . ? 1_555 ? 
4 AC1 4 HOH C .   ? HOH A 240 . ? 4_545 ? 
# 
_pdbx_entry_details.entry_id                   1YB3 
_pdbx_entry_details.compound_details           ? 
_pdbx_entry_details.source_details             ? 
_pdbx_entry_details.nonpolymer_details         ? 
_pdbx_entry_details.sequence_details           ? 
_pdbx_entry_details.has_ligand_of_interest     ? 
_pdbx_entry_details.has_protein_modification   Y 
# 
loop_
_pdbx_validate_torsion.id 
_pdbx_validate_torsion.PDB_model_num 
_pdbx_validate_torsion.auth_comp_id 
_pdbx_validate_torsion.auth_asym_id 
_pdbx_validate_torsion.auth_seq_id 
_pdbx_validate_torsion.PDB_ins_code 
_pdbx_validate_torsion.label_alt_id 
_pdbx_validate_torsion.phi 
_pdbx_validate_torsion.psi 
1 1 GLU A 111 ? ? -107.56 68.28 
2 1 PHE A 145 ? ? -97.78  44.94 
# 
_pdbx_SG_project.project_name          'PSI, Protein Structure Initiative' 
_pdbx_SG_project.full_name_of_center   'Southeast Collaboratory for Structural Genomics' 
_pdbx_SG_project.initial_of_center     SECSG 
_pdbx_SG_project.id                    1 
# 
loop_
_pdbx_struct_mod_residue.id 
_pdbx_struct_mod_residue.label_asym_id 
_pdbx_struct_mod_residue.label_comp_id 
_pdbx_struct_mod_residue.label_seq_id 
_pdbx_struct_mod_residue.auth_asym_id 
_pdbx_struct_mod_residue.auth_comp_id 
_pdbx_struct_mod_residue.auth_seq_id 
_pdbx_struct_mod_residue.PDB_ins_code 
_pdbx_struct_mod_residue.parent_comp_id 
_pdbx_struct_mod_residue.details 
1 A MSE 10  A MSE 2   ? MET SELENOMETHIONINE 
2 A MSE 61  A MSE 53  ? MET SELENOMETHIONINE 
3 A MSE 144 A MSE 136 ? MET SELENOMETHIONINE 
# 
loop_
_pdbx_phasing_MAD_shell.d_res_low 
_pdbx_phasing_MAD_shell.d_res_high 
_pdbx_phasing_MAD_shell.reflns 
_pdbx_phasing_MAD_shell.fom 
20.000 8.22 470  0.42 
8.22   5.33 764  0.44 
5.33   4.21 968  0.40 
4.21   3.59 1125 0.44 
3.59   3.18 1254 0.45 
3.18   2.88 1367 0.41 
2.88   2.66 1487 0.38 
2.66   2.48 1574 0.28 
# 
_phasing.method   sad 
# 
_phasing_MAD.entry_id          1YB3 
_phasing_MAD.pdbx_d_res_high   2.400 
_phasing_MAD.pdbx_d_res_low    20.000 
_phasing_MAD.pdbx_reflns       9009 
_phasing_MAD.pdbx_fom          0.39 
# 
_pdbx_database_remark.id     300 
_pdbx_database_remark.text   
;BIOMOLECULE
THIS ENTRY CONTAINS THE CRYSTALLOGRAPHIC ASYMMETRIC UNIT
WHICH CONSISTS OF 1 CHAIN. THE BIOLOGICAL UNIT IS UNKNOWN.
;
# 
loop_
_pdbx_unobs_or_zero_occ_residues.id 
_pdbx_unobs_or_zero_occ_residues.PDB_model_num 
_pdbx_unobs_or_zero_occ_residues.polymer_flag 
_pdbx_unobs_or_zero_occ_residues.occupancy_flag 
_pdbx_unobs_or_zero_occ_residues.auth_asym_id 
_pdbx_unobs_or_zero_occ_residues.auth_comp_id 
_pdbx_unobs_or_zero_occ_residues.auth_seq_id 
_pdbx_unobs_or_zero_occ_residues.PDB_ins_code 
_pdbx_unobs_or_zero_occ_residues.label_asym_id 
_pdbx_unobs_or_zero_occ_residues.label_comp_id 
_pdbx_unobs_or_zero_occ_residues.label_seq_id 
1 1 Y 1 A ALA -7 ? A ALA 1 
2 1 Y 1 A HIS -6 ? A HIS 2 
3 1 Y 1 A HIS -5 ? A HIS 3 
4 1 Y 1 A HIS -4 ? A HIS 4 
5 1 Y 1 A HIS -3 ? A HIS 5 
6 1 Y 1 A HIS -2 ? A HIS 6 
7 1 Y 1 A HIS -1 ? A HIS 7 
8 1 Y 1 A GLY 0  ? A GLY 8 
9 1 Y 1 A SER 1  ? A SER 9 
# 
loop_
_chem_comp_atom.comp_id 
_chem_comp_atom.atom_id 
_chem_comp_atom.type_symbol 
_chem_comp_atom.pdbx_aromatic_flag 
_chem_comp_atom.pdbx_stereo_config 
_chem_comp_atom.pdbx_ordinal 
ALA N    N  N N 1   
ALA CA   C  N S 2   
ALA C    C  N N 3   
ALA O    O  N N 4   
ALA CB   C  N N 5   
ALA OXT  O  N N 6   
ALA H    H  N N 7   
ALA H2   H  N N 8   
ALA HA   H  N N 9   
ALA HB1  H  N N 10  
ALA HB2  H  N N 11  
ALA HB3  H  N N 12  
ALA HXT  H  N N 13  
ARG N    N  N N 14  
ARG CA   C  N S 15  
ARG C    C  N N 16  
ARG O    O  N N 17  
ARG CB   C  N N 18  
ARG CG   C  N N 19  
ARG CD   C  N N 20  
ARG NE   N  N N 21  
ARG CZ   C  N N 22  
ARG NH1  N  N N 23  
ARG NH2  N  N N 24  
ARG OXT  O  N N 25  
ARG H    H  N N 26  
ARG H2   H  N N 27  
ARG HA   H  N N 28  
ARG HB2  H  N N 29  
ARG HB3  H  N N 30  
ARG HG2  H  N N 31  
ARG HG3  H  N N 32  
ARG HD2  H  N N 33  
ARG HD3  H  N N 34  
ARG HE   H  N N 35  
ARG HH11 H  N N 36  
ARG HH12 H  N N 37  
ARG HH21 H  N N 38  
ARG HH22 H  N N 39  
ARG HXT  H  N N 40  
ASN N    N  N N 41  
ASN CA   C  N S 42  
ASN C    C  N N 43  
ASN O    O  N N 44  
ASN CB   C  N N 45  
ASN CG   C  N N 46  
ASN OD1  O  N N 47  
ASN ND2  N  N N 48  
ASN OXT  O  N N 49  
ASN H    H  N N 50  
ASN H2   H  N N 51  
ASN HA   H  N N 52  
ASN HB2  H  N N 53  
ASN HB3  H  N N 54  
ASN HD21 H  N N 55  
ASN HD22 H  N N 56  
ASN HXT  H  N N 57  
ASP N    N  N N 58  
ASP CA   C  N S 59  
ASP C    C  N N 60  
ASP O    O  N N 61  
ASP CB   C  N N 62  
ASP CG   C  N N 63  
ASP OD1  O  N N 64  
ASP OD2  O  N N 65  
ASP OXT  O  N N 66  
ASP H    H  N N 67  
ASP H2   H  N N 68  
ASP HA   H  N N 69  
ASP HB2  H  N N 70  
ASP HB3  H  N N 71  
ASP HD2  H  N N 72  
ASP HXT  H  N N 73  
GLN N    N  N N 74  
GLN CA   C  N S 75  
GLN C    C  N N 76  
GLN O    O  N N 77  
GLN CB   C  N N 78  
GLN CG   C  N N 79  
GLN CD   C  N N 80  
GLN OE1  O  N N 81  
GLN NE2  N  N N 82  
GLN OXT  O  N N 83  
GLN H    H  N N 84  
GLN H2   H  N N 85  
GLN HA   H  N N 86  
GLN HB2  H  N N 87  
GLN HB3  H  N N 88  
GLN HG2  H  N N 89  
GLN HG3  H  N N 90  
GLN HE21 H  N N 91  
GLN HE22 H  N N 92  
GLN HXT  H  N N 93  
GLU N    N  N N 94  
GLU CA   C  N S 95  
GLU C    C  N N 96  
GLU O    O  N N 97  
GLU CB   C  N N 98  
GLU CG   C  N N 99  
GLU CD   C  N N 100 
GLU OE1  O  N N 101 
GLU OE2  O  N N 102 
GLU OXT  O  N N 103 
GLU H    H  N N 104 
GLU H2   H  N N 105 
GLU HA   H  N N 106 
GLU HB2  H  N N 107 
GLU HB3  H  N N 108 
GLU HG2  H  N N 109 
GLU HG3  H  N N 110 
GLU HE2  H  N N 111 
GLU HXT  H  N N 112 
GLY N    N  N N 113 
GLY CA   C  N N 114 
GLY C    C  N N 115 
GLY O    O  N N 116 
GLY OXT  O  N N 117 
GLY H    H  N N 118 
GLY H2   H  N N 119 
GLY HA2  H  N N 120 
GLY HA3  H  N N 121 
GLY HXT  H  N N 122 
HIS N    N  N N 123 
HIS CA   C  N S 124 
HIS C    C  N N 125 
HIS O    O  N N 126 
HIS CB   C  N N 127 
HIS CG   C  Y N 128 
HIS ND1  N  Y N 129 
HIS CD2  C  Y N 130 
HIS CE1  C  Y N 131 
HIS NE2  N  Y N 132 
HIS OXT  O  N N 133 
HIS H    H  N N 134 
HIS H2   H  N N 135 
HIS HA   H  N N 136 
HIS HB2  H  N N 137 
HIS HB3  H  N N 138 
HIS HD1  H  N N 139 
HIS HD2  H  N N 140 
HIS HE1  H  N N 141 
HIS HE2  H  N N 142 
HIS HXT  H  N N 143 
HOH O    O  N N 144 
HOH H1   H  N N 145 
HOH H2   H  N N 146 
ILE N    N  N N 147 
ILE CA   C  N S 148 
ILE C    C  N N 149 
ILE O    O  N N 150 
ILE CB   C  N S 151 
ILE CG1  C  N N 152 
ILE CG2  C  N N 153 
ILE CD1  C  N N 154 
ILE OXT  O  N N 155 
ILE H    H  N N 156 
ILE H2   H  N N 157 
ILE HA   H  N N 158 
ILE HB   H  N N 159 
ILE HG12 H  N N 160 
ILE HG13 H  N N 161 
ILE HG21 H  N N 162 
ILE HG22 H  N N 163 
ILE HG23 H  N N 164 
ILE HD11 H  N N 165 
ILE HD12 H  N N 166 
ILE HD13 H  N N 167 
ILE HXT  H  N N 168 
LEU N    N  N N 169 
LEU CA   C  N S 170 
LEU C    C  N N 171 
LEU O    O  N N 172 
LEU CB   C  N N 173 
LEU CG   C  N N 174 
LEU CD1  C  N N 175 
LEU CD2  C  N N 176 
LEU OXT  O  N N 177 
LEU H    H  N N 178 
LEU H2   H  N N 179 
LEU HA   H  N N 180 
LEU HB2  H  N N 181 
LEU HB3  H  N N 182 
LEU HG   H  N N 183 
LEU HD11 H  N N 184 
LEU HD12 H  N N 185 
LEU HD13 H  N N 186 
LEU HD21 H  N N 187 
LEU HD22 H  N N 188 
LEU HD23 H  N N 189 
LEU HXT  H  N N 190 
LYS N    N  N N 191 
LYS CA   C  N S 192 
LYS C    C  N N 193 
LYS O    O  N N 194 
LYS CB   C  N N 195 
LYS CG   C  N N 196 
LYS CD   C  N N 197 
LYS CE   C  N N 198 
LYS NZ   N  N N 199 
LYS OXT  O  N N 200 
LYS H    H  N N 201 
LYS H2   H  N N 202 
LYS HA   H  N N 203 
LYS HB2  H  N N 204 
LYS HB3  H  N N 205 
LYS HG2  H  N N 206 
LYS HG3  H  N N 207 
LYS HD2  H  N N 208 
LYS HD3  H  N N 209 
LYS HE2  H  N N 210 
LYS HE3  H  N N 211 
LYS HZ1  H  N N 212 
LYS HZ2  H  N N 213 
LYS HZ3  H  N N 214 
LYS HXT  H  N N 215 
MET N    N  N N 216 
MET CA   C  N S 217 
MET C    C  N N 218 
MET O    O  N N 219 
MET CB   C  N N 220 
MET CG   C  N N 221 
MET SD   S  N N 222 
MET CE   C  N N 223 
MET OXT  O  N N 224 
MET H    H  N N 225 
MET H2   H  N N 226 
MET HA   H  N N 227 
MET HB2  H  N N 228 
MET HB3  H  N N 229 
MET HG2  H  N N 230 
MET HG3  H  N N 231 
MET HE1  H  N N 232 
MET HE2  H  N N 233 
MET HE3  H  N N 234 
MET HXT  H  N N 235 
MSE N    N  N N 236 
MSE CA   C  N S 237 
MSE C    C  N N 238 
MSE O    O  N N 239 
MSE OXT  O  N N 240 
MSE CB   C  N N 241 
MSE CG   C  N N 242 
MSE SE   SE N N 243 
MSE CE   C  N N 244 
MSE H    H  N N 245 
MSE H2   H  N N 246 
MSE HA   H  N N 247 
MSE HXT  H  N N 248 
MSE HB2  H  N N 249 
MSE HB3  H  N N 250 
MSE HG2  H  N N 251 
MSE HG3  H  N N 252 
MSE HE1  H  N N 253 
MSE HE2  H  N N 254 
MSE HE3  H  N N 255 
PHE N    N  N N 256 
PHE CA   C  N S 257 
PHE C    C  N N 258 
PHE O    O  N N 259 
PHE CB   C  N N 260 
PHE CG   C  Y N 261 
PHE CD1  C  Y N 262 
PHE CD2  C  Y N 263 
PHE CE1  C  Y N 264 
PHE CE2  C  Y N 265 
PHE CZ   C  Y N 266 
PHE OXT  O  N N 267 
PHE H    H  N N 268 
PHE H2   H  N N 269 
PHE HA   H  N N 270 
PHE HB2  H  N N 271 
PHE HB3  H  N N 272 
PHE HD1  H  N N 273 
PHE HD2  H  N N 274 
PHE HE1  H  N N 275 
PHE HE2  H  N N 276 
PHE HZ   H  N N 277 
PHE HXT  H  N N 278 
PRO N    N  N N 279 
PRO CA   C  N S 280 
PRO C    C  N N 281 
PRO O    O  N N 282 
PRO CB   C  N N 283 
PRO CG   C  N N 284 
PRO CD   C  N N 285 
PRO OXT  O  N N 286 
PRO H    H  N N 287 
PRO HA   H  N N 288 
PRO HB2  H  N N 289 
PRO HB3  H  N N 290 
PRO HG2  H  N N 291 
PRO HG3  H  N N 292 
PRO HD2  H  N N 293 
PRO HD3  H  N N 294 
PRO HXT  H  N N 295 
SER N    N  N N 296 
SER CA   C  N S 297 
SER C    C  N N 298 
SER O    O  N N 299 
SER CB   C  N N 300 
SER OG   O  N N 301 
SER OXT  O  N N 302 
SER H    H  N N 303 
SER H2   H  N N 304 
SER HA   H  N N 305 
SER HB2  H  N N 306 
SER HB3  H  N N 307 
SER HG   H  N N 308 
SER HXT  H  N N 309 
THR N    N  N N 310 
THR CA   C  N S 311 
THR C    C  N N 312 
THR O    O  N N 313 
THR CB   C  N R 314 
THR OG1  O  N N 315 
THR CG2  C  N N 316 
THR OXT  O  N N 317 
THR H    H  N N 318 
THR H2   H  N N 319 
THR HA   H  N N 320 
THR HB   H  N N 321 
THR HG1  H  N N 322 
THR HG21 H  N N 323 
THR HG22 H  N N 324 
THR HG23 H  N N 325 
THR HXT  H  N N 326 
TRP N    N  N N 327 
TRP CA   C  N S 328 
TRP C    C  N N 329 
TRP O    O  N N 330 
TRP CB   C  N N 331 
TRP CG   C  Y N 332 
TRP CD1  C  Y N 333 
TRP CD2  C  Y N 334 
TRP NE1  N  Y N 335 
TRP CE2  C  Y N 336 
TRP CE3  C  Y N 337 
TRP CZ2  C  Y N 338 
TRP CZ3  C  Y N 339 
TRP CH2  C  Y N 340 
TRP OXT  O  N N 341 
TRP H    H  N N 342 
TRP H2   H  N N 343 
TRP HA   H  N N 344 
TRP HB2  H  N N 345 
TRP HB3  H  N N 346 
TRP HD1  H  N N 347 
TRP HE1  H  N N 348 
TRP HE3  H  N N 349 
TRP HZ2  H  N N 350 
TRP HZ3  H  N N 351 
TRP HH2  H  N N 352 
TRP HXT  H  N N 353 
TYR N    N  N N 354 
TYR CA   C  N S 355 
TYR C    C  N N 356 
TYR O    O  N N 357 
TYR CB   C  N N 358 
TYR CG   C  Y N 359 
TYR CD1  C  Y N 360 
TYR CD2  C  Y N 361 
TYR CE1  C  Y N 362 
TYR CE2  C  Y N 363 
TYR CZ   C  Y N 364 
TYR OH   O  N N 365 
TYR OXT  O  N N 366 
TYR H    H  N N 367 
TYR H2   H  N N 368 
TYR HA   H  N N 369 
TYR HB2  H  N N 370 
TYR HB3  H  N N 371 
TYR HD1  H  N N 372 
TYR HD2  H  N N 373 
TYR HE1  H  N N 374 
TYR HE2  H  N N 375 
TYR HH   H  N N 376 
TYR HXT  H  N N 377 
VAL N    N  N N 378 
VAL CA   C  N S 379 
VAL C    C  N N 380 
VAL O    O  N N 381 
VAL CB   C  N N 382 
VAL CG1  C  N N 383 
VAL CG2  C  N N 384 
VAL OXT  O  N N 385 
VAL H    H  N N 386 
VAL H2   H  N N 387 
VAL HA   H  N N 388 
VAL HB   H  N N 389 
VAL HG11 H  N N 390 
VAL HG12 H  N N 391 
VAL HG13 H  N N 392 
VAL HG21 H  N N 393 
VAL HG22 H  N N 394 
VAL HG23 H  N N 395 
VAL HXT  H  N N 396 
# 
loop_
_chem_comp_bond.comp_id 
_chem_comp_bond.atom_id_1 
_chem_comp_bond.atom_id_2 
_chem_comp_bond.value_order 
_chem_comp_bond.pdbx_aromatic_flag 
_chem_comp_bond.pdbx_stereo_config 
_chem_comp_bond.pdbx_ordinal 
ALA N   CA   sing N N 1   
ALA N   H    sing N N 2   
ALA N   H2   sing N N 3   
ALA CA  C    sing N N 4   
ALA CA  CB   sing N N 5   
ALA CA  HA   sing N N 6   
ALA C   O    doub N N 7   
ALA C   OXT  sing N N 8   
ALA CB  HB1  sing N N 9   
ALA CB  HB2  sing N N 10  
ALA CB  HB3  sing N N 11  
ALA OXT HXT  sing N N 12  
ARG N   CA   sing N N 13  
ARG N   H    sing N N 14  
ARG N   H2   sing N N 15  
ARG CA  C    sing N N 16  
ARG CA  CB   sing N N 17  
ARG CA  HA   sing N N 18  
ARG C   O    doub N N 19  
ARG C   OXT  sing N N 20  
ARG CB  CG   sing N N 21  
ARG CB  HB2  sing N N 22  
ARG CB  HB3  sing N N 23  
ARG CG  CD   sing N N 24  
ARG CG  HG2  sing N N 25  
ARG CG  HG3  sing N N 26  
ARG CD  NE   sing N N 27  
ARG CD  HD2  sing N N 28  
ARG CD  HD3  sing N N 29  
ARG NE  CZ   sing N N 30  
ARG NE  HE   sing N N 31  
ARG CZ  NH1  sing N N 32  
ARG CZ  NH2  doub N N 33  
ARG NH1 HH11 sing N N 34  
ARG NH1 HH12 sing N N 35  
ARG NH2 HH21 sing N N 36  
ARG NH2 HH22 sing N N 37  
ARG OXT HXT  sing N N 38  
ASN N   CA   sing N N 39  
ASN N   H    sing N N 40  
ASN N   H2   sing N N 41  
ASN CA  C    sing N N 42  
ASN CA  CB   sing N N 43  
ASN CA  HA   sing N N 44  
ASN C   O    doub N N 45  
ASN C   OXT  sing N N 46  
ASN CB  CG   sing N N 47  
ASN CB  HB2  sing N N 48  
ASN CB  HB3  sing N N 49  
ASN CG  OD1  doub N N 50  
ASN CG  ND2  sing N N 51  
ASN ND2 HD21 sing N N 52  
ASN ND2 HD22 sing N N 53  
ASN OXT HXT  sing N N 54  
ASP N   CA   sing N N 55  
ASP N   H    sing N N 56  
ASP N   H2   sing N N 57  
ASP CA  C    sing N N 58  
ASP CA  CB   sing N N 59  
ASP CA  HA   sing N N 60  
ASP C   O    doub N N 61  
ASP C   OXT  sing N N 62  
ASP CB  CG   sing N N 63  
ASP CB  HB2  sing N N 64  
ASP CB  HB3  sing N N 65  
ASP CG  OD1  doub N N 66  
ASP CG  OD2  sing N N 67  
ASP OD2 HD2  sing N N 68  
ASP OXT HXT  sing N N 69  
GLN N   CA   sing N N 70  
GLN N   H    sing N N 71  
GLN N   H2   sing N N 72  
GLN CA  C    sing N N 73  
GLN CA  CB   sing N N 74  
GLN CA  HA   sing N N 75  
GLN C   O    doub N N 76  
GLN C   OXT  sing N N 77  
GLN CB  CG   sing N N 78  
GLN CB  HB2  sing N N 79  
GLN CB  HB3  sing N N 80  
GLN CG  CD   sing N N 81  
GLN CG  HG2  sing N N 82  
GLN CG  HG3  sing N N 83  
GLN CD  OE1  doub N N 84  
GLN CD  NE2  sing N N 85  
GLN NE2 HE21 sing N N 86  
GLN NE2 HE22 sing N N 87  
GLN OXT HXT  sing N N 88  
GLU N   CA   sing N N 89  
GLU N   H    sing N N 90  
GLU N   H2   sing N N 91  
GLU CA  C    sing N N 92  
GLU CA  CB   sing N N 93  
GLU CA  HA   sing N N 94  
GLU C   O    doub N N 95  
GLU C   OXT  sing N N 96  
GLU CB  CG   sing N N 97  
GLU CB  HB2  sing N N 98  
GLU CB  HB3  sing N N 99  
GLU CG  CD   sing N N 100 
GLU CG  HG2  sing N N 101 
GLU CG  HG3  sing N N 102 
GLU CD  OE1  doub N N 103 
GLU CD  OE2  sing N N 104 
GLU OE2 HE2  sing N N 105 
GLU OXT HXT  sing N N 106 
GLY N   CA   sing N N 107 
GLY N   H    sing N N 108 
GLY N   H2   sing N N 109 
GLY CA  C    sing N N 110 
GLY CA  HA2  sing N N 111 
GLY CA  HA3  sing N N 112 
GLY C   O    doub N N 113 
GLY C   OXT  sing N N 114 
GLY OXT HXT  sing N N 115 
HIS N   CA   sing N N 116 
HIS N   H    sing N N 117 
HIS N   H2   sing N N 118 
HIS CA  C    sing N N 119 
HIS CA  CB   sing N N 120 
HIS CA  HA   sing N N 121 
HIS C   O    doub N N 122 
HIS C   OXT  sing N N 123 
HIS CB  CG   sing N N 124 
HIS CB  HB2  sing N N 125 
HIS CB  HB3  sing N N 126 
HIS CG  ND1  sing Y N 127 
HIS CG  CD2  doub Y N 128 
HIS ND1 CE1  doub Y N 129 
HIS ND1 HD1  sing N N 130 
HIS CD2 NE2  sing Y N 131 
HIS CD2 HD2  sing N N 132 
HIS CE1 NE2  sing Y N 133 
HIS CE1 HE1  sing N N 134 
HIS NE2 HE2  sing N N 135 
HIS OXT HXT  sing N N 136 
HOH O   H1   sing N N 137 
HOH O   H2   sing N N 138 
ILE N   CA   sing N N 139 
ILE N   H    sing N N 140 
ILE N   H2   sing N N 141 
ILE CA  C    sing N N 142 
ILE CA  CB   sing N N 143 
ILE CA  HA   sing N N 144 
ILE C   O    doub N N 145 
ILE C   OXT  sing N N 146 
ILE CB  CG1  sing N N 147 
ILE CB  CG2  sing N N 148 
ILE CB  HB   sing N N 149 
ILE CG1 CD1  sing N N 150 
ILE CG1 HG12 sing N N 151 
ILE CG1 HG13 sing N N 152 
ILE CG2 HG21 sing N N 153 
ILE CG2 HG22 sing N N 154 
ILE CG2 HG23 sing N N 155 
ILE CD1 HD11 sing N N 156 
ILE CD1 HD12 sing N N 157 
ILE CD1 HD13 sing N N 158 
ILE OXT HXT  sing N N 159 
LEU N   CA   sing N N 160 
LEU N   H    sing N N 161 
LEU N   H2   sing N N 162 
LEU CA  C    sing N N 163 
LEU CA  CB   sing N N 164 
LEU CA  HA   sing N N 165 
LEU C   O    doub N N 166 
LEU C   OXT  sing N N 167 
LEU CB  CG   sing N N 168 
LEU CB  HB2  sing N N 169 
LEU CB  HB3  sing N N 170 
LEU CG  CD1  sing N N 171 
LEU CG  CD2  sing N N 172 
LEU CG  HG   sing N N 173 
LEU CD1 HD11 sing N N 174 
LEU CD1 HD12 sing N N 175 
LEU CD1 HD13 sing N N 176 
LEU CD2 HD21 sing N N 177 
LEU CD2 HD22 sing N N 178 
LEU CD2 HD23 sing N N 179 
LEU OXT HXT  sing N N 180 
LYS N   CA   sing N N 181 
LYS N   H    sing N N 182 
LYS N   H2   sing N N 183 
LYS CA  C    sing N N 184 
LYS CA  CB   sing N N 185 
LYS CA  HA   sing N N 186 
LYS C   O    doub N N 187 
LYS C   OXT  sing N N 188 
LYS CB  CG   sing N N 189 
LYS CB  HB2  sing N N 190 
LYS CB  HB3  sing N N 191 
LYS CG  CD   sing N N 192 
LYS CG  HG2  sing N N 193 
LYS CG  HG3  sing N N 194 
LYS CD  CE   sing N N 195 
LYS CD  HD2  sing N N 196 
LYS CD  HD3  sing N N 197 
LYS CE  NZ   sing N N 198 
LYS CE  HE2  sing N N 199 
LYS CE  HE3  sing N N 200 
LYS NZ  HZ1  sing N N 201 
LYS NZ  HZ2  sing N N 202 
LYS NZ  HZ3  sing N N 203 
LYS OXT HXT  sing N N 204 
MET N   CA   sing N N 205 
MET N   H    sing N N 206 
MET N   H2   sing N N 207 
MET CA  C    sing N N 208 
MET CA  CB   sing N N 209 
MET CA  HA   sing N N 210 
MET C   O    doub N N 211 
MET C   OXT  sing N N 212 
MET CB  CG   sing N N 213 
MET CB  HB2  sing N N 214 
MET CB  HB3  sing N N 215 
MET CG  SD   sing N N 216 
MET CG  HG2  sing N N 217 
MET CG  HG3  sing N N 218 
MET SD  CE   sing N N 219 
MET CE  HE1  sing N N 220 
MET CE  HE2  sing N N 221 
MET CE  HE3  sing N N 222 
MET OXT HXT  sing N N 223 
MSE N   CA   sing N N 224 
MSE N   H    sing N N 225 
MSE N   H2   sing N N 226 
MSE CA  C    sing N N 227 
MSE CA  CB   sing N N 228 
MSE CA  HA   sing N N 229 
MSE C   O    doub N N 230 
MSE C   OXT  sing N N 231 
MSE OXT HXT  sing N N 232 
MSE CB  CG   sing N N 233 
MSE CB  HB2  sing N N 234 
MSE CB  HB3  sing N N 235 
MSE CG  SE   sing N N 236 
MSE CG  HG2  sing N N 237 
MSE CG  HG3  sing N N 238 
MSE SE  CE   sing N N 239 
MSE CE  HE1  sing N N 240 
MSE CE  HE2  sing N N 241 
MSE CE  HE3  sing N N 242 
PHE N   CA   sing N N 243 
PHE N   H    sing N N 244 
PHE N   H2   sing N N 245 
PHE CA  C    sing N N 246 
PHE CA  CB   sing N N 247 
PHE CA  HA   sing N N 248 
PHE C   O    doub N N 249 
PHE C   OXT  sing N N 250 
PHE CB  CG   sing N N 251 
PHE CB  HB2  sing N N 252 
PHE CB  HB3  sing N N 253 
PHE CG  CD1  doub Y N 254 
PHE CG  CD2  sing Y N 255 
PHE CD1 CE1  sing Y N 256 
PHE CD1 HD1  sing N N 257 
PHE CD2 CE2  doub Y N 258 
PHE CD2 HD2  sing N N 259 
PHE CE1 CZ   doub Y N 260 
PHE CE1 HE1  sing N N 261 
PHE CE2 CZ   sing Y N 262 
PHE CE2 HE2  sing N N 263 
PHE CZ  HZ   sing N N 264 
PHE OXT HXT  sing N N 265 
PRO N   CA   sing N N 266 
PRO N   CD   sing N N 267 
PRO N   H    sing N N 268 
PRO CA  C    sing N N 269 
PRO CA  CB   sing N N 270 
PRO CA  HA   sing N N 271 
PRO C   O    doub N N 272 
PRO C   OXT  sing N N 273 
PRO CB  CG   sing N N 274 
PRO CB  HB2  sing N N 275 
PRO CB  HB3  sing N N 276 
PRO CG  CD   sing N N 277 
PRO CG  HG2  sing N N 278 
PRO CG  HG3  sing N N 279 
PRO CD  HD2  sing N N 280 
PRO CD  HD3  sing N N 281 
PRO OXT HXT  sing N N 282 
SER N   CA   sing N N 283 
SER N   H    sing N N 284 
SER N   H2   sing N N 285 
SER CA  C    sing N N 286 
SER CA  CB   sing N N 287 
SER CA  HA   sing N N 288 
SER C   O    doub N N 289 
SER C   OXT  sing N N 290 
SER CB  OG   sing N N 291 
SER CB  HB2  sing N N 292 
SER CB  HB3  sing N N 293 
SER OG  HG   sing N N 294 
SER OXT HXT  sing N N 295 
THR N   CA   sing N N 296 
THR N   H    sing N N 297 
THR N   H2   sing N N 298 
THR CA  C    sing N N 299 
THR CA  CB   sing N N 300 
THR CA  HA   sing N N 301 
THR C   O    doub N N 302 
THR C   OXT  sing N N 303 
THR CB  OG1  sing N N 304 
THR CB  CG2  sing N N 305 
THR CB  HB   sing N N 306 
THR OG1 HG1  sing N N 307 
THR CG2 HG21 sing N N 308 
THR CG2 HG22 sing N N 309 
THR CG2 HG23 sing N N 310 
THR OXT HXT  sing N N 311 
TRP N   CA   sing N N 312 
TRP N   H    sing N N 313 
TRP N   H2   sing N N 314 
TRP CA  C    sing N N 315 
TRP CA  CB   sing N N 316 
TRP CA  HA   sing N N 317 
TRP C   O    doub N N 318 
TRP C   OXT  sing N N 319 
TRP CB  CG   sing N N 320 
TRP CB  HB2  sing N N 321 
TRP CB  HB3  sing N N 322 
TRP CG  CD1  doub Y N 323 
TRP CG  CD2  sing Y N 324 
TRP CD1 NE1  sing Y N 325 
TRP CD1 HD1  sing N N 326 
TRP CD2 CE2  doub Y N 327 
TRP CD2 CE3  sing Y N 328 
TRP NE1 CE2  sing Y N 329 
TRP NE1 HE1  sing N N 330 
TRP CE2 CZ2  sing Y N 331 
TRP CE3 CZ3  doub Y N 332 
TRP CE3 HE3  sing N N 333 
TRP CZ2 CH2  doub Y N 334 
TRP CZ2 HZ2  sing N N 335 
TRP CZ3 CH2  sing Y N 336 
TRP CZ3 HZ3  sing N N 337 
TRP CH2 HH2  sing N N 338 
TRP OXT HXT  sing N N 339 
TYR N   CA   sing N N 340 
TYR N   H    sing N N 341 
TYR N   H2   sing N N 342 
TYR CA  C    sing N N 343 
TYR CA  CB   sing N N 344 
TYR CA  HA   sing N N 345 
TYR C   O    doub N N 346 
TYR C   OXT  sing N N 347 
TYR CB  CG   sing N N 348 
TYR CB  HB2  sing N N 349 
TYR CB  HB3  sing N N 350 
TYR CG  CD1  doub Y N 351 
TYR CG  CD2  sing Y N 352 
TYR CD1 CE1  sing Y N 353 
TYR CD1 HD1  sing N N 354 
TYR CD2 CE2  doub Y N 355 
TYR CD2 HD2  sing N N 356 
TYR CE1 CZ   doub Y N 357 
TYR CE1 HE1  sing N N 358 
TYR CE2 CZ   sing Y N 359 
TYR CE2 HE2  sing N N 360 
TYR CZ  OH   sing N N 361 
TYR OH  HH   sing N N 362 
TYR OXT HXT  sing N N 363 
VAL N   CA   sing N N 364 
VAL N   H    sing N N 365 
VAL N   H2   sing N N 366 
VAL CA  C    sing N N 367 
VAL CA  CB   sing N N 368 
VAL CA  HA   sing N N 369 
VAL C   O    doub N N 370 
VAL C   OXT  sing N N 371 
VAL CB  CG1  sing N N 372 
VAL CB  CG2  sing N N 373 
VAL CB  HB   sing N N 374 
VAL CG1 HG11 sing N N 375 
VAL CG1 HG12 sing N N 376 
VAL CG1 HG13 sing N N 377 
VAL CG2 HG21 sing N N 378 
VAL CG2 HG22 sing N N 379 
VAL CG2 HG23 sing N N 380 
VAL OXT HXT  sing N N 381 
# 
_atom_sites.entry_id                    1YB3 
_atom_sites.fract_transf_matrix[1][1]   0.00051144 
_atom_sites.fract_transf_matrix[1][2]   0.00036754 
_atom_sites.fract_transf_matrix[1][3]   -0.01045195 
_atom_sites.fract_transf_matrix[2][1]   0.02053280 
_atom_sites.fract_transf_matrix[2][2]   -0.00917545 
_atom_sites.fract_transf_matrix[2][3]   0.00068207 
_atom_sites.fract_transf_matrix[3][1]   -0.00686791 
_atom_sites.fract_transf_matrix[3][2]   -0.01616880 
_atom_sites.fract_transf_matrix[3][3]   -0.01075925 
_atom_sites.fract_transf_vector[1]      0.375047 
_atom_sites.fract_transf_vector[2]      0.577279 
_atom_sites.fract_transf_vector[3]      0.150022 
# 
loop_
_atom_type.symbol 
C  
N  
O  
SE 
X  
# 
loop_
_atom_site.group_PDB 
_atom_site.id 
_atom_site.type_symbol 
_atom_site.label_atom_id 
_atom_site.label_alt_id 
_atom_site.label_comp_id 
_atom_site.label_asym_id 
_atom_site.label_entity_id 
_atom_site.label_seq_id 
_atom_site.pdbx_PDB_ins_code 
_atom_site.Cartn_x 
_atom_site.Cartn_y 
_atom_site.Cartn_z 
_atom_site.occupancy 
_atom_site.B_iso_or_equiv 
_atom_site.pdbx_formal_charge 
_atom_site.auth_seq_id 
_atom_site.auth_comp_id 
_atom_site.auth_asym_id 
_atom_site.auth_atom_id 
_atom_site.pdbx_PDB_model_num 
HETATM 1    N  N   . MSE A 1 10  ? -7.350  26.298  -13.231 1.00 73.63 ? 2   MSE A N   1 
HETATM 2    C  CA  . MSE A 1 10  ? -6.831  24.902  -13.265 1.00 73.74 ? 2   MSE A CA  1 
HETATM 3    C  C   . MSE A 1 10  ? -5.356  24.855  -12.867 1.00 70.22 ? 2   MSE A C   1 
HETATM 4    O  O   . MSE A 1 10  ? -4.985  24.130  -11.943 1.00 70.27 ? 2   MSE A O   1 
HETATM 5    C  CB  . MSE A 1 10  ? -7.031  24.285  -14.657 1.00 79.41 ? 2   MSE A CB  1 
HETATM 6    C  CG  . MSE A 1 10  ? -6.709  22.787  -14.751 1.00 83.09 ? 2   MSE A CG  1 
HETATM 7    SE SE  . MSE A 1 10  ? -8.028  21.649  -13.838 1.00 89.90 ? 2   MSE A SE  1 
HETATM 8    C  CE  . MSE A 1 10  ? -7.271  19.883  -14.218 1.00 84.42 ? 2   MSE A CE  1 
ATOM   9    N  N   . LEU A 1 11  ? -4.533  25.643  -13.563 1.00 65.00 ? 3   LEU A N   1 
ATOM   10   C  CA  . LEU A 1 11  ? -3.074  25.639  -13.391 1.00 59.60 ? 3   LEU A CA  1 
ATOM   11   C  C   . LEU A 1 11  ? -2.622  25.929  -11.955 1.00 56.70 ? 3   LEU A C   1 
ATOM   12   O  O   . LEU A 1 11  ? -1.754  25.233  -11.426 1.00 54.29 ? 3   LEU A O   1 
ATOM   13   C  CB  . LEU A 1 11  ? -2.417  26.616  -14.378 1.00 58.96 ? 3   LEU A CB  1 
ATOM   14   C  CG  . LEU A 1 11  ? -0.953  27.031  -14.183 1.00 58.40 ? 3   LEU A CG  1 
ATOM   15   C  CD1 . LEU A 1 11  ? 0.003   25.881  -14.472 1.00 57.87 ? 3   LEU A CD1 1 
ATOM   16   C  CD2 . LEU A 1 11  ? -0.630  28.236  -15.055 1.00 58.94 ? 3   LEU A CD2 1 
ATOM   17   N  N   . LYS A 1 12  ? -3.208  26.956  -11.338 1.00 54.19 ? 4   LYS A N   1 
ATOM   18   C  CA  . LYS A 1 12  ? -2.896  27.321  -9.952  1.00 52.75 ? 4   LYS A CA  1 
ATOM   19   C  C   . LYS A 1 12  ? -3.232  26.169  -8.995  1.00 51.59 ? 4   LYS A C   1 
ATOM   20   O  O   . LYS A 1 12  ? -2.443  25.841  -8.104  1.00 50.74 ? 4   LYS A O   1 
ATOM   21   C  CB  . LYS A 1 12  ? -3.641  28.600  -9.551  1.00 52.91 ? 4   LYS A CB  1 
ATOM   22   C  CG  . LYS A 1 12  ? -3.181  29.213  -8.237  1.00 53.52 ? 4   LYS A CG  1 
ATOM   23   N  N   . GLU A 1 13  ? -4.391  25.547  -9.208  1.00 49.66 ? 5   GLU A N   1 
ATOM   24   C  CA  . GLU A 1 13  ? -4.838  24.409  -8.402  1.00 48.74 ? 5   GLU A CA  1 
ATOM   25   C  C   . GLU A 1 13  ? -3.988  23.151  -8.629  1.00 45.95 ? 5   GLU A C   1 
ATOM   26   O  O   . GLU A 1 13  ? -3.668  22.439  -7.675  1.00 45.11 ? 5   GLU A O   1 
ATOM   27   C  CB  . GLU A 1 13  ? -6.323  24.112  -8.661  1.00 48.93 ? 5   GLU A CB  1 
ATOM   28   N  N   . VAL A 1 14  ? -3.618  22.894  -9.886  1.00 42.05 ? 6   VAL A N   1 
ATOM   29   C  CA  . VAL A 1 14  ? -2.812  21.720  -10.260 1.00 38.98 ? 6   VAL A CA  1 
ATOM   30   C  C   . VAL A 1 14  ? -1.357  21.810  -9.750  1.00 37.54 ? 6   VAL A C   1 
ATOM   31   O  O   . VAL A 1 14  ? -0.777  20.809  -9.291  1.00 37.16 ? 6   VAL A O   1 
ATOM   32   C  CB  . VAL A 1 14  ? -2.833  21.489  -11.796 1.00 40.57 ? 6   VAL A CB  1 
ATOM   33   C  CG1 . VAL A 1 14  ? -1.835  20.405  -12.216 1.00 39.42 ? 6   VAL A CG1 1 
ATOM   34   C  CG2 . VAL A 1 14  ? -4.244  21.127  -12.262 1.00 41.40 ? 6   VAL A CG2 1 
ATOM   35   N  N   . HIS A 1 15  ? -0.781  23.007  -9.853  1.00 30.78 ? 7   HIS A N   1 
ATOM   36   C  CA  . HIS A 1 15  ? 0.528   23.315  -9.279  1.00 29.89 ? 7   HIS A CA  1 
ATOM   37   C  C   . HIS A 1 15  ? 0.534   23.058  -7.764  1.00 27.72 ? 7   HIS A C   1 
ATOM   38   O  O   . HIS A 1 15  ? 1.449   22.408  -7.249  1.00 26.33 ? 7   HIS A O   1 
ATOM   39   C  CB  . HIS A 1 15  ? 0.888   24.774  -9.601  1.00 26.88 ? 7   HIS A CB  1 
ATOM   40   C  CG  . HIS A 1 15  ? 2.121   25.267  -8.917  1.00 25.88 ? 7   HIS A CG  1 
ATOM   41   N  ND1 . HIS A 1 15  ? 3.391   24.853  -9.272  1.00 22.44 ? 7   HIS A ND1 1 
ATOM   42   C  CD2 . HIS A 1 15  ? 2.281   26.168  -7.923  1.00 26.14 ? 7   HIS A CD2 1 
ATOM   43   C  CE1 . HIS A 1 15  ? 4.275   25.474  -8.512  1.00 23.94 ? 7   HIS A CE1 1 
ATOM   44   N  NE2 . HIS A 1 15  ? 3.628   26.283  -7.691  1.00 26.43 ? 7   HIS A NE2 1 
ATOM   45   N  N   . GLU A 1 16  ? -0.492  23.556  -7.067  1.00 27.51 ? 8   GLU A N   1 
ATOM   46   C  CA  . GLU A 1 16  ? -0.670  23.322  -5.630  1.00 33.22 ? 8   GLU A CA  1 
ATOM   47   C  C   . GLU A 1 16  ? -0.789  21.832  -5.271  1.00 33.10 ? 8   GLU A C   1 
ATOM   48   O  O   . GLU A 1 16  ? -0.164  21.361  -4.304  1.00 28.61 ? 8   GLU A O   1 
ATOM   49   C  CB  . GLU A 1 16  ? -1.877  24.116  -5.116  1.00 36.61 ? 8   GLU A CB  1 
ATOM   50   C  CG  . GLU A 1 16  ? -1.582  25.620  -4.968  1.00 40.90 ? 8   GLU A CG  1 
ATOM   51   C  CD  . GLU A 1 16  ? -2.834  26.488  -4.855  1.00 42.79 ? 8   GLU A CD  1 
ATOM   52   O  OE1 . GLU A 1 16  ? -3.872  26.006  -4.343  1.00 46.53 ? 8   GLU A OE1 1 
ATOM   53   O  OE2 . GLU A 1 16  ? -2.771  27.664  -5.276  1.00 45.95 ? 8   GLU A OE2 1 
ATOM   54   N  N   . LEU A 1 17  ? -1.561  21.087  -6.062  1.00 32.10 ? 9   LEU A N   1 
ATOM   55   C  CA  . LEU A 1 17  ? -1.740  19.651  -5.821  1.00 34.78 ? 9   LEU A CA  1 
ATOM   56   C  C   . LEU A 1 17  ? -0.433  18.863  -6.017  1.00 29.52 ? 9   LEU A C   1 
ATOM   57   O  O   . LEU A 1 17  ? -0.085  17.993  -5.199  1.00 25.68 ? 9   LEU A O   1 
ATOM   58   C  CB  . LEU A 1 17  ? -2.892  19.088  -6.674  1.00 35.71 ? 9   LEU A CB  1 
ATOM   59   C  CG  . LEU A 1 17  ? -4.328  19.119  -6.094  1.00 40.38 ? 9   LEU A CG  1 
ATOM   60   C  CD1 . LEU A 1 17  ? -4.822  20.509  -5.663  1.00 40.16 ? 9   LEU A CD1 1 
ATOM   61   C  CD2 . LEU A 1 17  ? -5.317  18.496  -7.077  1.00 40.67 ? 9   LEU A CD2 1 
ATOM   62   N  N   . LEU A 1 18  ? 0.312   19.185  -7.074  1.00 26.22 ? 10  LEU A N   1 
ATOM   63   C  CA  . LEU A 1 18  ? 1.620   18.575  -7.306  1.00 23.18 ? 10  LEU A CA  1 
ATOM   64   C  C   . LEU A 1 18  ? 2.641   18.891  -6.200  1.00 21.82 ? 10  LEU A C   1 
ATOM   65   O  O   . LEU A 1 18  ? 3.425   18.015  -5.797  1.00 20.57 ? 10  LEU A O   1 
ATOM   66   C  CB  . LEU A 1 18  ? 2.179   18.981  -8.677  1.00 26.96 ? 10  LEU A CB  1 
ATOM   67   C  CG  . LEU A 1 18  ? 1.418   18.416  -9.875  1.00 31.18 ? 10  LEU A CG  1 
ATOM   68   C  CD1 . LEU A 1 18  ? 2.020   18.939  -11.170 1.00 32.32 ? 10  LEU A CD1 1 
ATOM   69   C  CD2 . LEU A 1 18  ? 1.421   16.898  -9.836  1.00 32.14 ? 10  LEU A CD2 1 
ATOM   70   N  N   . ASN A 1 19  ? 2.640   20.131  -5.717  1.00 19.36 ? 11  ASN A N   1 
ATOM   71   C  CA  . ASN A 1 19  ? 3.491   20.495  -4.576  1.00 18.53 ? 11  ASN A CA  1 
ATOM   72   C  C   . ASN A 1 19  ? 3.087   19.741  -3.303  1.00 20.84 ? 11  ASN A C   1 
ATOM   73   O  O   . ASN A 1 19  ? 3.948   19.406  -2.474  1.00 19.54 ? 11  ASN A O   1 
ATOM   74   C  CB  . ASN A 1 19  ? 3.475   22.009  -4.336  1.00 20.83 ? 11  ASN A CB  1 
ATOM   75   C  CG  . ASN A 1 19  ? 4.587   22.726  -5.080  1.00 22.64 ? 11  ASN A CG  1 
ATOM   76   O  OD1 . ASN A 1 19  ? 5.601   22.119  -5.426  1.00 21.64 ? 11  ASN A OD1 1 
ATOM   77   N  ND2 . ASN A 1 19  ? 4.415   24.030  -5.308  1.00 27.01 ? 11  ASN A ND2 1 
ATOM   78   N  N   . ARG A 1 20  ? 1.791   19.491  -3.162  1.00 22.82 ? 12  ARG A N   1 
ATOM   79   C  CA  . ARG A 1 20  ? 1.260   18.720  -2.021  1.00 24.55 ? 12  ARG A CA  1 
ATOM   80   C  C   . ARG A 1 20  ? 1.699   17.260  -2.062  1.00 22.75 ? 12  ARG A C   1 
ATOM   81   O  O   . ARG A 1 20  ? 2.160   16.730  -1.049  1.00 22.78 ? 12  ARG A O   1 
ATOM   82   C  CB  . ARG A 1 20  ? -0.275  18.830  -1.954  1.00 26.76 ? 12  ARG A CB  1 
ATOM   83   C  CG  . ARG A 1 20  ? -0.919  18.009  -0.825  1.00 28.93 ? 12  ARG A CG  1 
ATOM   84   C  CD  . ARG A 1 20  ? -2.406  18.334  -0.619  1.00 33.89 ? 12  ARG A CD  1 
ATOM   85   N  NE  . ARG A 1 20  ? -3.263  17.832  -1.695  1.00 40.70 ? 12  ARG A NE  1 
ATOM   86   C  CZ  . ARG A 1 20  ? -4.579  17.626  -1.587  1.00 43.04 ? 12  ARG A CZ  1 
ATOM   87   N  NH1 . ARG A 1 20  ? -5.206  17.848  -0.434  1.00 44.62 ? 12  ARG A NH1 1 
ATOM   88   N  NH2 . ARG A 1 20  ? -5.273  17.181  -2.631  1.00 42.97 ? 12  ARG A NH2 1 
ATOM   89   N  N   . ILE A 1 21  ? 1.569   16.614  -3.220  1.00 21.59 ? 13  ILE A N   1 
ATOM   90   C  CA  . ILE A 1 21  ? 1.980   15.204  -3.389  1.00 22.37 ? 13  ILE A CA  1 
ATOM   91   C  C   . ILE A 1 21  ? 3.461   15.017  -3.023  1.00 23.51 ? 13  ILE A C   1 
ATOM   92   O  O   . ILE A 1 21  ? 3.816   14.184  -2.163  1.00 22.17 ? 13  ILE A O   1 
ATOM   93   C  CB  . ILE A 1 21  ? 1.692   14.691  -4.843  1.00 23.08 ? 13  ILE A CB  1 
ATOM   94   C  CG1 . ILE A 1 21  ? 0.188   14.588  -5.114  1.00 23.80 ? 13  ILE A CG1 1 
ATOM   95   C  CG2 . ILE A 1 21  ? 2.427   13.359  -5.151  1.00 22.42 ? 13  ILE A CG2 1 
ATOM   96   C  CD1 . ILE A 1 21  ? -0.148  14.442  -6.603  1.00 26.90 ? 13  ILE A CD1 1 
ATOM   97   N  N   . TRP A 1 22  ? 4.337   15.805  -3.655  1.00 24.06 ? 14  TRP A N   1 
ATOM   98   C  CA  . TRP A 1 22  ? 5.757   15.649  -3.400  1.00 23.30 ? 14  TRP A CA  1 
ATOM   99   C  C   . TRP A 1 22  ? 6.189   16.166  -2.022  1.00 23.87 ? 14  TRP A C   1 
ATOM   100  O  O   . TRP A 1 22  ? 6.930   15.473  -1.315  1.00 23.00 ? 14  TRP A O   1 
ATOM   101  C  CB  . TRP A 1 22  ? 6.611   16.221  -4.558  1.00 23.24 ? 14  TRP A CB  1 
ATOM   102  C  CG  . TRP A 1 22  ? 6.842   15.204  -5.638  1.00 25.41 ? 14  TRP A CG  1 
ATOM   103  C  CD1 . TRP A 1 22  ? 7.919   14.368  -5.754  1.00 25.85 ? 14  TRP A CD1 1 
ATOM   104  C  CD2 . TRP A 1 22  ? 5.982   14.898  -6.743  1.00 25.10 ? 14  TRP A CD2 1 
ATOM   105  N  NE1 . TRP A 1 22  ? 7.777   13.567  -6.847  1.00 26.07 ? 14  TRP A NE1 1 
ATOM   106  C  CE2 . TRP A 1 22  ? 6.603   13.866  -7.478  1.00 26.18 ? 14  TRP A CE2 1 
ATOM   107  C  CE3 . TRP A 1 22  ? 4.750   15.390  -7.182  1.00 28.39 ? 14  TRP A CE3 1 
ATOM   108  C  CZ2 . TRP A 1 22  ? 6.037   13.320  -8.643  1.00 27.35 ? 14  TRP A CZ2 1 
ATOM   109  C  CZ3 . TRP A 1 22  ? 4.181   14.845  -8.337  1.00 27.30 ? 14  TRP A CZ3 1 
ATOM   110  C  CH2 . TRP A 1 22  ? 4.829   13.819  -9.052  1.00 26.34 ? 14  TRP A CH2 1 
ATOM   111  N  N   . GLY A 1 23  ? 5.688   17.340  -1.613  1.00 21.63 ? 15  GLY A N   1 
ATOM   112  C  CA  . GLY A 1 23  ? 6.017   17.929  -0.305  1.00 23.63 ? 15  GLY A CA  1 
ATOM   113  C  C   . GLY A 1 23  ? 5.602   17.017  0.843   1.00 21.46 ? 15  GLY A C   1 
ATOM   114  O  O   . GLY A 1 23  ? 6.367   16.810  1.788   1.00 23.29 ? 15  GLY A O   1 
ATOM   115  N  N   . ASP A 1 24  ? 4.411   16.440  0.730   1.00 19.77 ? 16  ASP A N   1 
ATOM   116  C  CA  . ASP A 1 24  ? 3.903   15.537  1.766   1.00 21.24 ? 16  ASP A CA  1 
ATOM   117  C  C   . ASP A 1 24  ? 4.765   14.279  1.924   1.00 20.55 ? 16  ASP A C   1 
ATOM   118  O  O   . ASP A 1 24  ? 4.929   13.793  3.056   1.00 18.85 ? 16  ASP A O   1 
ATOM   119  C  CB  . ASP A 1 24  ? 2.447   15.133  1.497   1.00 22.50 ? 16  ASP A CB  1 
ATOM   120  C  CG  . ASP A 1 24  ? 1.439   16.229  1.861   1.00 21.91 ? 16  ASP A CG  1 
ATOM   121  O  OD1 . ASP A 1 24  ? 1.845   17.367  2.198   1.00 24.64 ? 16  ASP A OD1 1 
ATOM   122  O  OD2 . ASP A 1 24  ? 0.224   15.934  1.804   1.00 25.09 ? 16  ASP A OD2 1 
ATOM   123  N  N   . ILE A 1 25  ? 5.262   13.715  0.821   1.00 19.48 ? 17  ILE A N   1 
ATOM   124  C  CA  . ILE A 1 25  ? 6.097   12.507  0.924   1.00 20.39 ? 17  ILE A CA  1 
ATOM   125  C  C   . ILE A 1 25  ? 7.513   12.797  1.429   1.00 23.77 ? 17  ILE A C   1 
ATOM   126  O  O   . ILE A 1 25  ? 8.081   12.018  2.220   1.00 22.15 ? 17  ILE A O   1 
ATOM   127  C  CB  . ILE A 1 25  ? 6.091   11.645  -0.368  1.00 18.47 ? 17  ILE A CB  1 
ATOM   128  C  CG1 . ILE A 1 25  ? 4.721   10.995  -0.546  1.00 21.65 ? 17  ILE A CG1 1 
ATOM   129  C  CG2 . ILE A 1 25  ? 7.157   10.541  -0.332  1.00 20.86 ? 17  ILE A CG2 1 
ATOM   130  C  CD1 . ILE A 1 25  ? 4.334   10.020  0.588   1.00 20.77 ? 17  ILE A CD1 1 
ATOM   131  N  N   . PHE A 1 26  ? 8.090   13.924  1.013   1.00 22.22 ? 18  PHE A N   1 
ATOM   132  C  CA  . PHE A 1 26  ? 9.387   14.288  1.575   1.00 25.54 ? 18  PHE A CA  1 
ATOM   133  C  C   . PHE A 1 26  ? 9.249   14.451  3.100   1.00 24.86 ? 18  PHE A C   1 
ATOM   134  O  O   . PHE A 1 26  ? 10.096  13.967  3.866   1.00 25.10 ? 18  PHE A O   1 
ATOM   135  C  CB  . PHE A 1 26  ? 9.964   15.540  0.897   1.00 28.74 ? 18  PHE A CB  1 
ATOM   136  C  CG  . PHE A 1 26  ? 10.407  15.304  -0.527  1.00 31.08 ? 18  PHE A CG  1 
ATOM   137  C  CD1 . PHE A 1 26  ? 11.359  14.324  -0.826  1.00 32.22 ? 18  PHE A CD1 1 
ATOM   138  C  CD2 . PHE A 1 26  ? 9.886   16.073  -1.573  1.00 34.30 ? 18  PHE A CD2 1 
ATOM   139  C  CE1 . PHE A 1 26  ? 11.768  14.101  -2.147  1.00 33.47 ? 18  PHE A CE1 1 
ATOM   140  C  CE2 . PHE A 1 26  ? 10.294  15.858  -2.907  1.00 33.47 ? 18  PHE A CE2 1 
ATOM   141  C  CZ  . PHE A 1 26  ? 11.227  14.872  -3.190  1.00 34.18 ? 18  PHE A CZ  1 
ATOM   142  N  N   . GLU A 1 27  ? 8.147   15.066  3.529   1.00 24.21 ? 19  GLU A N   1 
ATOM   143  C  CA  . GLU A 1 27  ? 7.869   15.294  4.954   1.00 27.13 ? 19  GLU A CA  1 
ATOM   144  C  C   . GLU A 1 27  ? 7.639   13.968  5.684   1.00 24.86 ? 19  GLU A C   1 
ATOM   145  O  O   . GLU A 1 27  ? 8.217   13.721  6.762   1.00 25.36 ? 19  GLU A O   1 
ATOM   146  C  CB  . GLU A 1 27  ? 6.652   16.208  5.125   1.00 29.20 ? 19  GLU A CB  1 
ATOM   147  C  CG  . GLU A 1 27  ? 6.224   16.438  6.582   1.00 33.94 ? 19  GLU A CG  1 
ATOM   148  C  CD  . GLU A 1 27  ? 4.993   17.335  6.699   1.00 37.99 ? 19  GLU A CD  1 
ATOM   149  O  OE1 . GLU A 1 27  ? 5.150   18.498  7.157   1.00 42.67 ? 19  GLU A OE1 1 
ATOM   150  O  OE2 . GLU A 1 27  ? 3.877   16.886  6.324   1.00 39.48 ? 19  GLU A OE2 1 
ATOM   151  N  N   . LEU A 1 28  ? 6.802   13.116  5.092   1.00 20.49 ? 20  LEU A N   1 
ATOM   152  C  CA  . LEU A 1 28  ? 6.438   11.842  5.724   1.00 19.49 ? 20  LEU A CA  1 
ATOM   153  C  C   . LEU A 1 28  ? 7.637   10.911  5.835   1.00 17.36 ? 20  LEU A C   1 
ATOM   154  O  O   . LEU A 1 28  ? 7.748   10.158  6.836   1.00 19.41 ? 20  LEU A O   1 
ATOM   155  C  CB  . LEU A 1 28  ? 5.304   11.159  4.961   1.00 20.37 ? 20  LEU A CB  1 
ATOM   156  C  CG  . LEU A 1 28  ? 4.765   9.846   5.522   1.00 21.90 ? 20  LEU A CG  1 
ATOM   157  C  CD1 . LEU A 1 28  ? 4.223   10.063  6.964   1.00 22.81 ? 20  LEU A CD1 1 
ATOM   158  C  CD2 . LEU A 1 28  ? 3.699   9.305   4.585   1.00 21.90 ? 20  LEU A CD2 1 
ATOM   159  N  N   . ARG A 1 29  ? 8.528   10.936  4.836   1.00 18.47 ? 21  ARG A N   1 
ATOM   160  C  CA  . ARG A 1 29  ? 9.745   10.125  4.866   1.00 18.39 ? 21  ARG A CA  1 
ATOM   161  C  C   . ARG A 1 29  ? 10.577  10.463  6.096   1.00 20.69 ? 21  ARG A C   1 
ATOM   162  O  O   . ARG A 1 29  ? 11.016  9.555   6.830   1.00 19.84 ? 21  ARG A O   1 
ATOM   163  C  CB  . ARG A 1 29  ? 10.566  10.258  3.563   1.00 21.12 ? 21  ARG A CB  1 
ATOM   164  C  CG  . ARG A 1 29  ? 11.720  9.253   3.439   1.00 21.32 ? 21  ARG A CG  1 
ATOM   165  C  CD  . ARG A 1 29  ? 13.016  9.768   4.067   1.00 20.33 ? 21  ARG A CD  1 
ATOM   166  N  NE  . ARG A 1 29  ? 14.028  8.710   4.152   1.00 22.50 ? 21  ARG A NE  1 
ATOM   167  C  CZ  . ARG A 1 29  ? 15.238  8.854   4.683   1.00 25.20 ? 21  ARG A CZ  1 
ATOM   168  N  NH1 . ARG A 1 29  ? 15.643  10.039  5.147   1.00 22.90 ? 21  ARG A NH1 1 
ATOM   169  N  NH2 . ARG A 1 29  ? 16.069  7.811   4.718   1.00 25.53 ? 21  ARG A NH2 1 
ATOM   170  N  N   . GLU A 1 30  ? 10.787  11.754  6.349   1.00 21.71 ? 22  GLU A N   1 
ATOM   171  C  CA  . GLU A 1 30  ? 11.603  12.132  7.513   1.00 23.46 ? 22  GLU A CA  1 
ATOM   172  C  C   . GLU A 1 30  ? 10.906  11.749  8.825   1.00 23.87 ? 22  GLU A C   1 
ATOM   173  O  O   . GLU A 1 30  ? 11.561  11.283  9.790   1.00 24.74 ? 22  GLU A O   1 
ATOM   174  C  CB  A GLU A 1 30  ? 11.964  13.618  7.459   0.65 25.63 ? 22  GLU A CB  1 
ATOM   175  C  CB  B GLU A 1 30  ? 11.958  13.624  7.506   0.35 24.86 ? 22  GLU A CB  1 
ATOM   176  C  CG  A GLU A 1 30  ? 12.858  13.999  6.253   0.65 27.43 ? 22  GLU A CG  1 
ATOM   177  C  CG  B GLU A 1 30  ? 12.860  14.068  8.682   0.35 26.01 ? 22  GLU A CG  1 
ATOM   178  C  CD  A GLU A 1 30  ? 14.112  13.131  6.125   0.65 26.95 ? 22  GLU A CD  1 
ATOM   179  C  CD  B GLU A 1 30  ? 14.097  13.180  8.866   0.35 26.38 ? 22  GLU A CD  1 
ATOM   180  O  OE1 A GLU A 1 30  ? 14.791  12.891  7.152   0.65 31.98 ? 22  GLU A OE1 1 
ATOM   181  O  OE1 B GLU A 1 30  ? 14.933  13.119  7.943   0.35 27.01 ? 22  GLU A OE1 1 
ATOM   182  O  OE2 A GLU A 1 30  ? 14.430  12.699  4.998   0.65 24.39 ? 22  GLU A OE2 1 
ATOM   183  O  OE2 B GLU A 1 30  ? 14.239  12.549  9.939   0.35 25.65 ? 22  GLU A OE2 1 
ATOM   184  N  N   . GLU A 1 31  ? 9.586   11.886  8.846   1.00 20.62 ? 23  GLU A N   1 
ATOM   185  C  CA  . GLU A 1 31  ? 8.795   11.551  10.033  1.00 23.10 ? 23  GLU A CA  1 
ATOM   186  C  C   . GLU A 1 31  ? 8.862   10.054  10.334  1.00 22.81 ? 23  GLU A C   1 
ATOM   187  O  O   . GLU A 1 31  ? 9.126   9.655   11.478  1.00 22.56 ? 23  GLU A O   1 
ATOM   188  C  CB  . GLU A 1 31  ? 7.342   12.011  9.890   1.00 26.36 ? 23  GLU A CB  1 
ATOM   189  C  CG  . GLU A 1 31  ? 7.193   13.538  9.976   1.00 30.63 ? 23  GLU A CG  1 
ATOM   190  C  CD  . GLU A 1 31  ? 5.853   14.051  9.494   1.00 35.06 ? 23  GLU A CD  1 
ATOM   191  O  OE1 . GLU A 1 31  ? 5.053   13.265  8.939   1.00 36.13 ? 23  GLU A OE1 1 
ATOM   192  O  OE2 . GLU A 1 31  ? 5.605   15.267  9.665   1.00 38.89 ? 23  GLU A OE2 1 
ATOM   193  N  N   . LEU A 1 32  ? 8.648   9.222   9.317   1.00 19.60 ? 24  LEU A N   1 
ATOM   194  C  CA  . LEU A 1 32  ? 8.683   7.766   9.558   1.00 18.46 ? 24  LEU A CA  1 
ATOM   195  C  C   . LEU A 1 32  ? 10.107  7.247   9.803   1.00 18.76 ? 24  LEU A C   1 
ATOM   196  O  O   . LEU A 1 32  ? 10.291  6.233   10.500  1.00 21.50 ? 24  LEU A O   1 
ATOM   197  C  CB  . LEU A 1 32  ? 7.974   6.980   8.436   1.00 16.39 ? 24  LEU A CB  1 
ATOM   198  C  CG  . LEU A 1 32  ? 6.471   7.239   8.226   1.00 17.16 ? 24  LEU A CG  1 
ATOM   199  C  CD1 . LEU A 1 32  ? 5.947   6.303   7.174   1.00 17.94 ? 24  LEU A CD1 1 
ATOM   200  C  CD2 . LEU A 1 32  ? 5.630   7.050   9.528   1.00 19.12 ? 24  LEU A CD2 1 
ATOM   201  N  N   . LYS A 1 33  ? 11.106  7.942   9.261   1.00 19.32 ? 25  LYS A N   1 
ATOM   202  C  CA  . LYS A 1 33  ? 12.503  7.620   9.522   1.00 23.19 ? 25  LYS A CA  1 
ATOM   203  C  C   . LYS A 1 33  ? 12.730  7.751   11.030  1.00 23.26 ? 25  LYS A C   1 
ATOM   204  O  O   . LYS A 1 33  ? 13.314  6.864   11.665  1.00 21.61 ? 25  LYS A O   1 
ATOM   205  C  CB  . LYS A 1 33  ? 13.434  8.563   8.756   1.00 24.56 ? 25  LYS A CB  1 
ATOM   206  C  CG  . LYS A 1 33  ? 14.900  8.517   9.177   1.00 29.47 ? 25  LYS A CG  1 
ATOM   207  C  CD  . LYS A 1 33  ? 15.606  7.257   8.730   1.00 31.24 ? 25  LYS A CD  1 
ATOM   208  C  CE  . LYS A 1 33  ? 17.124  7.434   8.853   1.00 33.36 ? 25  LYS A CE  1 
ATOM   209  N  NZ  . LYS A 1 33  ? 17.850  6.153   8.855   1.00 34.10 ? 25  LYS A NZ  1 
ATOM   210  N  N   . GLU A 1 34  ? 12.228  8.845   11.601  1.00 21.48 ? 26  GLU A N   1 
ATOM   211  C  CA  . GLU A 1 34  ? 12.344  9.079   13.047  1.00 27.28 ? 26  GLU A CA  1 
ATOM   212  C  C   . GLU A 1 34  ? 11.490  8.112   13.872  1.00 25.70 ? 26  GLU A C   1 
ATOM   213  O  O   . GLU A 1 34  ? 11.947  7.585   14.889  1.00 26.49 ? 26  GLU A O   1 
ATOM   214  C  CB  . GLU A 1 34  ? 11.993  10.535  13.380  1.00 30.47 ? 26  GLU A CB  1 
ATOM   215  C  CG  . GLU A 1 34  ? 13.016  11.544  12.844  1.00 35.91 ? 26  GLU A CG  1 
ATOM   216  C  CD  . GLU A 1 34  ? 12.495  12.980  12.804  1.00 38.85 ? 26  GLU A CD  1 
ATOM   217  O  OE1 . GLU A 1 34  ? 11.388  13.236  13.340  1.00 43.85 ? 26  GLU A OE1 1 
ATOM   218  O  OE2 . GLU A 1 34  ? 13.197  13.859  12.233  1.00 42.24 ? 26  GLU A OE2 1 
ATOM   219  N  N   . GLU A 1 35  ? 10.265  7.857   13.422  1.00 23.15 ? 27  GLU A N   1 
ATOM   220  C  CA  . GLU A 1 35  ? 9.282   7.154   14.229  1.00 21.68 ? 27  GLU A CA  1 
ATOM   221  C  C   . GLU A 1 35  ? 9.355   5.618   14.158  1.00 23.03 ? 27  GLU A C   1 
ATOM   222  O  O   . GLU A 1 35  ? 9.177   4.933   15.174  1.00 24.46 ? 27  GLU A O   1 
ATOM   223  C  CB  . GLU A 1 35  ? 7.885   7.652   13.866  1.00 24.52 ? 27  GLU A CB  1 
ATOM   224  C  CG  . GLU A 1 35  ? 7.686   9.117   14.250  1.00 28.62 ? 27  GLU A CG  1 
ATOM   225  C  CD  . GLU A 1 35  ? 6.566   9.805   13.476  1.00 32.68 ? 27  GLU A CD  1 
ATOM   226  O  OE1 . GLU A 1 35  ? 5.694   9.112   12.907  1.00 33.89 ? 27  GLU A OE1 1 
ATOM   227  O  OE2 . GLU A 1 35  ? 6.568   11.054  13.445  1.00 34.42 ? 27  GLU A OE2 1 
ATOM   228  N  N   . LEU A 1 36  ? 9.595   5.086   12.961  1.00 20.25 ? 28  LEU A N   1 
ATOM   229  C  CA  . LEU A 1 36  ? 9.645   3.631   12.727  1.00 17.72 ? 28  LEU A CA  1 
ATOM   230  C  C   . LEU A 1 36  ? 11.024  3.066   13.061  1.00 20.70 ? 28  LEU A C   1 
ATOM   231  O  O   . LEU A 1 36  ? 11.704  2.437   12.230  1.00 18.32 ? 28  LEU A O   1 
ATOM   232  C  CB  . LEU A 1 36  ? 9.234   3.285   11.277  1.00 18.58 ? 28  LEU A CB  1 
ATOM   233  C  CG  . LEU A 1 36  ? 7.816   3.677   10.842  1.00 18.88 ? 28  LEU A CG  1 
ATOM   234  C  CD1 . LEU A 1 36  ? 7.557   3.110   9.457   1.00 16.74 ? 28  LEU A CD1 1 
ATOM   235  C  CD2 . LEU A 1 36  ? 6.767   3.175   11.785  1.00 20.35 ? 28  LEU A CD2 1 
ATOM   236  N  N   . LYS A 1 37  ? 11.446  3.291   14.301  1.00 19.10 ? 29  LYS A N   1 
ATOM   237  C  CA  . LYS A 1 37  ? 12.746  2.804   14.718  1.00 20.93 ? 29  LYS A CA  1 
ATOM   238  C  C   . LYS A 1 37  ? 12.706  1.275   14.700  1.00 17.07 ? 29  LYS A C   1 
ATOM   239  O  O   . LYS A 1 37  ? 11.707  0.678   15.092  1.00 17.90 ? 29  LYS A O   1 
ATOM   240  C  CB  . LYS A 1 37  ? 13.085  3.339   16.113  1.00 22.85 ? 29  LYS A CB  1 
ATOM   241  C  CG  . LYS A 1 37  ? 13.509  4.821   16.132  1.00 22.86 ? 29  LYS A CG  1 
ATOM   242  C  CD  . LYS A 1 37  ? 14.056  5.193   17.515  1.00 26.39 ? 29  LYS A CD  1 
ATOM   243  C  CE  . LYS A 1 37  ? 14.503  6.654   17.552  1.00 30.83 ? 29  LYS A CE  1 
ATOM   244  N  NZ  . LYS A 1 37  ? 13.351  7.549   17.245  1.00 30.35 ? 29  LYS A NZ  1 
ATOM   245  N  N   . GLY A 1 38  ? 13.787  0.657   14.207  1.00 18.27 ? 30  GLY A N   1 
ATOM   246  C  CA  . GLY A 1 38  ? 13.847  -0.791  14.021  1.00 17.38 ? 30  GLY A CA  1 
ATOM   247  C  C   . GLY A 1 38  ? 13.527  -1.188  12.602  1.00 19.89 ? 30  GLY A C   1 
ATOM   248  O  O   . GLY A 1 38  ? 13.720  -2.336  12.211  1.00 19.57 ? 30  GLY A O   1 
ATOM   249  N  N   . PHE A 1 39  ? 13.021  -0.221  11.826  1.00 16.51 ? 31  PHE A N   1 
ATOM   250  C  CA  . PHE A 1 39  ? 12.790  -0.442  10.399  1.00 15.77 ? 31  PHE A CA  1 
ATOM   251  C  C   . PHE A 1 39  ? 13.732  0.421   9.573   1.00 16.88 ? 31  PHE A C   1 
ATOM   252  O  O   . PHE A 1 39  ? 13.957  1.588   9.895   1.00 16.87 ? 31  PHE A O   1 
ATOM   253  C  CB  . PHE A 1 39  ? 11.342  -0.137  10.009  1.00 16.99 ? 31  PHE A CB  1 
ATOM   254  C  CG  . PHE A 1 39  ? 10.331  -1.051  10.639  1.00 16.53 ? 31  PHE A CG  1 
ATOM   255  C  CD1 . PHE A 1 39  ? 9.980   -2.273  10.031  1.00 18.18 ? 31  PHE A CD1 1 
ATOM   256  C  CD2 . PHE A 1 39  ? 9.694   -0.678  11.816  1.00 16.35 ? 31  PHE A CD2 1 
ATOM   257  C  CE1 . PHE A 1 39  ? 9.029   -3.123  10.621  1.00 18.96 ? 31  PHE A CE1 1 
ATOM   258  C  CE2 . PHE A 1 39  ? 8.743   -1.521  12.419  1.00 18.25 ? 31  PHE A CE2 1 
ATOM   259  C  CZ  . PHE A 1 39  ? 8.405   -2.752  11.812  1.00 17.89 ? 31  PHE A CZ  1 
ATOM   260  N  N   . THR A 1 40  ? 14.296  -0.153  8.517   1.00 16.98 ? 32  THR A N   1 
ATOM   261  C  CA  . THR A 1 40  ? 15.164  0.609   7.627   1.00 17.35 ? 32  THR A CA  1 
ATOM   262  C  C   . THR A 1 40  ? 14.317  1.402   6.637   1.00 17.99 ? 32  THR A C   1 
ATOM   263  O  O   . THR A 1 40  ? 13.608  0.817   5.812   1.00 17.90 ? 32  THR A O   1 
ATOM   264  C  CB  . THR A 1 40  ? 16.121  -0.309  6.869   1.00 21.14 ? 32  THR A CB  1 
ATOM   265  O  OG1 . THR A 1 40  ? 16.945  -1.007  7.815   1.00 21.55 ? 32  THR A OG1 1 
ATOM   266  C  CG2 . THR A 1 40  ? 16.997  0.504   5.936   1.00 20.31 ? 32  THR A CG2 1 
ATOM   267  N  N   . VAL A 1 41  ? 14.391  2.720   6.744   1.00 16.13 ? 33  VAL A N   1 
ATOM   268  C  CA  . VAL A 1 41  ? 13.529  3.609   5.930   1.00 17.39 ? 33  VAL A CA  1 
ATOM   269  C  C   . VAL A 1 41  ? 14.427  4.288   4.908   1.00 18.41 ? 33  VAL A C   1 
ATOM   270  O  O   . VAL A 1 41  ? 15.318  5.052   5.272   1.00 19.44 ? 33  VAL A O   1 
ATOM   271  C  CB  . VAL A 1 41  ? 12.800  4.654   6.786   1.00 18.82 ? 33  VAL A CB  1 
ATOM   272  C  CG1 . VAL A 1 41  ? 11.966  5.586   5.903   1.00 18.31 ? 33  VAL A CG1 1 
ATOM   273  C  CG2 . VAL A 1 41  ? 11.869  3.981   7.808   1.00 17.54 ? 33  VAL A CG2 1 
ATOM   274  N  N   . GLU A 1 42  ? 14.189  4.005   3.634   1.00 18.73 ? 34  GLU A N   1 
ATOM   275  C  CA  . GLU A 1 42  ? 15.079  4.483   2.582   1.00 19.19 ? 34  GLU A CA  1 
ATOM   276  C  C   . GLU A 1 42  ? 14.651  5.871   2.098   1.00 21.56 ? 34  GLU A C   1 
ATOM   277  O  O   . GLU A 1 42  ? 13.655  6.412   2.561   1.00 19.75 ? 34  GLU A O   1 
ATOM   278  C  CB  . GLU A 1 42  ? 15.123  3.482   1.422   1.00 21.62 ? 34  GLU A CB  1 
ATOM   279  C  CG  . GLU A 1 42  ? 15.567  2.063   1.821   1.00 25.76 ? 34  GLU A CG  1 
ATOM   280  C  CD  . GLU A 1 42  ? 17.041  1.987   2.196   1.00 30.66 ? 34  GLU A CD  1 
ATOM   281  O  OE1 . GLU A 1 42  ? 17.779  2.974   1.983   1.00 34.71 ? 34  GLU A OE1 1 
ATOM   282  O  OE2 . GLU A 1 42  ? 17.467  0.932   2.709   1.00 33.98 ? 34  GLU A OE2 1 
ATOM   283  N  N   . GLU A 1 43  ? 15.418  6.439   1.160   1.00 21.22 ? 35  GLU A N   1 
ATOM   284  C  CA  . GLU A 1 43  ? 15.109  7.769   0.625   1.00 23.62 ? 35  GLU A CA  1 
ATOM   285  C  C   . GLU A 1 43  ? 13.972  7.722   -0.390  1.00 21.54 ? 35  GLU A C   1 
ATOM   286  O  O   . GLU A 1 43  ? 13.704  6.695   -0.998  1.00 20.07 ? 35  GLU A O   1 
ATOM   287  C  CB  . GLU A 1 43  ? 16.347  8.383   -0.035  1.00 27.96 ? 35  GLU A CB  1 
ATOM   288  C  CG  A GLU A 1 43  ? 17.576  8.491   0.886   0.65 30.85 ? 35  GLU A CG  1 
ATOM   289  C  CG  B GLU A 1 43  ? 17.318  9.049   0.932   0.35 28.08 ? 35  GLU A CG  1 
ATOM   290  C  CD  A GLU A 1 43  ? 17.376  9.440   2.067   0.65 32.27 ? 35  GLU A CD  1 
ATOM   291  C  CD  B GLU A 1 43  ? 18.544  9.633   0.234   0.35 27.97 ? 35  GLU A CD  1 
ATOM   292  O  OE1 A GLU A 1 43  ? 16.456  10.285  2.029   0.65 35.03 ? 35  GLU A OE1 1 
ATOM   293  O  OE1 B GLU A 1 43  ? 18.393  10.266  -0.837  0.35 30.52 ? 35  GLU A OE1 1 
ATOM   294  O  OE2 A GLU A 1 43  ? 18.156  9.340   3.041   0.65 36.49 ? 35  GLU A OE2 1 
ATOM   295  O  OE2 B GLU A 1 43  ? 19.659  9.466   0.769   0.35 29.51 ? 35  GLU A OE2 1 
ATOM   296  N  N   . VAL A 1 44  ? 13.334  8.865   -0.599  1.00 21.50 ? 36  VAL A N   1 
ATOM   297  C  CA  . VAL A 1 44  ? 12.282  8.984   -1.600  1.00 19.81 ? 36  VAL A CA  1 
ATOM   298  C  C   . VAL A 1 44  ? 12.881  8.793   -2.992  1.00 22.86 ? 36  VAL A C   1 
ATOM   299  O  O   . VAL A 1 44  ? 13.952  9.336   -3.290  1.00 24.45 ? 36  VAL A O   1 
ATOM   300  C  CB  . VAL A 1 44  ? 11.595  10.368  -1.519  1.00 21.66 ? 36  VAL A CB  1 
ATOM   301  C  CG1 . VAL A 1 44  ? 10.611  10.559  -2.672  1.00 22.73 ? 36  VAL A CG1 1 
ATOM   302  C  CG2 . VAL A 1 44  ? 10.902  10.542  -0.169  1.00 21.26 ? 36  VAL A CG2 1 
ATOM   303  N  N   . SER A 1 45  ? 12.201  8.003   -3.817  1.00 20.90 ? 37  SER A N   1 
ATOM   304  C  CA  . SER A 1 45  ? 12.592  7.848   -5.209  1.00 24.51 ? 37  SER A CA  1 
ATOM   305  C  C   . SER A 1 45  ? 11.361  8.026   -6.099  1.00 25.33 ? 37  SER A C   1 
ATOM   306  O  O   . SER A 1 45  ? 10.238  8.178   -5.601  1.00 23.75 ? 37  SER A O   1 
ATOM   307  C  CB  . SER A 1 45  ? 13.272  6.500   -5.426  1.00 27.97 ? 37  SER A CB  1 
ATOM   308  O  OG  . SER A 1 45  ? 12.325  5.445   -5.446  1.00 32.60 ? 37  SER A OG  1 
ATOM   309  N  N   . GLU A 1 46  ? 11.570  8.035   -7.414  1.00 24.38 ? 38  GLU A N   1 
ATOM   310  C  CA  . GLU A 1 46  ? 10.464  8.236   -8.341  1.00 25.35 ? 38  GLU A CA  1 
ATOM   311  C  C   . GLU A 1 46  ? 10.073  6.933   -9.005  1.00 25.73 ? 38  GLU A C   1 
ATOM   312  O  O   . GLU A 1 46  ? 10.922  6.210   -9.532  1.00 27.97 ? 38  GLU A O   1 
ATOM   313  C  CB  . GLU A 1 46  ? 10.825  9.299   -9.381  1.00 24.79 ? 38  GLU A CB  1 
ATOM   314  C  CG  . GLU A 1 46  ? 11.148  10.655  -8.780  1.00 29.67 ? 38  GLU A CG  1 
ATOM   315  C  CD  . GLU A 1 46  ? 10.015  11.214  -7.904  1.00 32.10 ? 38  GLU A CD  1 
ATOM   316  O  OE1 . GLU A 1 46  ? 8.828   11.093  -8.294  1.00 34.00 ? 38  GLU A OE1 1 
ATOM   317  O  OE2 . GLU A 1 46  ? 10.316  11.795  -6.835  1.00 34.31 ? 38  GLU A OE2 1 
ATOM   318  N  N   . VAL A 1 47  ? 8.788   6.622   -8.952  1.00 20.80 ? 39  VAL A N   1 
ATOM   319  C  CA  . VAL A 1 47  ? 8.267   5.407   -9.528  1.00 22.44 ? 39  VAL A CA  1 
ATOM   320  C  C   . VAL A 1 47  ? 7.452   5.771   -10.771 1.00 22.70 ? 39  VAL A C   1 
ATOM   321  O  O   . VAL A 1 47  ? 6.504   6.534   -10.676 1.00 22.12 ? 39  VAL A O   1 
ATOM   322  C  CB  . VAL A 1 47  ? 7.350   4.668   -8.514  1.00 25.56 ? 39  VAL A CB  1 
ATOM   323  C  CG1 . VAL A 1 47  ? 6.688   3.449   -9.169  1.00 26.79 ? 39  VAL A CG1 1 
ATOM   324  C  CG2 . VAL A 1 47  ? 8.154   4.269   -7.246  1.00 26.05 ? 39  VAL A CG2 1 
ATOM   325  N  N   . PHE A 1 48  ? 7.842   5.223   -11.929 1.00 25.14 ? 40  PHE A N   1 
ATOM   326  C  CA  . PHE A 1 48  ? 7.126   5.436   -13.192 1.00 23.84 ? 40  PHE A CA  1 
ATOM   327  C  C   . PHE A 1 48  ? 6.330   4.190   -13.582 1.00 23.61 ? 40  PHE A C   1 
ATOM   328  O  O   . PHE A 1 48  ? 6.711   3.071   -13.228 1.00 26.36 ? 40  PHE A O   1 
ATOM   329  C  CB  . PHE A 1 48  ? 8.119   5.716   -14.336 1.00 23.69 ? 40  PHE A CB  1 
ATOM   330  C  CG  . PHE A 1 48  ? 8.904   6.999   -14.200 1.00 22.72 ? 40  PHE A CG  1 
ATOM   331  C  CD1 . PHE A 1 48  ? 8.575   8.122   -14.958 1.00 24.99 ? 40  PHE A CD1 1 
ATOM   332  C  CD2 . PHE A 1 48  ? 10.004  7.069   -13.345 1.00 23.64 ? 40  PHE A CD2 1 
ATOM   333  C  CE1 . PHE A 1 48  ? 9.316   9.312   -14.842 1.00 20.84 ? 40  PHE A CE1 1 
ATOM   334  C  CE2 . PHE A 1 48  ? 10.754  8.251   -13.216 1.00 24.26 ? 40  PHE A CE2 1 
ATOM   335  C  CZ  . PHE A 1 48  ? 10.408  9.374   -13.967 1.00 25.57 ? 40  PHE A CZ  1 
ATOM   336  N  N   . ASN A 1 49  ? 5.239   4.390   -14.332 1.00 24.14 ? 41  ASN A N   1 
ATOM   337  C  CA  . ASN A 1 49  ? 4.488   3.300   -14.995 1.00 26.16 ? 41  ASN A CA  1 
ATOM   338  C  C   . ASN A 1 49  ? 3.651   2.401   -14.080 1.00 26.49 ? 41  ASN A C   1 
ATOM   339  O  O   . ASN A 1 49  ? 3.187   1.327   -14.485 1.00 28.02 ? 41  ASN A O   1 
ATOM   340  C  CB  . ASN A 1 49  ? 5.414   2.474   -15.907 1.00 27.73 ? 41  ASN A CB  1 
ATOM   341  C  CG  . ASN A 1 49  ? 6.140   3.334   -16.925 1.00 29.85 ? 41  ASN A CG  1 
ATOM   342  O  OD1 . ASN A 1 49  ? 5.614   4.351   -17.391 1.00 31.39 ? 41  ASN A OD1 1 
ATOM   343  N  ND2 . ASN A 1 49  ? 7.355   2.938   -17.269 1.00 34.30 ? 41  ASN A ND2 1 
ATOM   344  N  N   . ALA A 1 50  ? 3.442   2.866   -12.858 1.00 23.96 ? 42  ALA A N   1 
ATOM   345  C  CA  . ALA A 1 50  ? 2.569   2.199   -11.906 1.00 25.62 ? 42  ALA A CA  1 
ATOM   346  C  C   . ALA A 1 50  ? 1.107   2.469   -12.271 1.00 24.76 ? 42  ALA A C   1 
ATOM   347  O  O   . ALA A 1 50  ? 0.793   3.515   -12.866 1.00 26.79 ? 42  ALA A O   1 
ATOM   348  C  CB  . ALA A 1 50  ? 2.880   2.718   -10.481 1.00 24.40 ? 42  ALA A CB  1 
ATOM   349  N  N   . TYR A 1 51  ? 0.200   1.553   -11.916 1.00 21.66 ? 43  TYR A N   1 
ATOM   350  C  CA  . TYR A 1 51  ? -1.209  1.752   -12.203 1.00 20.30 ? 43  TYR A CA  1 
ATOM   351  C  C   . TYR A 1 51  ? -1.926  2.229   -10.941 1.00 22.49 ? 43  TYR A C   1 
ATOM   352  O  O   . TYR A 1 51  ? -1.515  1.881   -9.818  1.00 23.92 ? 43  TYR A O   1 
ATOM   353  C  CB  . TYR A 1 51  ? -1.866  0.446   -12.670 1.00 24.97 ? 43  TYR A CB  1 
ATOM   354  C  CG  . TYR A 1 51  ? -1.565  0.004   -14.094 1.00 25.44 ? 43  TYR A CG  1 
ATOM   355  C  CD1 . TYR A 1 51  ? -2.582  -0.047  -15.059 1.00 27.38 ? 43  TYR A CD1 1 
ATOM   356  C  CD2 . TYR A 1 51  ? -0.282  -0.387  -14.465 1.00 27.41 ? 43  TYR A CD2 1 
ATOM   357  C  CE1 . TYR A 1 51  ? -2.316  -0.480  -16.368 1.00 25.73 ? 43  TYR A CE1 1 
ATOM   358  C  CE2 . TYR A 1 51  ? -0.006  -0.809  -15.771 1.00 27.53 ? 43  TYR A CE2 1 
ATOM   359  C  CZ  . TYR A 1 51  ? -1.037  -0.857  -16.704 1.00 27.22 ? 43  TYR A CZ  1 
ATOM   360  O  OH  . TYR A 1 51  ? -0.767  -1.274  -17.983 1.00 28.20 ? 43  TYR A OH  1 
ATOM   361  N  N   . LEU A 1 52  ? -3.002  2.988   -11.113 1.00 24.56 ? 44  LEU A N   1 
ATOM   362  C  CA  . LEU A 1 52  ? -3.909  3.233   -9.998  1.00 29.41 ? 44  LEU A CA  1 
ATOM   363  C  C   . LEU A 1 52  ? -5.352  2.981   -10.406 1.00 29.96 ? 44  LEU A C   1 
ATOM   364  O  O   . LEU A 1 52  ? -5.702  3.028   -11.591 1.00 31.34 ? 44  LEU A O   1 
ATOM   365  C  CB  . LEU A 1 52  ? -3.705  4.623   -9.368  1.00 33.01 ? 44  LEU A CB  1 
ATOM   366  C  CG  . LEU A 1 52  ? -4.362  5.837   -10.017 1.00 32.50 ? 44  LEU A CG  1 
ATOM   367  C  CD1 . LEU A 1 52  ? -4.214  7.073   -9.126  1.00 35.09 ? 44  LEU A CD1 1 
ATOM   368  C  CD2 . LEU A 1 52  ? -3.773  6.088   -11.384 1.00 36.52 ? 44  LEU A CD2 1 
ATOM   369  N  N   . TYR A 1 53  ? -6.172  2.671   -9.414  1.00 31.24 ? 45  TYR A N   1 
ATOM   370  C  CA  . TYR A 1 53  ? -7.552  2.328   -9.634  1.00 28.71 ? 45  TYR A CA  1 
ATOM   371  C  C   . TYR A 1 53  ? -8.390  3.599   -9.579  1.00 30.67 ? 45  TYR A C   1 
ATOM   372  O  O   . TYR A 1 53  ? -8.686  4.112   -8.491  1.00 27.06 ? 45  TYR A O   1 
ATOM   373  C  CB  . TYR A 1 53  ? -8.010  1.320   -8.573  1.00 31.59 ? 45  TYR A CB  1 
ATOM   374  C  CG  . TYR A 1 53  ? -9.265  0.550   -8.934  1.00 31.92 ? 45  TYR A CG  1 
ATOM   375  C  CD1 . TYR A 1 53  ? -9.247  -0.435  -9.925  1.00 32.74 ? 45  TYR A CD1 1 
ATOM   376  C  CD2 . TYR A 1 53  ? -10.468 0.796   -8.270  1.00 31.23 ? 45  TYR A CD2 1 
ATOM   377  C  CE1 . TYR A 1 53  ? -10.401 -1.151  -10.253 1.00 31.58 ? 45  TYR A CE1 1 
ATOM   378  C  CE2 . TYR A 1 53  ? -11.625 0.090   -8.584  1.00 31.52 ? 45  TYR A CE2 1 
ATOM   379  C  CZ  . TYR A 1 53  ? -11.585 -0.879  -9.579  1.00 32.67 ? 45  TYR A CZ  1 
ATOM   380  O  OH  . TYR A 1 53  ? -12.732 -1.577  -9.889  1.00 35.47 ? 45  TYR A OH  1 
ATOM   381  N  N   . ILE A 1 54  ? -8.756  4.111   -10.756 1.00 33.03 ? 46  ILE A N   1 
ATOM   382  C  CA  . ILE A 1 54  ? -9.591  5.324   -10.852 1.00 37.78 ? 46  ILE A CA  1 
ATOM   383  C  C   . ILE A 1 54  ? -10.932 5.010   -11.478 1.00 41.06 ? 46  ILE A C   1 
ATOM   384  O  O   . ILE A 1 54  ? -10.994 4.427   -12.571 1.00 40.33 ? 46  ILE A O   1 
ATOM   385  C  CB  . ILE A 1 54  ? -8.977  6.443   -11.732 1.00 39.11 ? 46  ILE A CB  1 
ATOM   386  C  CG1 . ILE A 1 54  ? -7.463  6.499   -11.621 1.00 36.52 ? 46  ILE A CG1 1 
ATOM   387  C  CG2 . ILE A 1 54  ? -9.631  7.804   -11.400 1.00 40.31 ? 46  ILE A CG2 1 
ATOM   388  C  CD1 . ILE A 1 54  ? -6.825  7.243   -12.780 1.00 38.83 ? 46  ILE A CD1 1 
ATOM   389  N  N   . ASP A 1 55  ? -11.998 5.414   -10.784 1.00 43.91 ? 47  ASP A N   1 
ATOM   390  C  CA  . ASP A 1 55  ? -13.376 5.269   -11.269 1.00 46.08 ? 47  ASP A CA  1 
ATOM   391  C  C   . ASP A 1 55  ? -13.658 3.883   -11.870 1.00 44.71 ? 47  ASP A C   1 
ATOM   392  O  O   . ASP A 1 55  ? -14.184 3.763   -12.983 1.00 44.26 ? 47  ASP A O   1 
ATOM   393  C  CB  . ASP A 1 55  ? -13.721 6.401   -12.259 1.00 49.40 ? 47  ASP A CB  1 
ATOM   394  C  CG  . ASP A 1 55  ? -13.393 7.788   -11.706 1.00 51.94 ? 47  ASP A CG  1 
ATOM   395  O  OD1 . ASP A 1 55  ? -13.627 8.027   -10.499 1.00 53.42 ? 47  ASP A OD1 1 
ATOM   396  O  OD2 . ASP A 1 55  ? -12.900 8.643   -12.476 1.00 54.06 ? 47  ASP A OD2 1 
ATOM   397  N  N   . GLY A 1 56  ? -13.275 2.846   -11.125 1.00 42.93 ? 48  GLY A N   1 
ATOM   398  C  CA  . GLY A 1 56  ? -13.602 1.461   -11.462 1.00 41.55 ? 48  GLY A CA  1 
ATOM   399  C  C   . GLY A 1 56  ? -12.683 0.780   -12.458 1.00 40.88 ? 48  GLY A C   1 
ATOM   400  O  O   . GLY A 1 56  ? -12.988 -0.313  -12.933 1.00 39.58 ? 48  GLY A O   1 
ATOM   401  N  N   . LYS A 1 57  ? -11.554 1.416   -12.773 1.00 39.48 ? 49  LYS A N   1 
ATOM   402  C  CA  . LYS A 1 57  ? -10.615 0.879   -13.754 1.00 38.29 ? 49  LYS A CA  1 
ATOM   403  C  C   . LYS A 1 57  ? -9.161  1.170   -13.371 1.00 36.20 ? 49  LYS A C   1 
ATOM   404  O  O   . LYS A 1 57  ? -8.846  2.255   -12.874 1.00 36.35 ? 49  LYS A O   1 
ATOM   405  C  CB  . LYS A 1 57  ? -10.934 1.447   -15.146 1.00 40.35 ? 49  LYS A CB  1 
ATOM   406  C  CG  . LYS A 1 57  ? -10.014 0.970   -16.269 1.00 41.36 ? 49  LYS A CG  1 
ATOM   407  N  N   . TRP A 1 58  ? -8.287  0.189   -13.599 1.00 33.93 ? 50  TRP A N   1 
ATOM   408  C  CA  . TRP A 1 58  ? -6.853  0.380   -13.456 1.00 31.31 ? 50  TRP A CA  1 
ATOM   409  C  C   . TRP A 1 58  ? -6.328  1.192   -14.638 1.00 30.64 ? 50  TRP A C   1 
ATOM   410  O  O   . TRP A 1 58  ? -6.600  0.855   -15.800 1.00 30.55 ? 50  TRP A O   1 
ATOM   411  C  CB  . TRP A 1 58  ? -6.132  -0.961  -13.386 1.00 32.63 ? 50  TRP A CB  1 
ATOM   412  C  CG  . TRP A 1 58  ? -6.411  -1.760  -12.139 1.00 31.85 ? 50  TRP A CG  1 
ATOM   413  C  CD1 . TRP A 1 58  ? -7.180  -2.888  -12.039 1.00 32.82 ? 50  TRP A CD1 1 
ATOM   414  C  CD2 . TRP A 1 58  ? -5.911  -1.498  -10.812 1.00 32.17 ? 50  TRP A CD2 1 
ATOM   415  N  NE1 . TRP A 1 58  ? -7.194  -3.338  -10.737 1.00 31.98 ? 50  TRP A NE1 1 
ATOM   416  C  CE2 . TRP A 1 58  ? -6.421  -2.509  -9.966  1.00 32.41 ? 50  TRP A CE2 1 
ATOM   417  C  CE3 . TRP A 1 58  ? -5.080  -0.508  -10.262 1.00 32.04 ? 50  TRP A CE3 1 
ATOM   418  C  CZ2 . TRP A 1 58  ? -6.135  -2.558  -8.588  1.00 32.73 ? 50  TRP A CZ2 1 
ATOM   419  C  CZ3 . TRP A 1 58  ? -4.794  -0.559  -8.891  1.00 31.76 ? 50  TRP A CZ3 1 
ATOM   420  C  CH2 . TRP A 1 58  ? -5.323  -1.579  -8.074  1.00 31.61 ? 50  TRP A CH2 1 
ATOM   421  N  N   . GLU A 1 59  ? -5.597  2.268   -14.334 1.00 29.74 ? 51  GLU A N   1 
ATOM   422  C  CA  . GLU A 1 59  ? -5.049  3.178   -15.346 1.00 27.50 ? 51  GLU A CA  1 
ATOM   423  C  C   . GLU A 1 59  ? -3.573  3.422   -15.100 1.00 26.69 ? 51  GLU A C   1 
ATOM   424  O  O   . GLU A 1 59  ? -3.175  3.689   -13.962 1.00 27.39 ? 51  GLU A O   1 
ATOM   425  C  CB  . GLU A 1 59  ? -5.765  4.534   -15.280 1.00 30.92 ? 51  GLU A CB  1 
ATOM   426  C  CG  . GLU A 1 59  ? -7.269  4.498   -15.462 1.00 35.72 ? 51  GLU A CG  1 
ATOM   427  C  CD  . GLU A 1 59  ? -7.691  4.285   -16.903 1.00 41.05 ? 51  GLU A CD  1 
ATOM   428  O  OE1 . GLU A 1 59  ? -6.837  4.419   -17.810 1.00 44.13 ? 51  GLU A OE1 1 
ATOM   429  O  OE2 . GLU A 1 59  ? -8.884  3.986   -17.129 1.00 44.71 ? 51  GLU A OE2 1 
ATOM   430  N  N   . GLU A 1 60  ? -2.758  3.361   -16.155 1.00 23.04 ? 52  GLU A N   1 
ATOM   431  C  CA  . GLU A 1 60  ? -1.321  3.554   -15.996 1.00 22.13 ? 52  GLU A CA  1 
ATOM   432  C  C   . GLU A 1 60  ? -0.925  5.012   -15.823 1.00 23.29 ? 52  GLU A C   1 
ATOM   433  O  O   . GLU A 1 60  ? -1.389  5.881   -16.551 1.00 23.07 ? 52  GLU A O   1 
ATOM   434  C  CB  . GLU A 1 60  ? -0.549  2.935   -17.170 1.00 23.15 ? 52  GLU A CB  1 
ATOM   435  C  CG  . GLU A 1 60  ? 0.939   2.844   -16.921 1.00 25.73 ? 52  GLU A CG  1 
ATOM   436  C  CD  . GLU A 1 60  ? 1.702   2.249   -18.083 1.00 28.49 ? 52  GLU A CD  1 
ATOM   437  O  OE1 . GLU A 1 60  ? 1.054   1.770   -19.037 1.00 30.77 ? 52  GLU A OE1 1 
ATOM   438  O  OE2 . GLU A 1 60  ? 2.950   2.258   -18.028 1.00 28.88 ? 52  GLU A OE2 1 
HETATM 439  N  N   . MSE A 1 61  ? -0.077  5.266   -14.832 1.00 22.65 ? 53  MSE A N   1 
HETATM 440  C  CA  . MSE A 1 61  ? 0.549   6.568   -14.665 1.00 21.87 ? 53  MSE A CA  1 
HETATM 441  C  C   . MSE A 1 61  ? 1.888   6.550   -15.382 1.00 22.93 ? 53  MSE A C   1 
HETATM 442  O  O   . MSE A 1 61  ? 2.850   5.978   -14.891 1.00 21.77 ? 53  MSE A O   1 
HETATM 443  C  CB  . MSE A 1 61  ? 0.768   6.880   -13.178 1.00 24.83 ? 53  MSE A CB  1 
HETATM 444  C  CG  . MSE A 1 61  ? -0.485  6.836   -12.367 1.00 22.39 ? 53  MSE A CG  1 
HETATM 445  SE SE  . MSE A 1 61  ? -0.166  7.185   -10.434 1.00 28.53 ? 53  MSE A SE  1 
HETATM 446  C  CE  . MSE A 1 61  ? 0.502   5.393   -9.934  1.00 27.36 ? 53  MSE A CE  1 
ATOM   447  N  N   . LYS A 1 62  ? 1.959   7.183   -16.558 1.00 24.22 ? 54  LYS A N   1 
ATOM   448  C  CA  . LYS A 1 62  ? 3.245   7.283   -17.260 1.00 26.05 ? 54  LYS A CA  1 
ATOM   449  C  C   . LYS A 1 62  ? 4.151   8.351   -16.613 1.00 25.90 ? 54  LYS A C   1 
ATOM   450  O  O   . LYS A 1 62  ? 5.360   8.425   -16.885 1.00 31.10 ? 54  LYS A O   1 
ATOM   451  C  CB  . LYS A 1 62  ? 3.031   7.585   -18.751 1.00 31.38 ? 54  LYS A CB  1 
ATOM   452  C  CG  . LYS A 1 62  ? 1.966   6.732   -19.424 1.00 35.44 ? 54  LYS A CG  1 
ATOM   453  C  CD  . LYS A 1 62  ? 2.512   5.408   -19.947 1.00 39.91 ? 54  LYS A CD  1 
ATOM   454  C  CE  . LYS A 1 62  ? 1.523   4.776   -20.915 1.00 41.62 ? 54  LYS A CE  1 
ATOM   455  N  NZ  . LYS A 1 62  ? 2.175   3.816   -21.861 1.00 44.95 ? 54  LYS A NZ  1 
ATOM   456  N  N   . TYR A 1 63  ? 3.555   9.186   -15.769 1.00 22.79 ? 55  TYR A N   1 
ATOM   457  C  CA  . TYR A 1 63  ? 4.281   10.141  -14.953 1.00 15.95 ? 55  TYR A CA  1 
ATOM   458  C  C   . TYR A 1 63  ? 4.810   9.494   -13.637 1.00 18.20 ? 55  TYR A C   1 
ATOM   459  O  O   . TYR A 1 63  ? 4.282   8.479   -13.214 1.00 22.62 ? 55  TYR A O   1 
ATOM   460  C  CB  . TYR A 1 63  ? 3.362   11.293  -14.619 1.00 22.61 ? 55  TYR A CB  1 
ATOM   461  C  CG  . TYR A 1 63  ? 2.050   10.914  -13.954 1.00 21.84 ? 55  TYR A CG  1 
ATOM   462  C  CD1 . TYR A 1 63  ? 1.926   10.922  -12.549 1.00 23.82 ? 55  TYR A CD1 1 
ATOM   463  C  CD2 . TYR A 1 63  ? 0.917   10.603  -14.717 1.00 22.00 ? 55  TYR A CD2 1 
ATOM   464  C  CE1 . TYR A 1 63  ? 0.721   10.612  -11.941 1.00 21.87 ? 55  TYR A CE1 1 
ATOM   465  C  CE2 . TYR A 1 63  ? -0.302  10.279  -14.110 1.00 22.08 ? 55  TYR A CE2 1 
ATOM   466  C  CZ  . TYR A 1 63  ? -0.386  10.288  -12.717 1.00 22.07 ? 55  TYR A CZ  1 
ATOM   467  O  OH  . TYR A 1 63  ? -1.590  9.978   -12.119 1.00 22.99 ? 55  TYR A OH  1 
ATOM   468  N  N   . PRO A 1 64  ? 5.858   10.082  -13.035 1.00 20.24 ? 56  PRO A N   1 
ATOM   469  C  CA  . PRO A 1 64  ? 6.409   9.508   -11.803 1.00 17.82 ? 56  PRO A CA  1 
ATOM   470  C  C   . PRO A 1 64  ? 5.553   9.902   -10.612 1.00 19.44 ? 56  PRO A C   1 
ATOM   471  O  O   . PRO A 1 64  ? 4.866   10.919  -10.622 1.00 19.83 ? 56  PRO A O   1 
ATOM   472  C  CB  . PRO A 1 64  ? 7.754   10.189  -11.676 1.00 19.38 ? 56  PRO A CB  1 
ATOM   473  C  CG  . PRO A 1 64  ? 7.525   11.556  -12.282 1.00 19.76 ? 56  PRO A CG  1 
ATOM   474  C  CD  . PRO A 1 64  ? 6.624   11.266  -13.456 1.00 19.04 ? 56  PRO A CD  1 
ATOM   475  N  N   . HIS A 1 65  ? 5.595   9.087   -9.570  1.00 18.86 ? 57  HIS A N   1 
ATOM   476  C  CA  . HIS A 1 65  ? 5.057   9.515   -8.303  1.00 17.77 ? 57  HIS A CA  1 
ATOM   477  C  C   . HIS A 1 65  ? 6.090   9.141   -7.235  1.00 18.05 ? 57  HIS A C   1 
ATOM   478  O  O   . HIS A 1 65  ? 6.892   8.223   -7.480  1.00 18.05 ? 57  HIS A O   1 
ATOM   479  C  CB  . HIS A 1 65  ? 3.701   8.857   -8.040  1.00 18.41 ? 57  HIS A CB  1 
ATOM   480  C  CG  . HIS A 1 65  ? 3.779   7.422   -7.635  1.00 20.28 ? 57  HIS A CG  1 
ATOM   481  N  ND1 . HIS A 1 65  ? 3.635   6.387   -8.532  1.00 21.23 ? 57  HIS A ND1 1 
ATOM   482  C  CD2 . HIS A 1 65  ? 3.962   6.845   -6.418  1.00 17.00 ? 57  HIS A CD2 1 
ATOM   483  C  CE1 . HIS A 1 65  ? 3.738   5.233   -7.893  1.00 24.00 ? 57  HIS A CE1 1 
ATOM   484  N  NE2 . HIS A 1 65  ? 3.930   5.486   -6.608  1.00 19.91 ? 57  HIS A NE2 1 
ATOM   485  N  N   . PRO A 1 66  ? 6.085   9.858   -6.081  1.00 18.84 ? 58  PRO A N   1 
ATOM   486  C  CA  . PRO A 1 66  ? 7.116   9.612   -5.046  1.00 19.69 ? 58  PRO A CA  1 
ATOM   487  C  C   . PRO A 1 66  ? 6.802   8.405   -4.149  1.00 21.58 ? 58  PRO A C   1 
ATOM   488  O  O   . PRO A 1 66  ? 5.644   8.155   -3.824  1.00 19.88 ? 58  PRO A O   1 
ATOM   489  C  CB  . PRO A 1 66  ? 7.129   10.917  -4.244  1.00 20.91 ? 58  PRO A CB  1 
ATOM   490  C  CG  . PRO A 1 66  ? 5.674   11.410  -4.322  1.00 18.85 ? 58  PRO A CG  1 
ATOM   491  C  CD  . PRO A 1 66  ? 5.159   10.949  -5.698  1.00 18.99 ? 58  PRO A CD  1 
ATOM   492  N  N   . ALA A 1 67  ? 7.837   7.649   -3.782  1.00 18.07 ? 59  ALA A N   1 
ATOM   493  C  CA  . ALA A 1 67  ? 7.662   6.540   -2.831  1.00 17.40 ? 59  ALA A CA  1 
ATOM   494  C  C   . ALA A 1 67  ? 8.986   6.271   -2.151  1.00 18.56 ? 59  ALA A C   1 
ATOM   495  O  O   . ALA A 1 67  ? 10.043  6.532   -2.716  1.00 19.12 ? 59  ALA A O   1 
ATOM   496  C  CB  . ALA A 1 67  ? 7.134   5.276   -3.540  1.00 19.18 ? 59  ALA A CB  1 
ATOM   497  N  N   . PHE A 1 68  ? 8.936   5.716   -0.940  1.00 16.61 ? 60  PHE A N   1 
ATOM   498  C  CA  . PHE A 1 68  ? 10.172  5.316   -0.243  1.00 16.12 ? 60  PHE A CA  1 
ATOM   499  C  C   . PHE A 1 68  ? 9.987   3.942   0.381   1.00 17.97 ? 60  PHE A C   1 
ATOM   500  O  O   . PHE A 1 68  ? 8.906   3.636   0.886   1.00 16.70 ? 60  PHE A O   1 
ATOM   501  C  CB  . PHE A 1 68  ? 10.633  6.354   0.800   1.00 17.41 ? 60  PHE A CB  1 
ATOM   502  C  CG  . PHE A 1 68  ? 9.620   6.672   1.872   1.00 16.71 ? 60  PHE A CG  1 
ATOM   503  C  CD1 . PHE A 1 68  ? 9.639   5.978   3.104   1.00 17.23 ? 60  PHE A CD1 1 
ATOM   504  C  CD2 . PHE A 1 68  ? 8.651   7.669   1.677   1.00 18.05 ? 60  PHE A CD2 1 
ATOM   505  C  CE1 . PHE A 1 68  ? 8.717   6.293   4.111   1.00 17.05 ? 60  PHE A CE1 1 
ATOM   506  C  CE2 . PHE A 1 68  ? 7.740   7.981   2.671   1.00 16.24 ? 60  PHE A CE2 1 
ATOM   507  C  CZ  . PHE A 1 68  ? 7.761   7.267   3.901   1.00 15.27 ? 60  PHE A CZ  1 
ATOM   508  N  N   . ALA A 1 69  ? 11.038  3.119   0.309   1.00 15.63 ? 61  ALA A N   1 
ATOM   509  C  CA  . ALA A 1 69  ? 11.034  1.769   0.893   1.00 16.73 ? 61  ALA A CA  1 
ATOM   510  C  C   . ALA A 1 69  ? 11.084  1.795   2.419   1.00 15.45 ? 61  ALA A C   1 
ATOM   511  O  O   . ALA A 1 69  ? 11.758  2.653   3.033   1.00 16.34 ? 61  ALA A O   1 
ATOM   512  C  CB  . ALA A 1 69  ? 12.257  0.997   0.373   1.00 19.26 ? 61  ALA A CB  1 
ATOM   513  N  N   . VAL A 1 70  ? 10.365  0.843   3.011   1.00 15.17 ? 62  VAL A N   1 
ATOM   514  C  CA  . VAL A 1 70  ? 10.444  0.523   4.440   1.00 15.87 ? 62  VAL A CA  1 
ATOM   515  C  C   . VAL A 1 70  ? 10.691  -0.985  4.497   1.00 16.16 ? 62  VAL A C   1 
ATOM   516  O  O   . VAL A 1 70  ? 9.827   -1.765  4.161   1.00 17.50 ? 62  VAL A O   1 
ATOM   517  C  CB  . VAL A 1 70  ? 9.145   0.868   5.202   1.00 14.75 ? 62  VAL A CB  1 
ATOM   518  C  CG1 . VAL A 1 70  ? 9.306   0.550   6.717   1.00 17.46 ? 62  VAL A CG1 1 
ATOM   519  C  CG2 . VAL A 1 70  ? 8.720   2.338   4.996   1.00 16.71 ? 62  VAL A CG2 1 
ATOM   520  N  N   . LYS A 1 71  ? 11.900  -1.381  4.875   1.00 18.57 ? 63  LYS A N   1 
ATOM   521  C  CA  . LYS A 1 71  ? 12.275  -2.800  4.850   1.00 16.94 ? 63  LYS A CA  1 
ATOM   522  C  C   . LYS A 1 71  ? 11.728  -3.498  6.096   1.00 15.36 ? 63  LYS A C   1 
ATOM   523  O  O   . LYS A 1 71  ? 11.677  -2.893  7.157   1.00 17.48 ? 63  LYS A O   1 
ATOM   524  C  CB  . LYS A 1 71  ? 13.781  -2.941  4.789   1.00 21.06 ? 63  LYS A CB  1 
ATOM   525  C  CG  . LYS A 1 71  ? 14.408  -2.225  3.592   1.00 25.36 ? 63  LYS A CG  1 
ATOM   526  C  CD  . LYS A 1 71  ? 15.855  -2.646  3.434   1.00 28.44 ? 63  LYS A CD  1 
ATOM   527  C  CE  . LYS A 1 71  ? 16.433  -2.064  2.167   1.00 33.74 ? 63  LYS A CE  1 
ATOM   528  N  NZ  . LYS A 1 71  ? 17.725  -2.743  1.850   1.00 35.95 ? 63  LYS A NZ  1 
ATOM   529  N  N   . PRO A 1 72  ? 11.313  -4.771  5.973   1.00 17.22 ? 64  PRO A N   1 
ATOM   530  C  CA  . PRO A 1 72  ? 11.335  -5.607  4.785   1.00 18.89 ? 64  PRO A CA  1 
ATOM   531  C  C   . PRO A 1 72  ? 10.022  -5.543  4.005   1.00 17.49 ? 64  PRO A C   1 
ATOM   532  O  O   . PRO A 1 72  ? 8.930   -5.698  4.578   1.00 18.88 ? 64  PRO A O   1 
ATOM   533  C  CB  . PRO A 1 72  ? 11.548  -7.012  5.371   1.00 19.71 ? 64  PRO A CB  1 
ATOM   534  C  CG  . PRO A 1 72  ? 10.808  -6.967  6.693   1.00 19.35 ? 64  PRO A CG  1 
ATOM   535  C  CD  . PRO A 1 72  ? 10.794  -5.513  7.144   1.00 18.94 ? 64  PRO A CD  1 
ATOM   536  N  N   . GLY A 1 73  ? 10.131  -5.304  2.696   1.00 18.17 ? 65  GLY A N   1 
ATOM   537  C  CA  . GLY A 1 73  ? 8.997   -5.527  1.794   1.00 17.65 ? 65  GLY A CA  1 
ATOM   538  C  C   . GLY A 1 73  ? 7.955   -4.429  1.751   1.00 16.00 ? 65  GLY A C   1 
ATOM   539  O  O   . GLY A 1 73  ? 6.884   -4.593  1.138   1.00 19.35 ? 65  GLY A O   1 
ATOM   540  N  N   . GLY A 1 74  ? 8.282   -3.281  2.347   1.00 18.17 ? 66  GLY A N   1 
ATOM   541  C  CA  . GLY A 1 74  ? 7.338   -2.165  2.418   1.00 15.91 ? 66  GLY A CA  1 
ATOM   542  C  C   . GLY A 1 74  ? 7.675   -0.983  1.506   1.00 17.33 ? 66  GLY A C   1 
ATOM   543  O  O   . GLY A 1 74  ? 8.846   -0.784  1.148   1.00 17.88 ? 66  GLY A O   1 
ATOM   544  N  N   . GLU A 1 75  ? 6.629   -0.228  1.147   1.00 17.79 ? 67  GLU A N   1 
ATOM   545  C  CA  . GLU A 1 75  ? 6.728   1.038   0.392   1.00 15.50 ? 67  GLU A CA  1 
ATOM   546  C  C   . GLU A 1 75  ? 5.664   1.990   0.906   1.00 14.73 ? 67  GLU A C   1 
ATOM   547  O  O   . GLU A 1 75  ? 4.529   1.583   1.152   1.00 16.25 ? 67  GLU A O   1 
ATOM   548  C  CB  A GLU A 1 75  ? 6.535   0.809   -1.121  0.65 19.53 ? 67  GLU A CB  1 
ATOM   549  C  CB  B GLU A 1 75  ? 6.532   0.780   -1.113  0.35 16.20 ? 67  GLU A CB  1 
ATOM   550  C  CG  A GLU A 1 75  ? 7.624   -0.044  -1.798  0.65 24.43 ? 67  GLU A CG  1 
ATOM   551  C  CG  B GLU A 1 75  ? 6.459   2.036   -1.971  0.35 16.01 ? 67  GLU A CG  1 
ATOM   552  C  CD  A GLU A 1 75  ? 8.917   0.721   -2.109  0.65 24.50 ? 67  GLU A CD  1 
ATOM   553  C  CD  B GLU A 1 75  ? 6.522   1.746   -3.470  0.35 17.37 ? 67  GLU A CD  1 
ATOM   554  O  OE1 A GLU A 1 75  ? 8.944   1.964   -1.995  0.65 26.71 ? 67  GLU A OE1 1 
ATOM   555  O  OE1 B GLU A 1 75  ? 5.500   1.921   -4.189  0.35 14.14 ? 67  GLU A OE1 1 
ATOM   556  O  OE2 A GLU A 1 75  ? 9.916   0.063   -2.475  0.65 28.15 ? 67  GLU A OE2 1 
ATOM   557  O  OE2 B GLU A 1 75  ? 7.607   1.341   -3.933  0.35 21.78 ? 67  GLU A OE2 1 
ATOM   558  N  N   . VAL A 1 76  ? 6.032   3.260   1.072   1.00 13.07 ? 68  VAL A N   1 
ATOM   559  C  CA  . VAL A 1 76  ? 5.056   4.299   1.396   1.00 12.57 ? 68  VAL A CA  1 
ATOM   560  C  C   . VAL A 1 76  ? 5.187   5.361   0.309   1.00 14.46 ? 68  VAL A C   1 
ATOM   561  O  O   . VAL A 1 76  ? 6.297   5.731   -0.069  1.00 15.90 ? 68  VAL A O   1 
ATOM   562  C  CB  . VAL A 1 76  ? 5.393   4.931   2.727   1.00 14.45 ? 68  VAL A CB  1 
ATOM   563  C  CG1 . VAL A 1 76  ? 4.465   6.098   3.038   1.00 16.16 ? 68  VAL A CG1 1 
ATOM   564  C  CG2 . VAL A 1 76  ? 5.325   3.851   3.815   1.00 13.67 ? 68  VAL A CG2 1 
ATOM   565  N  N   . GLY A 1 77  ? 4.064   5.868   -0.170  1.00 14.58 ? 69  GLY A N   1 
ATOM   566  C  CA  . GLY A 1 77  ? 4.143   6.884   -1.260  1.00 16.54 ? 69  GLY A CA  1 
ATOM   567  C  C   . GLY A 1 77  ? 2.884   7.708   -1.408  1.00 17.61 ? 69  GLY A C   1 
ATOM   568  O  O   . GLY A 1 77  ? 1.981   7.655   -0.562  1.00 15.07 ? 69  GLY A O   1 
ATOM   569  N  N   . ALA A 1 78  ? 2.825   8.500   -2.478  1.00 16.49 ? 70  ALA A N   1 
ATOM   570  C  CA  . ALA A 1 78  ? 1.613   9.273   -2.750  1.00 16.41 ? 70  ALA A CA  1 
ATOM   571  C  C   . ALA A 1 78  ? 1.412   9.296   -4.240  1.00 17.29 ? 70  ALA A C   1 
ATOM   572  O  O   . ALA A 1 78  ? 2.392   9.255   -5.014  1.00 18.80 ? 70  ALA A O   1 
ATOM   573  C  CB  . ALA A 1 78  ? 1.729   10.693  -2.214  1.00 17.21 ? 70  ALA A CB  1 
ATOM   574  N  N   . THR A 1 79  ? 0.145   9.316   -4.628  1.00 17.28 ? 71  THR A N   1 
ATOM   575  C  CA  . THR A 1 79  ? -0.262  9.508   -6.029  1.00 17.88 ? 71  THR A CA  1 
ATOM   576  C  C   . THR A 1 79  ? -1.276  10.659  -5.986  1.00 18.05 ? 71  THR A C   1 
ATOM   577  O  O   . THR A 1 79  ? -1.590  11.183  -4.922  1.00 17.18 ? 71  THR A O   1 
ATOM   578  C  CB  . THR A 1 79  ? -1.000  8.271   -6.559  1.00 18.62 ? 71  THR A CB  1 
ATOM   579  O  OG1 . THR A 1 79  ? -2.240  8.165   -5.866  1.00 19.40 ? 71  THR A OG1 1 
ATOM   580  C  CG2 . THR A 1 79  ? -0.167  6.956   -6.374  1.00 17.70 ? 71  THR A CG2 1 
ATOM   581  N  N   . PRO A 1 80  ? -1.814  11.071  -7.150  1.00 19.28 ? 72  PRO A N   1 
ATOM   582  C  CA  . PRO A 1 80  ? -2.846  12.119  -7.079  1.00 19.89 ? 72  PRO A CA  1 
ATOM   583  C  C   . PRO A 1 80  ? -4.072  11.767  -6.209  1.00 19.75 ? 72  PRO A C   1 
ATOM   584  O  O   . PRO A 1 80  ? -4.853  12.658  -5.844  1.00 21.20 ? 72  PRO A O   1 
ATOM   585  C  CB  . PRO A 1 80  ? -3.246  12.305  -8.549  1.00 20.08 ? 72  PRO A CB  1 
ATOM   586  C  CG  . PRO A 1 80  ? -1.999  11.913  -9.321  1.00 18.62 ? 72  PRO A CG  1 
ATOM   587  C  CD  . PRO A 1 80  ? -1.489  10.713  -8.547  1.00 20.36 ? 72  PRO A CD  1 
ATOM   588  N  N   . GLN A 1 81  ? -4.228  10.485  -5.881  1.00 18.63 ? 73  GLN A N   1 
ATOM   589  C  CA  . GLN A 1 81  ? -5.313  10.037  -4.967  1.00 22.59 ? 73  GLN A CA  1 
ATOM   590  C  C   . GLN A 1 81  ? -5.005  10.295  -3.494  1.00 22.31 ? 73  GLN A C   1 
ATOM   591  O  O   . GLN A 1 81  ? -5.928  10.410  -2.657  1.00 22.80 ? 73  GLN A O   1 
ATOM   592  C  CB  . GLN A 1 81  ? -5.600  8.553   -5.148  1.00 23.70 ? 73  GLN A CB  1 
ATOM   593  C  CG  . GLN A 1 81  ? -6.428  8.199   -6.372  1.00 27.59 ? 73  GLN A CG  1 
ATOM   594  C  CD  . GLN A 1 81  ? -6.739  6.703   -6.456  1.00 29.00 ? 73  GLN A CD  1 
ATOM   595  O  OE1 . GLN A 1 81  ? -5.923  5.862   -6.082  1.00 29.76 ? 73  GLN A OE1 1 
ATOM   596  N  NE2 . GLN A 1 81  ? -7.920  6.379   -6.948  1.00 31.97 ? 73  GLN A NE2 1 
ATOM   597  N  N   . GLY A 1 82  ? -3.718  10.379  -3.177  1.00 18.26 ? 74  GLY A N   1 
ATOM   598  C  CA  . GLY A 1 82  ? -3.272  10.548  -1.785  1.00 20.46 ? 74  GLY A CA  1 
ATOM   599  C  C   . GLY A 1 82  ? -2.193  9.560   -1.377  1.00 19.27 ? 74  GLY A C   1 
ATOM   600  O  O   . GLY A 1 82  ? -1.533  8.955   -2.225  1.00 17.93 ? 74  GLY A O   1 
ATOM   601  N  N   . PHE A 1 83  ? -2.012  9.414   -0.057  1.00 18.00 ? 75  PHE A N   1 
ATOM   602  C  CA  . PHE A 1 83  ? -1.013  8.509   0.494   1.00 16.47 ? 75  PHE A CA  1 
ATOM   603  C  C   . PHE A 1 83  ? -1.415  7.032   0.320   1.00 14.32 ? 75  PHE A C   1 
ATOM   604  O  O   . PHE A 1 83  ? -2.609  6.679   0.299   1.00 14.58 ? 75  PHE A O   1 
ATOM   605  C  CB  . PHE A 1 83  ? -0.888  8.694   2.004   1.00 20.04 ? 75  PHE A CB  1 
ATOM   606  C  CG  . PHE A 1 83  ? -0.354  10.020  2.452   1.00 22.10 ? 75  PHE A CG  1 
ATOM   607  C  CD1 . PHE A 1 83  ? 0.994   10.369  2.256   1.00 23.63 ? 75  PHE A CD1 1 
ATOM   608  C  CD2 . PHE A 1 83  ? -1.175  10.892  3.166   1.00 23.69 ? 75  PHE A CD2 1 
ATOM   609  C  CE1 . PHE A 1 83  ? 1.493   11.584  2.727   1.00 23.33 ? 75  PHE A CE1 1 
ATOM   610  C  CE2 . PHE A 1 83  ? -0.683  12.112  3.651   1.00 21.70 ? 75  PHE A CE2 1 
ATOM   611  C  CZ  . PHE A 1 83  ? 0.649   12.462  3.429   1.00 23.18 ? 75  PHE A CZ  1 
ATOM   612  N  N   . TYR A 1 84  ? -0.410  6.169   0.269   1.00 13.64 ? 76  TYR A N   1 
ATOM   613  C  CA  . TYR A 1 84  ? -0.627  4.732   0.394   1.00 13.80 ? 76  TYR A CA  1 
ATOM   614  C  C   . TYR A 1 84  ? 0.586   4.101   1.074   1.00 14.51 ? 76  TYR A C   1 
ATOM   615  O  O   . TYR A 1 84  ? 1.671   4.693   1.123   1.00 14.68 ? 76  TYR A O   1 
ATOM   616  C  CB  . TYR A 1 84  ? -0.858  4.088   -0.972  1.00 15.14 ? 76  TYR A CB  1 
ATOM   617  C  CG  . TYR A 1 84  ? 0.396   4.075   -1.818  1.00 16.10 ? 76  TYR A CG  1 
ATOM   618  C  CD1 . TYR A 1 84  ? 1.269   3.002   -1.761  1.00 15.70 ? 76  TYR A CD1 1 
ATOM   619  C  CD2 . TYR A 1 84  ? 0.736   5.171   -2.623  1.00 15.91 ? 76  TYR A CD2 1 
ATOM   620  C  CE1 . TYR A 1 84  ? 2.471   2.993   -2.508  1.00 16.54 ? 76  TYR A CE1 1 
ATOM   621  C  CE2 . TYR A 1 84  ? 1.923   5.166   -3.376  1.00 16.66 ? 76  TYR A CE2 1 
ATOM   622  C  CZ  . TYR A 1 84  ? 2.768   4.084   -3.315  1.00 18.49 ? 76  TYR A CZ  1 
ATOM   623  O  OH  . TYR A 1 84  ? 3.944   4.077   -4.044  1.00 19.49 ? 76  TYR A OH  1 
ATOM   624  N  N   . PHE A 1 85  ? 0.392   2.905   1.621   1.00 13.59 ? 77  PHE A N   1 
ATOM   625  C  CA  . PHE A 1 85  ? 1.523   2.059   1.937   1.00 13.78 ? 77  PHE A CA  1 
ATOM   626  C  C   . PHE A 1 85  ? 1.179   0.651   1.506   1.00 12.66 ? 77  PHE A C   1 
ATOM   627  O  O   . PHE A 1 85  ? 0.007   0.300   1.337   1.00 14.65 ? 77  PHE A O   1 
ATOM   628  C  CB  . PHE A 1 85  ? 1.915   2.135   3.429   1.00 14.98 ? 77  PHE A CB  1 
ATOM   629  C  CG  . PHE A 1 85  ? 0.862   1.589   4.365   1.00 15.51 ? 77  PHE A CG  1 
ATOM   630  C  CD1 . PHE A 1 85  ? 0.873   0.245   4.718   1.00 17.78 ? 77  PHE A CD1 1 
ATOM   631  C  CD2 . PHE A 1 85  ? -0.110  2.425   4.898   1.00 16.69 ? 77  PHE A CD2 1 
ATOM   632  C  CE1 . PHE A 1 85  ? -0.089  -0.280  5.593   1.00 18.41 ? 77  PHE A CE1 1 
ATOM   633  C  CE2 . PHE A 1 85  ? -1.109  1.902   5.764   1.00 16.88 ? 77  PHE A CE2 1 
ATOM   634  C  CZ  . PHE A 1 85  ? -1.091  0.543   6.095   1.00 16.15 ? 77  PHE A CZ  1 
ATOM   635  N  N   . VAL A 1 86  ? 2.222   -0.132  1.280   1.00 15.11 ? 78  VAL A N   1 
ATOM   636  C  CA  . VAL A 1 86  ? 2.052   -1.514  0.844   1.00 15.20 ? 78  VAL A CA  1 
ATOM   637  C  C   . VAL A 1 86  ? 3.165   -2.354  1.438   1.00 17.18 ? 78  VAL A C   1 
ATOM   638  O  O   . VAL A 1 86  ? 4.315   -1.902  1.484   1.00 15.17 ? 78  VAL A O   1 
ATOM   639  C  CB  . VAL A 1 86  ? 2.032   -1.620  -0.723  1.00 18.09 ? 78  VAL A CB  1 
ATOM   640  C  CG1 . VAL A 1 86  ? 3.243   -0.954  -1.339  1.00 18.83 ? 78  VAL A CG1 1 
ATOM   641  C  CG2 . VAL A 1 86  ? 1.874   -3.086  -1.195  1.00 18.39 ? 78  VAL A CG2 1 
ATOM   642  N  N   . PHE A 1 87  ? 2.832   -3.566  1.902   1.00 16.00 ? 79  PHE A N   1 
ATOM   643  C  CA  . PHE A 1 87  ? 3.846   -4.525  2.321   1.00 16.10 ? 79  PHE A CA  1 
ATOM   644  C  C   . PHE A 1 87  ? 3.660   -5.812  1.553   1.00 15.25 ? 79  PHE A C   1 
ATOM   645  O  O   . PHE A 1 87  ? 2.521   -6.246  1.354   1.00 17.99 ? 79  PHE A O   1 
ATOM   646  C  CB  . PHE A 1 87  ? 3.719   -4.832  3.809   1.00 17.61 ? 79  PHE A CB  1 
ATOM   647  C  CG  . PHE A 1 87  ? 4.385   -3.800  4.690   1.00 16.34 ? 79  PHE A CG  1 
ATOM   648  C  CD1 . PHE A 1 87  ? 5.713   -3.952  5.049   1.00 15.80 ? 79  PHE A CD1 1 
ATOM   649  C  CD2 . PHE A 1 87  ? 3.674   -2.705  5.151   1.00 20.02 ? 79  PHE A CD2 1 
ATOM   650  C  CE1 . PHE A 1 87  ? 6.355   -3.011  5.854   1.00 20.74 ? 79  PHE A CE1 1 
ATOM   651  C  CE2 . PHE A 1 87  ? 4.317   -1.741  5.979   1.00 22.03 ? 79  PHE A CE2 1 
ATOM   652  C  CZ  . PHE A 1 87  ? 5.643   -1.913  6.314   1.00 18.67 ? 79  PHE A CZ  1 
ATOM   653  N  N   . ALA A 1 88  ? 4.783   -6.409  1.159   1.00 17.40 ? 80  ALA A N   1 
ATOM   654  C  CA  . ALA A 1 88  ? 4.796   -7.678  0.428   1.00 18.63 ? 80  ALA A CA  1 
ATOM   655  C  C   . ALA A 1 88  ? 5.303   -8.760  1.356   1.00 19.94 ? 80  ALA A C   1 
ATOM   656  O  O   . ALA A 1 88  ? 6.325   -8.564  2.046   1.00 19.84 ? 80  ALA A O   1 
ATOM   657  C  CB  . ALA A 1 88  ? 5.700   -7.577  -0.794  1.00 22.79 ? 80  ALA A CB  1 
ATOM   658  N  N   . PHE A 1 89  ? 4.636   -9.914  1.342   1.00 19.15 ? 81  PHE A N   1 
ATOM   659  C  CA  . PHE A 1 89  ? 5.063   -11.063 2.134   1.00 18.97 ? 81  PHE A CA  1 
ATOM   660  C  C   . PHE A 1 89  ? 5.063   -12.334 1.268   1.00 22.90 ? 81  PHE A C   1 
ATOM   661  O  O   . PHE A 1 89  ? 4.178   -12.482 0.408   1.00 22.36 ? 81  PHE A O   1 
ATOM   662  C  CB  . PHE A 1 89  ? 4.140   -11.278 3.331   1.00 20.22 ? 81  PHE A CB  1 
ATOM   663  C  CG  . PHE A 1 89  ? 4.067   -10.100 4.278   1.00 20.62 ? 81  PHE A CG  1 
ATOM   664  C  CD1 . PHE A 1 89  ? 5.172   -9.749  5.061   1.00 21.51 ? 81  PHE A CD1 1 
ATOM   665  C  CD2 . PHE A 1 89  ? 2.889   -9.372  4.416   1.00 21.20 ? 81  PHE A CD2 1 
ATOM   666  C  CE1 . PHE A 1 89  ? 5.097   -8.650  5.945   1.00 19.42 ? 81  PHE A CE1 1 
ATOM   667  C  CE2 . PHE A 1 89  ? 2.811   -8.298  5.306   1.00 21.04 ? 81  PHE A CE2 1 
ATOM   668  C  CZ  . PHE A 1 89  ? 3.926   -7.944  6.064   1.00 19.98 ? 81  PHE A CZ  1 
ATOM   669  N  N   . PRO A 1 90  ? 6.038   -13.245 1.497   1.00 26.28 ? 82  PRO A N   1 
ATOM   670  C  CA  . PRO A 1 90  ? 5.987   -14.536 0.796   1.00 26.62 ? 82  PRO A CA  1 
ATOM   671  C  C   . PRO A 1 90  ? 4.715   -15.310 1.151   1.00 26.15 ? 82  PRO A C   1 
ATOM   672  O  O   . PRO A 1 90  ? 4.315   -15.377 2.309   1.00 24.58 ? 82  PRO A O   1 
ATOM   673  C  CB  . PRO A 1 90  ? 7.236   -15.278 1.303   1.00 28.62 ? 82  PRO A CB  1 
ATOM   674  C  CG  . PRO A 1 90  ? 8.126   -14.236 1.871   1.00 30.10 ? 82  PRO A CG  1 
ATOM   675  C  CD  . PRO A 1 90  ? 7.206   -13.155 2.398   1.00 27.79 ? 82  PRO A CD  1 
ATOM   676  N  N   . LYS A 1 91  ? 4.086   -15.898 0.136   1.00 27.69 ? 83  LYS A N   1 
ATOM   677  C  CA  . LYS A 1 91  ? 2.846   -16.646 0.301   1.00 29.46 ? 83  LYS A CA  1 
ATOM   678  C  C   . LYS A 1 91  ? 2.930   -17.687 1.434   1.00 29.42 ? 83  LYS A C   1 
ATOM   679  O  O   . LYS A 1 91  ? 1.980   -17.853 2.199   1.00 29.47 ? 83  LYS A O   1 
ATOM   680  C  CB  . LYS A 1 91  ? 2.484   -17.313 -1.045  1.00 31.56 ? 83  LYS A CB  1 
ATOM   681  C  CG  . LYS A 1 91  ? 1.234   -18.175 -1.074  1.00 34.89 ? 83  LYS A CG  1 
ATOM   682  C  CD  . LYS A 1 91  ? 0.897   -18.637 -2.520  1.00 33.67 ? 83  LYS A CD  1 
ATOM   683  C  CE  . LYS A 1 91  ? 1.871   -19.683 -3.062  1.00 36.37 ? 83  LYS A CE  1 
ATOM   684  N  NZ  . LYS A 1 91  ? 1.394   -20.300 -4.359  1.00 36.01 ? 83  LYS A NZ  1 
ATOM   685  N  N   . GLU A 1 92  ? 4.066   -18.373 1.546   1.00 32.69 ? 84  GLU A N   1 
ATOM   686  C  CA  . GLU A 1 92  ? 4.212   -19.467 2.526   1.00 34.07 ? 84  GLU A CA  1 
ATOM   687  C  C   . GLU A 1 92  ? 4.192   -18.987 3.981   1.00 32.80 ? 84  GLU A C   1 
ATOM   688  O  O   . GLU A 1 92  ? 3.980   -19.782 4.891   1.00 33.45 ? 84  GLU A O   1 
ATOM   689  C  CB  . GLU A 1 92  ? 5.462   -20.319 2.246   1.00 35.51 ? 84  GLU A CB  1 
ATOM   690  C  CG  . GLU A 1 92  ? 6.800   -19.627 2.496   1.00 40.09 ? 84  GLU A CG  1 
ATOM   691  C  CD  . GLU A 1 92  ? 7.364   -18.923 1.264   1.00 43.13 ? 84  GLU A CD  1 
ATOM   692  O  OE1 . GLU A 1 92  ? 6.652   -18.799 0.233   1.00 43.58 ? 84  GLU A OE1 1 
ATOM   693  O  OE2 . GLU A 1 92  ? 8.539   -18.493 1.334   1.00 45.60 ? 84  GLU A OE2 1 
ATOM   694  N  N   . GLU A 1 93  ? 4.407   -17.686 4.186   1.00 32.40 ? 85  GLU A N   1 
ATOM   695  C  CA  . GLU A 1 93  ? 4.341   -17.081 5.520   1.00 32.42 ? 85  GLU A CA  1 
ATOM   696  C  C   . GLU A 1 93  ? 2.921   -16.693 5.918   1.00 29.37 ? 85  GLU A C   1 
ATOM   697  O  O   . GLU A 1 93  ? 2.639   -16.440 7.090   1.00 27.72 ? 85  GLU A O   1 
ATOM   698  C  CB  . GLU A 1 93  ? 5.243   -15.843 5.590   1.00 33.96 ? 85  GLU A CB  1 
ATOM   699  C  CG  . GLU A 1 93  ? 6.722   -16.163 5.668   1.00 38.84 ? 85  GLU A CG  1 
ATOM   700  C  CD  . GLU A 1 93  ? 7.598   -14.915 5.756   1.00 41.04 ? 85  GLU A CD  1 
ATOM   701  O  OE1 . GLU A 1 93  ? 7.073   -13.819 6.079   1.00 44.20 ? 85  GLU A OE1 1 
ATOM   702  O  OE2 . GLU A 1 93  ? 8.825   -15.038 5.502   1.00 45.71 ? 85  GLU A OE2 1 
ATOM   703  N  N   . LEU A 1 94  ? 2.028   -16.620 4.936   1.00 26.38 ? 86  LEU A N   1 
ATOM   704  C  CA  . LEU A 1 94  ? 0.671   -16.173 5.193   1.00 25.62 ? 86  LEU A CA  1 
ATOM   705  C  C   . LEU A 1 94  ? -0.256  -17.302 5.635   1.00 29.32 ? 86  LEU A C   1 
ATOM   706  O  O   . LEU A 1 94  ? 0.133   -18.476 5.667   1.00 30.12 ? 86  LEU A O   1 
ATOM   707  C  CB  . LEU A 1 94  ? 0.111   -15.454 3.963   1.00 23.16 ? 86  LEU A CB  1 
ATOM   708  C  CG  . LEU A 1 94  ? 0.960   -14.258 3.523   1.00 23.92 ? 86  LEU A CG  1 
ATOM   709  C  CD1 . LEU A 1 94  ? 0.450   -13.745 2.204   1.00 26.28 ? 86  LEU A CD1 1 
ATOM   710  C  CD2 . LEU A 1 94  ? 0.990   -13.148 4.588   1.00 25.66 ? 86  LEU A CD2 1 
ATOM   711  N  N   . SER A 1 95  ? -1.479  -16.929 5.994   1.00 29.98 ? 87  SER A N   1 
ATOM   712  C  CA  . SER A 1 95  ? -2.464  -17.881 6.466   1.00 32.23 ? 87  SER A CA  1 
ATOM   713  C  C   . SER A 1 95  ? -3.828  -17.281 6.210   1.00 32.59 ? 87  SER A C   1 
ATOM   714  O  O   . SER A 1 95  ? -3.951  -16.057 6.061   1.00 28.97 ? 87  SER A O   1 
ATOM   715  C  CB  . SER A 1 95  ? -2.267  -18.145 7.965   1.00 32.29 ? 87  SER A CB  1 
ATOM   716  O  OG  . SER A 1 95  ? -2.441  -16.956 8.718   1.00 32.53 ? 87  SER A OG  1 
ATOM   717  N  N   . LYS A 1 96  ? -4.849  -18.138 6.166   1.00 32.50 ? 88  LYS A N   1 
ATOM   718  C  CA  . LYS A 1 96  ? -6.222  -17.699 5.981   1.00 33.32 ? 88  LYS A CA  1 
ATOM   719  C  C   . LYS A 1 96  ? -6.618  -16.662 7.038   1.00 30.19 ? 88  LYS A C   1 
ATOM   720  O  O   . LYS A 1 96  ? -7.263  -15.661 6.711   1.00 29.85 ? 88  LYS A O   1 
ATOM   721  C  CB  . LYS A 1 96  ? -7.175  -18.907 6.005   1.00 36.76 ? 88  LYS A CB  1 
ATOM   722  C  CG  . LYS A 1 96  ? -8.657  -18.571 5.851   1.00 38.69 ? 88  LYS A CG  1 
ATOM   723  C  CD  . LYS A 1 96  ? -9.496  -19.850 5.977   1.00 38.49 ? 88  LYS A CD  1 
ATOM   724  C  CE  . LYS A 1 96  ? -10.781 -19.606 6.756   1.00 43.59 ? 88  LYS A CE  1 
ATOM   725  N  NZ  . LYS A 1 96  ? -11.516 -20.874 7.092   1.00 45.63 ? 88  LYS A NZ  1 
ATOM   726  N  N   . GLU A 1 97  ? -6.210  -16.889 8.289   1.00 31.07 ? 89  GLU A N   1 
ATOM   727  C  CA  . GLU A 1 97  ? -6.584  -15.979 9.384   1.00 30.03 ? 89  GLU A CA  1 
ATOM   728  C  C   . GLU A 1 97  ? -5.984  -14.579 9.231   1.00 27.06 ? 89  GLU A C   1 
ATOM   729  O  O   . GLU A 1 97  ? -6.659  -13.585 9.497   1.00 27.13 ? 89  GLU A O   1 
ATOM   730  C  CB  A GLU A 1 97  ? -6.262  -16.546 10.771  0.65 32.52 ? 89  GLU A CB  1 
ATOM   731  C  CB  B GLU A 1 97  ? -6.177  -16.573 10.740  0.35 29.79 ? 89  GLU A CB  1 
ATOM   732  C  CG  A GLU A 1 97  ? -7.106  -15.877 11.867  0.65 35.01 ? 89  GLU A CG  1 
ATOM   733  C  CG  B GLU A 1 97  ? -7.026  -17.757 11.186  0.35 29.72 ? 89  GLU A CG  1 
ATOM   734  C  CD  A GLU A 1 97  ? -6.734  -16.297 13.273  0.65 36.24 ? 89  GLU A CD  1 
ATOM   735  O  OE1 A GLU A 1 97  ? -6.113  -17.368 13.446  0.65 39.41 ? 89  GLU A OE1 1 
ATOM   736  O  OE2 A GLU A 1 97  ? -7.077  -15.548 14.215  0.65 38.50 ? 89  GLU A OE2 1 
ATOM   737  N  N   . PHE A 1 98  ? -4.723  -14.501 8.796   1.00 24.20 ? 90  PHE A N   1 
ATOM   738  C  CA  . PHE A 1 98  ? -4.123  -13.182 8.533   1.00 24.02 ? 90  PHE A CA  1 
ATOM   739  C  C   . PHE A 1 98  ? -4.928  -12.434 7.463   1.00 24.74 ? 90  PHE A C   1 
ATOM   740  O  O   . PHE A 1 98  ? -5.276  -11.274 7.641   1.00 21.90 ? 90  PHE A O   1 
ATOM   741  C  CB  . PHE A 1 98  ? -2.665  -13.295 8.115   1.00 25.07 ? 90  PHE A CB  1 
ATOM   742  C  CG  . PHE A 1 98  ? -2.037  -11.962 7.765   1.00 24.10 ? 90  PHE A CG  1 
ATOM   743  C  CD1 . PHE A 1 98  ? -1.731  -11.029 8.767   1.00 22.70 ? 90  PHE A CD1 1 
ATOM   744  C  CD2 . PHE A 1 98  ? -1.782  -11.629 6.436   1.00 26.62 ? 90  PHE A CD2 1 
ATOM   745  C  CE1 . PHE A 1 98  ? -1.157  -9.798  8.456   1.00 23.28 ? 90  PHE A CE1 1 
ATOM   746  C  CE2 . PHE A 1 98  ? -1.205  -10.396 6.102   1.00 25.53 ? 90  PHE A CE2 1 
ATOM   747  C  CZ  . PHE A 1 98  ? -0.890  -9.472  7.117   1.00 24.51 ? 90  PHE A CZ  1 
ATOM   748  N  N   . ILE A 1 99  ? -5.242  -13.123 6.371   1.00 23.33 ? 91  ILE A N   1 
ATOM   749  C  CA  . ILE A 1 99  ? -6.052  -12.552 5.295   1.00 26.25 ? 91  ILE A CA  1 
ATOM   750  C  C   . ILE A 1 99  ? -7.401  -12.021 5.813   1.00 25.95 ? 91  ILE A C   1 
ATOM   751  O  O   . ILE A 1 99  ? -7.784  -10.883 5.510   1.00 26.45 ? 91  ILE A O   1 
ATOM   752  C  CB  . ILE A 1 99  ? -6.291  -13.590 4.152   1.00 25.80 ? 91  ILE A CB  1 
ATOM   753  C  CG1 . ILE A 1 99  ? -4.961  -14.149 3.612   1.00 29.24 ? 91  ILE A CG1 1 
ATOM   754  C  CG2 . ILE A 1 99  ? -7.200  -13.017 3.069   1.00 26.17 ? 91  ILE A CG2 1 
ATOM   755  C  CD1 . ILE A 1 99  ? -3.927  -13.133 3.187   1.00 28.53 ? 91  ILE A CD1 1 
ATOM   756  N  N   . GLU A 1 100 ? -8.110  -12.842 6.600   1.00 27.60 ? 92  GLU A N   1 
ATOM   757  C  CA  . GLU A 1 100 ? -9.392  -12.428 7.206   1.00 29.46 ? 92  GLU A CA  1 
ATOM   758  C  C   . GLU A 1 100 ? -9.244  -11.173 8.089   1.00 27.17 ? 92  GLU A C   1 
ATOM   759  O  O   . GLU A 1 100 ? -10.061 -10.238 8.017   1.00 26.72 ? 92  GLU A O   1 
ATOM   760  C  CB  . GLU A 1 100 ? -10.020 -13.574 8.021   1.00 31.49 ? 92  GLU A CB  1 
ATOM   761  C  CG  A GLU A 1 100 ? -10.461 -14.764 7.175   0.65 34.39 ? 92  GLU A CG  1 
ATOM   762  C  CG  B GLU A 1 100 ? -10.247 -14.894 7.247   0.35 31.36 ? 92  GLU A CG  1 
ATOM   763  C  CD  A GLU A 1 100 ? -10.892 -15.963 8.002   0.65 35.42 ? 92  GLU A CD  1 
ATOM   764  C  CD  B GLU A 1 100 ? -11.560 -14.957 6.461   0.35 31.94 ? 92  GLU A CD  1 
ATOM   765  O  OE1 A GLU A 1 100 ? -10.455 -16.099 9.171   0.65 37.67 ? 92  GLU A OE1 1 
ATOM   766  O  OE1 B GLU A 1 100 ? -12.310 -13.959 6.420   0.35 31.62 ? 92  GLU A OE1 1 
ATOM   767  O  OE2 A GLU A 1 100 ? -11.664 -16.786 7.466   0.65 39.33 ? 92  GLU A OE2 1 
ATOM   768  O  OE2 B GLU A 1 100 ? -11.839 -16.030 5.879   0.35 31.40 ? 92  GLU A OE2 1 
ATOM   769  N  N   . ASP A 1 101 ? -8.194  -11.157 8.907   1.00 21.70 ? 93  ASP A N   1 
ATOM   770  C  CA  . ASP A 1 101 ? -7.917  -10.044 9.822   1.00 22.30 ? 93  ASP A CA  1 
ATOM   771  C  C   . ASP A 1 101 ? -7.575  -8.750  9.090   1.00 21.49 ? 93  ASP A C   1 
ATOM   772  O  O   . ASP A 1 101 ? -8.052  -7.658  9.462   1.00 21.59 ? 93  ASP A O   1 
ATOM   773  C  CB  . ASP A 1 101 ? -6.756  -10.408 10.755  1.00 24.02 ? 93  ASP A CB  1 
ATOM   774  C  CG  . ASP A 1 101 ? -7.146  -11.416 11.827  1.00 28.92 ? 93  ASP A CG  1 
ATOM   775  O  OD1 . ASP A 1 101 ? -8.315  -11.857 11.852  1.00 30.23 ? 93  ASP A OD1 1 
ATOM   776  O  OD2 . ASP A 1 101 ? -6.271  -11.765 12.648  1.00 29.91 ? 93  ASP A OD2 1 
ATOM   777  N  N   . VAL A 1 102 ? -6.742  -8.846  8.058   1.00 19.80 ? 94  VAL A N   1 
ATOM   778  C  CA  . VAL A 1 102 ? -6.366  -7.635  7.327   1.00 18.16 ? 94  VAL A CA  1 
ATOM   779  C  C   . VAL A 1 102 ? -7.588  -7.009  6.605   1.00 18.18 ? 94  VAL A C   1 
ATOM   780  O  O   . VAL A 1 102 ? -7.770  -5.804  6.620   1.00 19.56 ? 94  VAL A O   1 
ATOM   781  C  CB  A VAL A 1 102 ? -5.117  -7.862  6.419   0.65 19.55 ? 94  VAL A CB  1 
ATOM   782  C  CB  B VAL A 1 102 ? -5.248  -7.902  6.282   0.35 18.10 ? 94  VAL A CB  1 
ATOM   783  C  CG1 A VAL A 1 102 ? -5.460  -8.731  5.191   0.65 16.60 ? 94  VAL A CG1 1 
ATOM   784  C  CG1 B VAL A 1 102 ? -5.010  -6.673  5.401   0.35 17.92 ? 94  VAL A CG1 1 
ATOM   785  C  CG2 A VAL A 1 102 ? -4.490  -6.530  6.031   0.65 18.86 ? 94  VAL A CG2 1 
ATOM   786  C  CG2 B VAL A 1 102 ? -3.979  -8.282  6.962   0.35 12.74 ? 94  VAL A CG2 1 
ATOM   787  N  N   . ILE A 1 103 ? -8.444  -7.851  6.031   1.00 20.72 ? 95  ILE A N   1 
ATOM   788  C  CA  . ILE A 1 103 ? -9.654  -7.375  5.378   1.00 21.50 ? 95  ILE A CA  1 
ATOM   789  C  C   . ILE A 1 103 ? -10.566 -6.608  6.354   1.00 21.75 ? 95  ILE A C   1 
ATOM   790  O  O   . ILE A 1 103 ? -11.159 -5.584  5.993   1.00 22.65 ? 95  ILE A O   1 
ATOM   791  C  CB  . ILE A 1 103 ? -10.402 -8.537  4.673   1.00 21.88 ? 95  ILE A CB  1 
ATOM   792  C  CG1 . ILE A 1 103 ? -9.576  -8.997  3.467   1.00 23.29 ? 95  ILE A CG1 1 
ATOM   793  C  CG2 . ILE A 1 103 ? -11.839 -8.119  4.272   1.00 23.80 ? 95  ILE A CG2 1 
ATOM   794  C  CD1 . ILE A 1 103 ? -10.095 -10.282 2.806   1.00 24.64 ? 95  ILE A CD1 1 
ATOM   795  N  N   . ARG A 1 104 ? -10.651 -7.088  7.593   1.00 21.26 ? 96  ARG A N   1 
ATOM   796  C  CA  . ARG A 1 104 ? -11.487 -6.427  8.606   1.00 23.35 ? 96  ARG A CA  1 
ATOM   797  C  C   . ARG A 1 104 ? -10.844 -5.175  9.194   1.00 23.03 ? 96  ARG A C   1 
ATOM   798  O  O   . ARG A 1 104 ? -11.547 -4.335  9.754   1.00 20.60 ? 96  ARG A O   1 
ATOM   799  C  CB  . ARG A 1 104 ? -11.874 -7.407  9.734   1.00 24.26 ? 96  ARG A CB  1 
ATOM   800  C  CG  . ARG A 1 104 ? -12.766 -8.583  9.257   1.00 26.63 ? 96  ARG A CG  1 
ATOM   801  C  CD  . ARG A 1 104 ? -12.931 -9.641  10.351  1.00 30.58 ? 96  ARG A CD  1 
ATOM   802  N  N   . ALA A 1 105 ? -9.522  -5.046  9.034   1.00 21.25 ? 97  ALA A N   1 
ATOM   803  C  CA  . ALA A 1 105 ? -8.735  -4.009  9.720   1.00 19.27 ? 97  ALA A CA  1 
ATOM   804  C  C   . ALA A 1 105 ? -8.597  -2.682  8.967   1.00 18.92 ? 97  ALA A C   1 
ATOM   805  O  O   . ALA A 1 105 ? -8.307  -1.643  9.585   1.00 18.30 ? 97  ALA A O   1 
ATOM   806  C  CB  . ALA A 1 105 ? -7.345  -4.560  10.084  1.00 20.78 ? 97  ALA A CB  1 
ATOM   807  N  N   . PHE A 1 106 ? -8.742  -2.719  7.640   1.00 18.10 ? 98  PHE A N   1 
ATOM   808  C  CA  . PHE A 1 106 ? -8.480  -1.535  6.797   1.00 18.37 ? 98  PHE A CA  1 
ATOM   809  C  C   . PHE A 1 106 ? -9.587  -1.277  5.799   1.00 17.36 ? 98  PHE A C   1 
ATOM   810  O  O   . PHE A 1 106 ? -10.212 -2.220  5.301   1.00 18.68 ? 98  PHE A O   1 
ATOM   811  C  CB  . PHE A 1 106 ? -7.113  -1.683  6.096   1.00 18.64 ? 98  PHE A CB  1 
ATOM   812  C  CG  . PHE A 1 106 ? -5.990  -1.867  7.069   1.00 15.93 ? 98  PHE A CG  1 
ATOM   813  C  CD1 . PHE A 1 106 ? -5.475  -0.767  7.763   1.00 18.72 ? 98  PHE A CD1 1 
ATOM   814  C  CD2 . PHE A 1 106 ? -5.506  -3.150  7.372   1.00 17.41 ? 98  PHE A CD2 1 
ATOM   815  C  CE1 . PHE A 1 106 ? -4.458  -0.930  8.723   1.00 16.68 ? 98  PHE A CE1 1 
ATOM   816  C  CE2 . PHE A 1 106 ? -4.492  -3.320  8.326   1.00 19.12 ? 98  PHE A CE2 1 
ATOM   817  C  CZ  . PHE A 1 106 ? -3.972  -2.207  9.012   1.00 17.57 ? 98  PHE A CZ  1 
ATOM   818  N  N   . GLU A 1 107 ? -9.831  0.003   5.530   1.00 17.70 ? 99  GLU A N   1 
ATOM   819  C  CA  . GLU A 1 107 ? -10.916 0.414   4.640   1.00 19.97 ? 99  GLU A CA  1 
ATOM   820  C  C   . GLU A 1 107 ? -10.569 0.265   3.146   1.00 19.70 ? 99  GLU A C   1 
ATOM   821  O  O   . GLU A 1 107 ? -11.120 -0.609  2.484   1.00 20.63 ? 99  GLU A O   1 
ATOM   822  C  CB  . GLU A 1 107 ? -11.375 1.844   4.961   1.00 22.00 ? 99  GLU A CB  1 
ATOM   823  C  CG  . GLU A 1 107 ? -12.497 2.336   4.068   1.00 26.94 ? 99  GLU A CG  1 
ATOM   824  C  CD  . GLU A 1 107 ? -12.939 3.743   4.402   1.00 34.14 ? 99  GLU A CD  1 
ATOM   825  O  OE1 . GLU A 1 107 ? -13.330 3.975   5.570   1.00 44.82 ? 99  GLU A OE1 1 
ATOM   826  O  OE2 . GLU A 1 107 ? -12.911 4.622   3.499   1.00 41.54 ? 99  GLU A OE2 1 
ATOM   827  N  N   . LYS A 1 108 ? -9.640  1.091   2.638   1.00 19.16 ? 100 LYS A N   1 
ATOM   828  C  CA  . LYS A 1 108 ? -9.306  1.109   1.198   1.00 19.81 ? 100 LYS A CA  1 
ATOM   829  C  C   . LYS A 1 108 ? -8.145  0.169   0.933   1.00 19.74 ? 100 LYS A C   1 
ATOM   830  O  O   . LYS A 1 108 ? -7.020  0.615   0.653   1.00 19.93 ? 100 LYS A O   1 
ATOM   831  C  CB  . LYS A 1 108 ? -8.986  2.543   0.728   1.00 20.01 ? 100 LYS A CB  1 
ATOM   832  C  CG  . LYS A 1 108 ? -10.147 3.520   0.937   1.00 22.22 ? 100 LYS A CG  1 
ATOM   833  C  CD  . LYS A 1 108 ? -9.842  4.888   0.349   1.00 26.31 ? 100 LYS A CD  1 
ATOM   834  C  CE  . LYS A 1 108 ? -10.838 5.920   0.859   1.00 30.19 ? 100 LYS A CE  1 
ATOM   835  N  NZ  . LYS A 1 108 ? -10.518 7.285   0.351   1.00 34.81 ? 100 LYS A NZ  1 
ATOM   836  N  N   . LEU A 1 109 ? -8.435  -1.124  1.051   1.00 19.21 ? 101 LEU A N   1 
ATOM   837  C  CA  . LEU A 1 109 ? -7.454  -2.196  0.937   1.00 19.07 ? 101 LEU A CA  1 
ATOM   838  C  C   . LEU A 1 109 ? -7.499  -2.889  -0.410  1.00 21.88 ? 101 LEU A C   1 
ATOM   839  O  O   . LEU A 1 109 ? -8.575  -3.188  -0.940  1.00 20.25 ? 101 LEU A O   1 
ATOM   840  C  CB  . LEU A 1 109 ? -7.727  -3.242  2.032   1.00 20.60 ? 101 LEU A CB  1 
ATOM   841  C  CG  . LEU A 1 109 ? -6.918  -4.536  2.031   1.00 19.12 ? 101 LEU A CG  1 
ATOM   842  C  CD1 . LEU A 1 109 ? -5.479  -4.246  2.441   1.00 19.56 ? 101 LEU A CD1 1 
ATOM   843  C  CD2 . LEU A 1 109 ? -7.565  -5.533  2.986   1.00 20.60 ? 101 LEU A CD2 1 
ATOM   844  N  N   . PHE A 1 110 ? -6.315  -3.171  -0.929  1.00 19.41 ? 102 PHE A N   1 
ATOM   845  C  CA  . PHE A 1 110 ? -6.129  -4.022  -2.106  1.00 18.33 ? 102 PHE A CA  1 
ATOM   846  C  C   . PHE A 1 110 ? -5.141  -5.126  -1.747  1.00 18.36 ? 102 PHE A C   1 
ATOM   847  O  O   . PHE A 1 110 ? -4.137  -4.885  -1.071  1.00 19.94 ? 102 PHE A O   1 
ATOM   848  C  CB  . PHE A 1 110 ? -5.548  -3.216  -3.287  1.00 20.38 ? 102 PHE A CB  1 
ATOM   849  C  CG  . PHE A 1 110 ? -6.422  -2.070  -3.753  1.00 20.32 ? 102 PHE A CG  1 
ATOM   850  C  CD1 . PHE A 1 110 ? -7.253  -2.224  -4.857  1.00 22.69 ? 102 PHE A CD1 1 
ATOM   851  C  CD2 . PHE A 1 110 ? -6.405  -0.841  -3.095  1.00 22.95 ? 102 PHE A CD2 1 
ATOM   852  C  CE1 . PHE A 1 110 ? -8.064  -1.146  -5.305  1.00 23.37 ? 102 PHE A CE1 1 
ATOM   853  C  CE2 . PHE A 1 110 ? -7.195  0.230   -3.519  1.00 26.08 ? 102 PHE A CE2 1 
ATOM   854  C  CZ  . PHE A 1 110 ? -8.039  0.071   -4.634  1.00 23.41 ? 102 PHE A CZ  1 
ATOM   855  N  N   . ILE A 1 111 ? -5.401  -6.340  -2.229  1.00 18.28 ? 103 ILE A N   1 
ATOM   856  C  CA  . ILE A 1 111 ? -4.442  -7.428  -2.064  1.00 17.45 ? 103 ILE A CA  1 
ATOM   857  C  C   . ILE A 1 111 ? -4.195  -7.992  -3.457  1.00 19.62 ? 103 ILE A C   1 
ATOM   858  O  O   . ILE A 1 111 ? -5.153  -8.359  -4.142  1.00 22.33 ? 103 ILE A O   1 
ATOM   859  C  CB  . ILE A 1 111 ? -4.994  -8.552  -1.171  1.00 17.78 ? 103 ILE A CB  1 
ATOM   860  C  CG1 . ILE A 1 111 ? -5.483  -7.985  0.172   1.00 17.57 ? 103 ILE A CG1 1 
ATOM   861  C  CG2 . ILE A 1 111 ? -3.948  -9.649  -0.955  1.00 18.91 ? 103 ILE A CG2 1 
ATOM   862  C  CD1 . ILE A 1 111 ? -6.249  -9.020  1.037   1.00 18.83 ? 103 ILE A CD1 1 
ATOM   863  N  N   . TYR A 1 112 ? -2.934  -8.028  -3.852  1.00 18.28 ? 104 TYR A N   1 
ATOM   864  C  CA  . TYR A 1 112 ? -2.575  -8.346  -5.247  1.00 18.86 ? 104 TYR A CA  1 
ATOM   865  C  C   . TYR A 1 112 ? -1.221  -9.005  -5.348  1.00 22.99 ? 104 TYR A C   1 
ATOM   866  O  O   . TYR A 1 112 ? -0.415  -8.894  -4.443  1.00 21.27 ? 104 TYR A O   1 
ATOM   867  C  CB  . TYR A 1 112 ? -2.652  -7.084  -6.129  1.00 20.41 ? 104 TYR A CB  1 
ATOM   868  C  CG  . TYR A 1 112 ? -1.851  -5.870  -5.678  1.00 22.02 ? 104 TYR A CG  1 
ATOM   869  C  CD1 . TYR A 1 112 ? -0.486  -5.752  -5.956  1.00 21.70 ? 104 TYR A CD1 1 
ATOM   870  C  CD2 . TYR A 1 112 ? -2.482  -4.819  -4.992  1.00 21.97 ? 104 TYR A CD2 1 
ATOM   871  C  CE1 . TYR A 1 112 ? 0.251   -4.604  -5.548  1.00 21.78 ? 104 TYR A CE1 1 
ATOM   872  C  CE2 . TYR A 1 112 ? -1.769  -3.678  -4.588  1.00 22.76 ? 104 TYR A CE2 1 
ATOM   873  C  CZ  . TYR A 1 112 ? -0.405  -3.578  -4.863  1.00 21.61 ? 104 TYR A CZ  1 
ATOM   874  O  OH  . TYR A 1 112 ? 0.308   -2.452  -4.471  1.00 21.56 ? 104 TYR A OH  1 
ATOM   875  N  N   . GLY A 1 113 ? -0.975  -9.718  -6.453  1.00 20.35 ? 105 GLY A N   1 
ATOM   876  C  CA  . GLY A 1 113 ? 0.333   -10.325 -6.706  1.00 23.37 ? 105 GLY A CA  1 
ATOM   877  C  C   . GLY A 1 113 ? 1.331   -9.346  -7.297  1.00 25.82 ? 105 GLY A C   1 
ATOM   878  O  O   . GLY A 1 113 ? 1.373   -8.178  -6.907  1.00 27.51 ? 105 GLY A O   1 
ATOM   879  N  N   . ALA A 1 114 ? 2.131   -9.820  -8.259  1.00 26.92 ? 106 ALA A N   1 
ATOM   880  C  CA  . ALA A 1 114 ? 3.196   -9.002  -8.856  1.00 28.56 ? 106 ALA A CA  1 
ATOM   881  C  C   . ALA A 1 114 ? 2.704   -7.701  -9.501  1.00 29.28 ? 106 ALA A C   1 
ATOM   882  O  O   . ALA A 1 114 ? 3.363   -6.674  -9.385  1.00 31.96 ? 106 ALA A O   1 
ATOM   883  C  CB  . ALA A 1 114 ? 4.007   -9.813  -9.864  1.00 29.68 ? 106 ALA A CB  1 
ATOM   884  N  N   . GLU A 1 115 ? 1.550   -7.756  -10.166 1.00 27.28 ? 107 GLU A N   1 
ATOM   885  C  CA  . GLU A 1 115 ? 0.954   -6.569  -10.796 1.00 27.83 ? 107 GLU A CA  1 
ATOM   886  C  C   . GLU A 1 115 ? -0.420  -6.228  -10.226 1.00 26.63 ? 107 GLU A C   1 
ATOM   887  O  O   . GLU A 1 115 ? -1.333  -7.055  -10.274 1.00 26.14 ? 107 GLU A O   1 
ATOM   888  C  CB  . GLU A 1 115 ? 0.822   -6.776  -12.317 1.00 30.40 ? 107 GLU A CB  1 
ATOM   889  C  CG  . GLU A 1 115 ? 2.086   -7.287  -13.011 1.00 35.68 ? 107 GLU A CG  1 
ATOM   890  C  CD  . GLU A 1 115 ? 3.252   -6.319  -12.941 1.00 38.43 ? 107 GLU A CD  1 
ATOM   891  O  OE1 . GLU A 1 115 ? 3.026   -5.104  -12.746 1.00 38.74 ? 107 GLU A OE1 1 
ATOM   892  O  OE2 . GLU A 1 115 ? 4.404   -6.782  -13.091 1.00 43.70 ? 107 GLU A OE2 1 
ATOM   893  N  N   . ASN A 1 116 ? -0.594  -5.004  -9.706  1.00 22.45 ? 108 ASN A N   1 
ATOM   894  C  CA  . ASN A 1 116 ? -1.901  -4.638  -9.160  1.00 22.34 ? 108 ASN A CA  1 
ATOM   895  C  C   . ASN A 1 116 ? -3.033  -4.643  -10.177 1.00 21.76 ? 108 ASN A C   1 
ATOM   896  O  O   . ASN A 1 116 ? -4.147  -4.996  -9.852  1.00 27.26 ? 108 ASN A O   1 
ATOM   897  C  CB  . ASN A 1 116 ? -1.868  -3.302  -8.382  1.00 21.65 ? 108 ASN A CB  1 
ATOM   898  C  CG  . ASN A 1 116 ? -1.394  -2.126  -9.224  1.00 23.93 ? 108 ASN A CG  1 
ATOM   899  O  OD1 . ASN A 1 116 ? -1.009  -2.279  -10.399 1.00 24.39 ? 108 ASN A OD1 1 
ATOM   900  N  ND2 . ASN A 1 116 ? -1.408  -0.931  -8.620  1.00 24.58 ? 108 ASN A ND2 1 
ATOM   901  N  N   . PHE A 1 117 ? -2.738  -4.262  -11.416 1.00 24.72 ? 109 PHE A N   1 
ATOM   902  C  CA  . PHE A 1 117 ? -3.790  -4.170  -12.424 1.00 26.48 ? 109 PHE A CA  1 
ATOM   903  C  C   . PHE A 1 117 ? -4.227  -5.557  -12.934 1.00 30.03 ? 109 PHE A C   1 
ATOM   904  O  O   . PHE A 1 117 ? -5.326  -5.707  -13.484 1.00 32.47 ? 109 PHE A O   1 
ATOM   905  C  CB  . PHE A 1 117 ? -3.344  -3.272  -13.583 1.00 27.98 ? 109 PHE A CB  1 
ATOM   906  C  CG  . PHE A 1 117 ? -2.279  -3.879  -14.444 1.00 27.92 ? 109 PHE A CG  1 
ATOM   907  C  CD1 . PHE A 1 117 ? -2.627  -4.616  -15.586 1.00 30.89 ? 109 PHE A CD1 1 
ATOM   908  C  CD2 . PHE A 1 117 ? -0.936  -3.734  -14.127 1.00 28.83 ? 109 PHE A CD2 1 
ATOM   909  C  CE1 . PHE A 1 117 ? -1.653  -5.186  -16.383 1.00 30.20 ? 109 PHE A CE1 1 
ATOM   910  C  CE2 . PHE A 1 117 ? 0.053   -4.304  -14.922 1.00 30.86 ? 109 PHE A CE2 1 
ATOM   911  C  CZ  . PHE A 1 117 ? -0.315  -5.036  -16.059 1.00 30.17 ? 109 PHE A CZ  1 
ATOM   912  N  N   . LEU A 1 118 ? -3.367  -6.557  -12.739 1.00 29.63 ? 110 LEU A N   1 
ATOM   913  C  CA  . LEU A 1 118 ? -3.586  -7.890  -13.301 1.00 30.12 ? 110 LEU A CA  1 
ATOM   914  C  C   . LEU A 1 118 ? -3.964  -8.946  -12.267 1.00 29.39 ? 110 LEU A C   1 
ATOM   915  O  O   . LEU A 1 118 ? -4.916  -9.676  -12.464 1.00 32.18 ? 110 LEU A O   1 
ATOM   916  C  CB  . LEU A 1 118 ? -2.354  -8.354  -14.078 1.00 28.61 ? 110 LEU A CB  1 
ATOM   917  C  CG  . LEU A 1 118 ? -2.520  -9.599  -14.970 1.00 29.88 ? 110 LEU A CG  1 
ATOM   918  C  CD1 . LEU A 1 118 ? -3.545  -9.335  -16.084 1.00 29.40 ? 110 LEU A CD1 1 
ATOM   919  C  CD2 . LEU A 1 118 ? -1.177  -10.026 -15.543 1.00 30.40 ? 110 LEU A CD2 1 
ATOM   920  N  N   . GLU A 1 119 ? -3.210  -9.032  -11.172 1.00 28.18 ? 111 GLU A N   1 
ATOM   921  C  CA  . GLU A 1 119 ? -3.395  -10.112 -10.223 1.00 29.45 ? 111 GLU A CA  1 
ATOM   922  C  C   . GLU A 1 119 ? -4.047  -9.626  -8.944  1.00 29.49 ? 111 GLU A C   1 
ATOM   923  O  O   . GLU A 1 119 ? -3.406  -9.615  -7.890  1.00 31.04 ? 111 GLU A O   1 
ATOM   924  C  CB  . GLU A 1 119 ? -2.053  -10.782 -9.898  1.00 31.41 ? 111 GLU A CB  1 
ATOM   925  C  CG  . GLU A 1 119 ? -1.441  -11.616 -11.020 1.00 31.81 ? 111 GLU A CG  1 
ATOM   926  C  CD  . GLU A 1 119 ? -0.187  -11.018 -11.623 1.00 34.01 ? 111 GLU A CD  1 
ATOM   927  O  OE1 . GLU A 1 119 ? 0.537   -10.262 -10.942 1.00 33.56 ? 111 GLU A OE1 1 
ATOM   928  O  OE2 . GLU A 1 119 ? 0.108   -11.339 -12.788 1.00 37.51 ? 111 GLU A OE2 1 
ATOM   929  N  N   . ASP A 1 120 ? -5.315  -9.233  -9.033  1.00 30.97 ? 112 ASP A N   1 
ATOM   930  C  CA  . ASP A 1 120 ? -6.045  -8.751  -7.863  1.00 32.26 ? 112 ASP A CA  1 
ATOM   931  C  C   . ASP A 1 120 ? -6.776  -9.858  -7.102  1.00 32.51 ? 112 ASP A C   1 
ATOM   932  O  O   . ASP A 1 120 ? -7.721  -10.472 -7.609  1.00 34.45 ? 112 ASP A O   1 
ATOM   933  C  CB  A ASP A 1 120 ? -6.962  -7.583  -8.215  0.65 33.51 ? 112 ASP A CB  1 
ATOM   934  C  CB  B ASP A 1 120 ? -7.088  -7.717  -8.287  0.35 34.04 ? 112 ASP A CB  1 
ATOM   935  C  CG  A ASP A 1 120 ? -7.462  -6.857  -6.987  0.65 34.76 ? 112 ASP A CG  1 
ATOM   936  C  CG  B ASP A 1 120 ? -6.476  -6.434  -8.767  0.35 34.68 ? 112 ASP A CG  1 
ATOM   937  O  OD1 A ASP A 1 120 ? -6.660  -6.130  -6.334  0.65 31.82 ? 112 ASP A OD1 1 
ATOM   938  O  OD1 B ASP A 1 120 ? -6.765  -6.039  -9.920  0.35 36.47 ? 112 ASP A OD1 1 
ATOM   939  O  OD2 A ASP A 1 120 ? -8.661  -7.023  -6.679  0.65 35.11 ? 112 ASP A OD2 1 
ATOM   940  O  OD2 B ASP A 1 120 ? -5.716  -5.818  -7.996  0.35 35.52 ? 112 ASP A OD2 1 
ATOM   941  N  N   . PHE A 1 121 ? -6.347  -10.087 -5.865  1.00 25.63 ? 113 PHE A N   1 
ATOM   942  C  CA  . PHE A 1 121 ? -6.993  -11.058 -4.989  1.00 25.16 ? 113 PHE A CA  1 
ATOM   943  C  C   . PHE A 1 121 ? -8.185  -10.464 -4.230  1.00 28.39 ? 113 PHE A C   1 
ATOM   944  O  O   . PHE A 1 121 ? -9.193  -11.152 -4.003  1.00 29.95 ? 113 PHE A O   1 
ATOM   945  C  CB  . PHE A 1 121 ? -5.979  -11.647 -4.002  1.00 26.22 ? 113 PHE A CB  1 
ATOM   946  C  CG  . PHE A 1 121 ? -4.860  -12.397 -4.654  1.00 24.80 ? 113 PHE A CG  1 
ATOM   947  C  CD1 . PHE A 1 121 ? -5.087  -13.642 -5.260  1.00 26.22 ? 113 PHE A CD1 1 
ATOM   948  C  CD2 . PHE A 1 121 ? -3.565  -11.869 -4.665  1.00 25.65 ? 113 PHE A CD2 1 
ATOM   949  C  CE1 . PHE A 1 121 ? -4.036  -14.335 -5.864  1.00 25.83 ? 113 PHE A CE1 1 
ATOM   950  C  CE2 . PHE A 1 121 ? -2.512  -12.561 -5.271  1.00 23.58 ? 113 PHE A CE2 1 
ATOM   951  C  CZ  . PHE A 1 121 ? -2.748  -13.800 -5.858  1.00 25.39 ? 113 PHE A CZ  1 
ATOM   952  N  N   . TYR A 1 122 ? -8.052  -9.193  -3.839  1.00 24.59 ? 114 TYR A N   1 
ATOM   953  C  CA  . TYR A 1 122 ? -9.096  -8.468  -3.124  1.00 23.94 ? 114 TYR A CA  1 
ATOM   954  C  C   . TYR A 1 122 ? -9.039  -7.012  -3.556  1.00 24.14 ? 114 TYR A C   1 
ATOM   955  O  O   . TYR A 1 122 ? -7.952  -6.421  -3.649  1.00 21.94 ? 114 TYR A O   1 
ATOM   956  C  CB  . TYR A 1 122 ? -8.884  -8.581  -1.604  1.00 24.70 ? 114 TYR A CB  1 
ATOM   957  C  CG  . TYR A 1 122 ? -9.867  -7.797  -0.754  1.00 26.16 ? 114 TYR A CG  1 
ATOM   958  C  CD1 . TYR A 1 122 ? -11.084 -8.366  -0.341  1.00 25.68 ? 114 TYR A CD1 1 
ATOM   959  C  CD2 . TYR A 1 122 ? -9.568  -6.494  -0.338  1.00 26.46 ? 114 TYR A CD2 1 
ATOM   960  C  CE1 . TYR A 1 122 ? -11.984 -7.635  0.450   1.00 26.31 ? 114 TYR A CE1 1 
ATOM   961  C  CE2 . TYR A 1 122 ? -10.449 -5.761  0.438   1.00 26.42 ? 114 TYR A CE2 1 
ATOM   962  C  CZ  . TYR A 1 122 ? -11.652 -6.332  0.843   1.00 26.29 ? 114 TYR A CZ  1 
ATOM   963  O  OH  . TYR A 1 122 ? -12.510 -5.590  1.630   1.00 25.57 ? 114 TYR A OH  1 
ATOM   964  N  N   . ASN A 1 123 ? -10.211 -6.456  -3.845  1.00 24.64 ? 115 ASN A N   1 
ATOM   965  C  CA  . ASN A 1 123 ? -10.394 -5.038  -4.135  1.00 24.86 ? 115 ASN A CA  1 
ATOM   966  C  C   . ASN A 1 123 ? -11.559 -4.575  -3.278  1.00 26.30 ? 115 ASN A C   1 
ATOM   967  O  O   . ASN A 1 123 ? -12.668 -5.099  -3.416  1.00 26.85 ? 115 ASN A O   1 
ATOM   968  C  CB  . ASN A 1 123 ? -10.711 -4.842  -5.631  1.00 26.78 ? 115 ASN A CB  1 
ATOM   969  C  CG  . ASN A 1 123 ? -10.737 -3.380  -6.046  1.00 26.03 ? 115 ASN A CG  1 
ATOM   970  O  OD1 . ASN A 1 123 ? -11.230 -2.535  -5.326  1.00 26.77 ? 115 ASN A OD1 1 
ATOM   971  N  ND2 . ASN A 1 123 ? -10.220 -3.086  -7.242  1.00 26.94 ? 115 ASN A ND2 1 
ATOM   972  N  N   . PHE A 1 124 ? -11.314 -3.610  -2.389  1.00 25.35 ? 116 PHE A N   1 
ATOM   973  C  CA  . PHE A 1 124 ? -12.336 -3.178  -1.413  1.00 25.80 ? 116 PHE A CA  1 
ATOM   974  C  C   . PHE A 1 124 ? -13.574 -2.563  -2.073  1.00 28.73 ? 116 PHE A C   1 
ATOM   975  O  O   . PHE A 1 124 ? -14.635 -2.470  -1.445  1.00 29.20 ? 116 PHE A O   1 
ATOM   976  C  CB  . PHE A 1 124 ? -11.738 -2.164  -0.434  1.00 26.17 ? 116 PHE A CB  1 
ATOM   977  C  CG  . PHE A 1 124 ? -11.698 -0.756  -0.965  1.00 26.44 ? 116 PHE A CG  1 
ATOM   978  C  CD1 . PHE A 1 124 ? -12.699 0.161   -0.628  1.00 27.80 ? 116 PHE A CD1 1 
ATOM   979  C  CD2 . PHE A 1 124 ? -10.643 -0.336  -1.789  1.00 25.90 ? 116 PHE A CD2 1 
ATOM   980  C  CE1 . PHE A 1 124 ? -12.659 1.487   -1.111  1.00 28.78 ? 116 PHE A CE1 1 
ATOM   981  C  CE2 . PHE A 1 124 ? -10.582 0.980   -2.272  1.00 27.05 ? 116 PHE A CE2 1 
ATOM   982  C  CZ  . PHE A 1 124 ? -11.601 1.897   -1.933  1.00 26.90 ? 116 PHE A CZ  1 
ATOM   983  N  N   . GLU A 1 125 ? -13.422 -2.099  -3.311  1.00 31.22 ? 117 GLU A N   1 
ATOM   984  C  CA  . GLU A 1 125 ? -14.541 -1.501  -4.045  1.00 33.17 ? 117 GLU A CA  1 
ATOM   985  C  C   . GLU A 1 125 ? -15.546 -2.548  -4.512  1.00 36.11 ? 117 GLU A C   1 
ATOM   986  O  O   . GLU A 1 125 ? -16.725 -2.236  -4.720  1.00 36.31 ? 117 GLU A O   1 
ATOM   987  C  CB  . GLU A 1 125 ? -14.041 -0.673  -5.223  1.00 34.19 ? 117 GLU A CB  1 
ATOM   988  C  CG  . GLU A 1 125 ? -13.227 0.524   -4.796  1.00 38.87 ? 117 GLU A CG  1 
ATOM   989  C  CD  . GLU A 1 125 ? -13.587 1.769   -5.560  1.00 43.23 ? 117 GLU A CD  1 
ATOM   990  O  OE1 . GLU A 1 125 ? -13.981 1.651   -6.744  1.00 44.78 ? 117 GLU A OE1 1 
ATOM   991  O  OE2 . GLU A 1 125 ? -13.484 2.868   -4.970  1.00 44.72 ? 117 GLU A OE2 1 
ATOM   992  N  N   . HIS A 1 126 ? -15.070 -3.774  -4.692  1.00 34.92 ? 118 HIS A N   1 
ATOM   993  C  CA  . HIS A 1 126 ? -15.947 -4.917  -4.923  1.00 36.91 ? 118 HIS A CA  1 
ATOM   994  C  C   . HIS A 1 126 ? -15.508 -6.101  -4.060  1.00 34.40 ? 118 HIS A C   1 
ATOM   995  O  O   . HIS A 1 126 ? -14.936 -7.066  -4.562  1.00 33.33 ? 118 HIS A O   1 
ATOM   996  C  CB  . HIS A 1 126 ? -16.075 -5.270  -6.423  1.00 38.82 ? 118 HIS A CB  1 
ATOM   997  C  CG  . HIS A 1 126 ? -14.772 -5.375  -7.162  1.00 41.34 ? 118 HIS A CG  1 
ATOM   998  N  ND1 . HIS A 1 126 ? -14.243 -4.329  -7.888  1.00 42.85 ? 118 HIS A ND1 1 
ATOM   999  C  CD2 . HIS A 1 126 ? -13.922 -6.418  -7.331  1.00 41.15 ? 118 HIS A CD2 1 
ATOM   1000 C  CE1 . HIS A 1 126 ? -13.112 -4.717  -8.455  1.00 41.94 ? 118 HIS A CE1 1 
ATOM   1001 N  NE2 . HIS A 1 126 ? -12.894 -5.979  -8.130  1.00 41.39 ? 118 HIS A NE2 1 
ATOM   1002 N  N   . PRO A 1 127 ? -15.778 -6.017  -2.744  1.00 35.70 ? 119 PRO A N   1 
ATOM   1003 C  CA  . PRO A 1 127 ? -15.192 -6.954  -1.785  1.00 37.19 ? 119 PRO A CA  1 
ATOM   1004 C  C   . PRO A 1 127 ? -15.720 -8.379  -1.908  1.00 38.81 ? 119 PRO A C   1 
ATOM   1005 O  O   . PRO A 1 127 ? -16.886 -8.596  -2.253  1.00 39.82 ? 119 PRO A O   1 
ATOM   1006 C  CB  . PRO A 1 127 ? -15.577 -6.360  -0.429  1.00 37.59 ? 119 PRO A CB  1 
ATOM   1007 C  CG  . PRO A 1 127 ? -16.796 -5.578  -0.691  1.00 37.24 ? 119 PRO A CG  1 
ATOM   1008 C  CD  . PRO A 1 127 ? -16.662 -5.038  -2.085  1.00 35.71 ? 119 PRO A CD  1 
ATOM   1009 N  N   . ILE A 1 128 ? -14.841 -9.337  -1.659  1.00 40.06 ? 120 ILE A N   1 
ATOM   1010 C  CA  . ILE A 1 128 ? -15.228 -10.735 -1.538  1.00 39.75 ? 120 ILE A CA  1 
ATOM   1011 C  C   . ILE A 1 128 ? -14.797 -11.224 -0.158  1.00 41.18 ? 120 ILE A C   1 
ATOM   1012 O  O   . ILE A 1 128 ? -14.104 -10.503 0.571   1.00 40.67 ? 120 ILE A O   1 
ATOM   1013 C  CB  . ILE A 1 128 ? -14.637 -11.610 -2.679  1.00 39.90 ? 120 ILE A CB  1 
ATOM   1014 C  CG1 . ILE A 1 128 ? -13.107 -11.519 -2.712  1.00 39.58 ? 120 ILE A CG1 1 
ATOM   1015 C  CG2 . ILE A 1 128 ? -15.245 -11.212 -4.036  1.00 39.73 ? 120 ILE A CG2 1 
ATOM   1016 C  CD1 . ILE A 1 128 ? -12.435 -12.486 -3.675  1.00 38.63 ? 120 ILE A CD1 1 
ATOM   1017 N  N   . SER A 1 129 ? -15.221 -12.430 0.210   1.00 40.28 ? 121 SER A N   1 
ATOM   1018 C  CA  . SER A 1 129 ? -14.913 -12.982 1.527   1.00 40.55 ? 121 SER A CA  1 
ATOM   1019 C  C   . SER A 1 129 ? -13.430 -13.302 1.646   1.00 39.31 ? 121 SER A C   1 
ATOM   1020 O  O   . SER A 1 129 ? -12.764 -13.559 0.642   1.00 38.36 ? 121 SER A O   1 
ATOM   1021 C  CB  . SER A 1 129 ? -15.738 -14.245 1.789   1.00 42.51 ? 121 SER A CB  1 
ATOM   1022 O  OG  . SER A 1 129 ? -15.348 -15.295 0.918   1.00 44.62 ? 121 SER A OG  1 
ATOM   1023 N  N   . GLY A 1 130 ? -12.927 -13.295 2.878   1.00 40.55 ? 122 GLY A N   1 
ATOM   1024 C  CA  . GLY A 1 130 ? -11.537 -13.672 3.161   1.00 39.93 ? 122 GLY A CA  1 
ATOM   1025 C  C   . GLY A 1 130 ? -11.182 -15.104 2.776   1.00 39.38 ? 122 GLY A C   1 
ATOM   1026 O  O   . GLY A 1 130 ? -10.035 -15.384 2.405   1.00 38.64 ? 122 GLY A O   1 
ATOM   1027 N  N   . ASP A 1 131 ? -12.156 -16.013 2.883   1.00 40.81 ? 123 ASP A N   1 
ATOM   1028 C  CA  . ASP A 1 131 ? -11.971 -17.410 2.469   1.00 41.07 ? 123 ASP A CA  1 
ATOM   1029 C  C   . ASP A 1 131 ? -11.721 -17.501 0.968   1.00 39.65 ? 123 ASP A C   1 
ATOM   1030 O  O   . ASP A 1 131 ? -10.835 -18.235 0.525   1.00 39.31 ? 123 ASP A O   1 
ATOM   1031 C  CB  A ASP A 1 131 ? -13.178 -18.276 2.871   0.65 43.38 ? 123 ASP A CB  1 
ATOM   1032 C  CB  B ASP A 1 131 ? -13.206 -18.249 2.828   0.35 41.89 ? 123 ASP A CB  1 
ATOM   1033 C  CG  A ASP A 1 131 ? -12.950 -19.766 2.608   0.65 44.49 ? 123 ASP A CG  1 
ATOM   1034 C  CG  B ASP A 1 131 ? -13.448 -18.343 4.328   0.35 41.96 ? 123 ASP A CG  1 
ATOM   1035 O  OD1 A ASP A 1 131 ? -11.990 -20.340 3.174   0.65 45.19 ? 123 ASP A OD1 1 
ATOM   1036 O  OD1 B ASP A 1 131 ? -14.354 -19.104 4.726   0.35 42.61 ? 123 ASP A OD1 1 
ATOM   1037 O  OD2 A ASP A 1 131 ? -13.739 -20.361 1.838   0.65 44.07 ? 123 ASP A OD2 1 
ATOM   1038 O  OD2 B ASP A 1 131 ? -12.746 -17.661 5.105   0.35 42.47 ? 123 ASP A OD2 1 
ATOM   1039 N  N   . GLU A 1 132 ? -12.505 -16.748 0.195   1.00 37.54 ? 124 GLU A N   1 
ATOM   1040 C  CA  . GLU A 1 132 ? -12.367 -16.724 -1.257  1.00 38.84 ? 124 GLU A CA  1 
ATOM   1041 C  C   . GLU A 1 132 ? -11.037 -16.094 -1.667  1.00 35.36 ? 124 GLU A C   1 
ATOM   1042 O  O   . GLU A 1 132 ? -10.370 -16.580 -2.573  1.00 34.84 ? 124 GLU A O   1 
ATOM   1043 C  CB  . GLU A 1 132 ? -13.535 -15.983 -1.905  1.00 39.75 ? 124 GLU A CB  1 
ATOM   1044 C  CG  . GLU A 1 132 ? -13.628 -16.181 -3.421  1.00 43.30 ? 124 GLU A CG  1 
ATOM   1045 C  CD  . GLU A 1 132 ? -14.782 -15.416 -4.059  1.00 44.40 ? 124 GLU A CD  1 
ATOM   1046 O  OE1 . GLU A 1 132 ? -15.853 -15.289 -3.420  1.00 47.37 ? 124 GLU A OE1 1 
ATOM   1047 O  OE2 . GLU A 1 132 ? -14.621 -14.948 -5.210  1.00 46.76 ? 124 GLU A OE2 1 
ATOM   1048 N  N   . VAL A 1 133 ? -10.655 -15.018 -0.982  1.00 33.42 ? 125 VAL A N   1 
ATOM   1049 C  CA  . VAL A 1 133 ? -9.346  -14.400 -1.204  1.00 29.66 ? 125 VAL A CA  1 
ATOM   1050 C  C   . VAL A 1 133 ? -8.211  -15.405 -0.983  1.00 28.48 ? 125 VAL A C   1 
ATOM   1051 O  O   . VAL A 1 133 ? -7.313  -15.512 -1.807  1.00 27.97 ? 125 VAL A O   1 
ATOM   1052 C  CB  . VAL A 1 133 ? -9.147  -13.148 -0.315  1.00 28.72 ? 125 VAL A CB  1 
ATOM   1053 C  CG1 . VAL A 1 133 ? -7.767  -12.550 -0.539  1.00 26.39 ? 125 VAL A CG1 1 
ATOM   1054 C  CG2 . VAL A 1 133 ? -10.221 -12.100 -0.607  1.00 29.63 ? 125 VAL A CG2 1 
ATOM   1055 N  N   . TRP A 1 134 ? -8.252  -16.143 0.130   1.00 30.22 ? 126 TRP A N   1 
ATOM   1056 C  CA  . TRP A 1 134 ? -7.234  -17.148 0.425   1.00 33.01 ? 126 TRP A CA  1 
ATOM   1057 C  C   . TRP A 1 134 ? -7.190  -18.271 -0.633  1.00 32.81 ? 126 TRP A C   1 
ATOM   1058 O  O   . TRP A 1 134 ? -6.111  -18.685 -1.063  1.00 32.48 ? 126 TRP A O   1 
ATOM   1059 C  CB  . TRP A 1 134 ? -7.422  -17.728 1.842   1.00 34.78 ? 126 TRP A CB  1 
ATOM   1060 C  CG  . TRP A 1 134 ? -6.348  -18.709 2.236   1.00 35.77 ? 126 TRP A CG  1 
ATOM   1061 C  CD1 . TRP A 1 134 ? -6.517  -20.031 2.533   1.00 35.84 ? 126 TRP A CD1 1 
ATOM   1062 C  CD2 . TRP A 1 134 ? -4.938  -18.449 2.356   1.00 36.70 ? 126 TRP A CD2 1 
ATOM   1063 N  NE1 . TRP A 1 134 ? -5.305  -20.612 2.834   1.00 36.71 ? 126 TRP A NE1 1 
ATOM   1064 C  CE2 . TRP A 1 134 ? -4.320  -19.663 2.737   1.00 36.95 ? 126 TRP A CE2 1 
ATOM   1065 C  CE3 . TRP A 1 134 ? -4.138  -17.309 2.175   1.00 35.75 ? 126 TRP A CE3 1 
ATOM   1066 C  CZ2 . TRP A 1 134 ? -2.940  -19.770 2.944   1.00 37.26 ? 126 TRP A CZ2 1 
ATOM   1067 C  CZ3 . TRP A 1 134 ? -2.769  -17.415 2.381   1.00 36.43 ? 126 TRP A CZ3 1 
ATOM   1068 C  CH2 . TRP A 1 134 ? -2.183  -18.636 2.762   1.00 36.49 ? 126 TRP A CH2 1 
ATOM   1069 N  N   . ASP A 1 135 ? -8.365  -18.747 -1.038  1.00 35.94 ? 127 ASP A N   1 
ATOM   1070 C  CA  . ASP A 1 135 ? -8.476  -19.742 -2.110  1.00 36.77 ? 127 ASP A CA  1 
ATOM   1071 C  C   . ASP A 1 135 ? -7.814  -19.256 -3.397  1.00 37.14 ? 127 ASP A C   1 
ATOM   1072 O  O   . ASP A 1 135 ? -7.075  -20.010 -4.035  1.00 36.45 ? 127 ASP A O   1 
ATOM   1073 C  CB  . ASP A 1 135 ? -9.942  -20.095 -2.368  1.00 39.56 ? 127 ASP A CB  1 
ATOM   1074 C  CG  . ASP A 1 135 ? -10.553 -20.922 -1.251  1.00 42.16 ? 127 ASP A CG  1 
ATOM   1075 O  OD1 . ASP A 1 135 ? -9.799  -21.465 -0.411  1.00 44.21 ? 127 ASP A OD1 1 
ATOM   1076 O  OD2 . ASP A 1 135 ? -11.795 -21.032 -1.216  1.00 42.92 ? 127 ASP A OD2 1 
ATOM   1077 N  N   . ARG A 1 136 ? -8.064  -17.998 -3.765  1.00 35.31 ? 128 ARG A N   1 
ATOM   1078 C  CA  . ARG A 1 136 ? -7.458  -17.415 -4.973  1.00 36.91 ? 128 ARG A CA  1 
ATOM   1079 C  C   . ARG A 1 136 ? -5.934  -17.359 -4.865  1.00 34.20 ? 128 ARG A C   1 
ATOM   1080 O  O   . ARG A 1 136 ? -5.236  -17.619 -5.837  1.00 35.60 ? 128 ARG A O   1 
ATOM   1081 C  CB  . ARG A 1 136 ? -8.022  -16.019 -5.266  1.00 38.21 ? 128 ARG A CB  1 
ATOM   1082 C  CG  . ARG A 1 136 ? -9.493  -15.993 -5.688  1.00 41.15 ? 128 ARG A CG  1 
ATOM   1083 C  CD  . ARG A 1 136 ? -9.983  -14.555 -5.887  1.00 42.38 ? 128 ARG A CD  1 
ATOM   1084 N  NE  . ARG A 1 136 ? -9.539  -13.993 -7.167  1.00 47.09 ? 128 ARG A NE  1 
ATOM   1085 C  CZ  . ARG A 1 136 ? -9.849  -12.774 -7.612  1.00 47.50 ? 128 ARG A CZ  1 
ATOM   1086 N  NH1 . ARG A 1 136 ? -10.605 -11.959 -6.883  1.00 49.59 ? 128 ARG A NH1 1 
ATOM   1087 N  NH2 . ARG A 1 136 ? -9.394  -12.361 -8.792  1.00 47.35 ? 128 ARG A NH2 1 
ATOM   1088 N  N   . ILE A 1 137 ? -5.424  -17.014 -3.680  1.00 30.86 ? 129 ILE A N   1 
ATOM   1089 C  CA  . ILE A 1 137 ? -3.982  -16.994 -3.430  1.00 28.13 ? 129 ILE A CA  1 
ATOM   1090 C  C   . ILE A 1 137 ? -3.357  -18.406 -3.526  1.00 28.18 ? 129 ILE A C   1 
ATOM   1091 O  O   . ILE A 1 137 ? -2.334  -18.603 -4.199  1.00 29.50 ? 129 ILE A O   1 
ATOM   1092 C  CB  . ILE A 1 137 ? -3.658  -16.340 -2.044  1.00 27.11 ? 129 ILE A CB  1 
ATOM   1093 C  CG1 . ILE A 1 137 ? -4.043  -14.849 -2.061  1.00 27.13 ? 129 ILE A CG1 1 
ATOM   1094 C  CG2 . ILE A 1 137 ? -2.180  -16.528 -1.692  1.00 25.87 ? 129 ILE A CG2 1 
ATOM   1095 C  CD1 . ILE A 1 137 ? -4.123  -14.181 -0.659  1.00 28.73 ? 129 ILE A CD1 1 
ATOM   1096 N  N   . VAL A 1 138 ? -3.978  -19.368 -2.838  1.00 30.36 ? 130 VAL A N   1 
ATOM   1097 C  CA  . VAL A 1 138 ? -3.533  -20.777 -2.847  1.00 34.60 ? 130 VAL A CA  1 
ATOM   1098 C  C   . VAL A 1 138 ? -3.465  -21.338 -4.274  1.00 32.98 ? 130 VAL A C   1 
ATOM   1099 O  O   . VAL A 1 138 ? -2.491  -21.996 -4.636  1.00 35.48 ? 130 VAL A O   1 
ATOM   1100 C  CB  . VAL A 1 138 ? -4.424  -21.669 -1.927  1.00 36.07 ? 130 VAL A CB  1 
ATOM   1101 C  CG1 . VAL A 1 138 ? -4.195  -23.164 -2.189  1.00 37.95 ? 130 VAL A CG1 1 
ATOM   1102 C  CG2 . VAL A 1 138 ? -4.172  -21.342 -0.448  1.00 36.85 ? 130 VAL A CG2 1 
ATOM   1103 N  N   . ASN A 1 139 ? -4.485  -21.030 -5.075  1.00 34.10 ? 131 ASN A N   1 
ATOM   1104 C  CA  . ASN A 1 139 ? -4.602  -21.519 -6.462  1.00 33.61 ? 131 ASN A CA  1 
ATOM   1105 C  C   . ASN A 1 139 ? -3.856  -20.684 -7.514  1.00 34.33 ? 131 ASN A C   1 
ATOM   1106 O  O   . ASN A 1 139 ? -3.950  -20.959 -8.719  1.00 34.31 ? 131 ASN A O   1 
ATOM   1107 C  CB  . ASN A 1 139 ? -6.086  -21.641 -6.842  1.00 35.99 ? 131 ASN A CB  1 
ATOM   1108 C  CG  . ASN A 1 139 ? -6.850  -22.584 -5.921  1.00 36.37 ? 131 ASN A CG  1 
ATOM   1109 O  OD1 . ASN A 1 139 ? -6.253  -23.372 -5.188  1.00 38.28 ? 131 ASN A OD1 1 
ATOM   1110 N  ND2 . ASN A 1 139 ? -8.172  -22.500 -5.950  1.00 36.43 ? 131 ASN A ND2 1 
ATOM   1111 N  N   . SER A 1 140 ? -3.108  -19.677 -7.065  1.00 32.19 ? 132 SER A N   1 
ATOM   1112 C  CA  . SER A 1 140 ? -2.414  -18.759 -7.974  1.00 33.27 ? 132 SER A CA  1 
ATOM   1113 C  C   . SER A 1 140 ? -0.978  -19.191 -8.267  1.00 33.70 ? 132 SER A C   1 
ATOM   1114 O  O   . SER A 1 140 ? -0.478  -20.157 -7.685  1.00 34.77 ? 132 SER A O   1 
ATOM   1115 C  CB  . SER A 1 140 ? -2.402  -17.347 -7.380  1.00 34.05 ? 132 SER A CB  1 
ATOM   1116 O  OG  . SER A 1 140 ? -1.438  -17.264 -6.338  1.00 33.46 ? 132 SER A OG  1 
ATOM   1117 N  N   . ASP A 1 141 ? -0.328  -18.457 -9.169  1.00 33.27 ? 133 ASP A N   1 
ATOM   1118 C  CA  . ASP A 1 141 ? 1.083   -18.653 -9.499  1.00 35.97 ? 133 ASP A CA  1 
ATOM   1119 C  C   . ASP A 1 141 ? 1.959   -17.544 -8.877  1.00 35.81 ? 133 ASP A C   1 
ATOM   1120 O  O   . ASP A 1 141 ? 3.077   -17.293 -9.334  1.00 35.63 ? 133 ASP A O   1 
ATOM   1121 C  CB  . ASP A 1 141 ? 1.259   -18.651 -11.030 1.00 36.36 ? 133 ASP A CB  1 
ATOM   1122 C  CG  . ASP A 1 141 ? 0.841   -17.328 -11.661 1.00 37.54 ? 133 ASP A CG  1 
ATOM   1123 O  OD1 . ASP A 1 141 ? -0.207  -16.779 -11.244 1.00 36.46 ? 133 ASP A OD1 1 
ATOM   1124 O  OD2 . ASP A 1 141 ? 1.557   -16.835 -12.572 1.00 38.72 ? 133 ASP A OD2 1 
ATOM   1125 N  N   . GLU A 1 142 ? 1.448   -16.889 -7.834  1.00 33.68 ? 134 GLU A N   1 
ATOM   1126 C  CA  . GLU A 1 142 ? 2.125   -15.713 -7.270  1.00 33.90 ? 134 GLU A CA  1 
ATOM   1127 C  C   . GLU A 1 142 ? 2.834   -16.049 -5.949  1.00 34.54 ? 134 GLU A C   1 
ATOM   1128 O  O   . GLU A 1 142 ? 2.218   -16.592 -5.031  1.00 39.44 ? 134 GLU A O   1 
ATOM   1129 C  CB  . GLU A 1 142 ? 1.130   -14.554 -7.093  1.00 33.14 ? 134 GLU A CB  1 
ATOM   1130 C  CG  . GLU A 1 142 ? 0.476   -14.033 -8.401  1.00 34.09 ? 134 GLU A CG  1 
ATOM   1131 C  CD  . GLU A 1 142 ? 1.435   -13.301 -9.328  1.00 36.19 ? 134 GLU A CD  1 
ATOM   1132 O  OE1 . GLU A 1 142 ? 2.278   -12.518 -8.849  1.00 36.75 ? 134 GLU A OE1 1 
ATOM   1133 O  OE2 . GLU A 1 142 ? 1.344   -13.499 -10.558 1.00 39.74 ? 134 GLU A OE2 1 
ATOM   1134 N  N   . GLU A 1 143 ? 4.131   -15.747 -5.876  1.00 33.40 ? 135 GLU A N   1 
ATOM   1135 C  CA  . GLU A 1 143 ? 4.933   -16.029 -4.681  1.00 33.31 ? 135 GLU A CA  1 
ATOM   1136 C  C   . GLU A 1 143 ? 4.858   -14.910 -3.627  1.00 30.49 ? 135 GLU A C   1 
ATOM   1137 O  O   . GLU A 1 143 ? 4.783   -15.194 -2.432  1.00 32.14 ? 135 GLU A O   1 
ATOM   1138 C  CB  . GLU A 1 143 ? 6.389   -16.316 -5.066  1.00 36.60 ? 135 GLU A CB  1 
ATOM   1139 C  CG  . GLU A 1 143 ? 7.409   -16.330 -3.911  1.00 41.65 ? 135 GLU A CG  1 
ATOM   1140 C  CD  . GLU A 1 143 ? 7.095   -17.342 -2.805  1.00 43.96 ? 135 GLU A CD  1 
ATOM   1141 O  OE1 . GLU A 1 143 ? 6.255   -18.257 -3.009  1.00 44.51 ? 135 GLU A OE1 1 
ATOM   1142 O  OE2 . GLU A 1 143 ? 7.706   -17.216 -1.721  1.00 44.32 ? 135 GLU A OE2 1 
HETATM 1143 N  N   . MSE A 1 144 ? 4.890   -13.659 -4.077  1.00 28.66 ? 136 MSE A N   1 
HETATM 1144 C  CA  . MSE A 1 144 ? 4.837   -12.496 -3.164  1.00 26.05 ? 136 MSE A CA  1 
HETATM 1145 C  C   . MSE A 1 144 ? 3.437   -11.893 -3.214  1.00 26.54 ? 136 MSE A C   1 
HETATM 1146 O  O   . MSE A 1 144 ? 2.912   -11.619 -4.305  1.00 25.32 ? 136 MSE A O   1 
HETATM 1147 C  CB  . MSE A 1 144 ? 5.881   -11.445 -3.571  1.00 29.59 ? 136 MSE A CB  1 
HETATM 1148 C  CG  . MSE A 1 144 ? 7.328   -11.946 -3.555  1.00 35.63 ? 136 MSE A CG  1 
HETATM 1149 SE SE  . MSE A 1 144 ? 7.894   -12.472 -1.756  1.00 46.66 ? 136 MSE A SE  1 
HETATM 1150 C  CE  . MSE A 1 144 ? 7.493   -10.815 -0.861  1.00 38.54 ? 136 MSE A CE  1 
ATOM   1151 N  N   . ILE A 1 145 ? 2.822   -11.699 -2.047  1.00 20.77 ? 137 ILE A N   1 
ATOM   1152 C  CA  . ILE A 1 145 ? 1.479   -11.132 -1.974  1.00 16.89 ? 137 ILE A CA  1 
ATOM   1153 C  C   . ILE A 1 145 ? 1.576   -9.758  -1.324  1.00 20.43 ? 137 ILE A C   1 
ATOM   1154 O  O   . ILE A 1 145 ? 2.146   -9.632  -0.240  1.00 19.61 ? 137 ILE A O   1 
ATOM   1155 C  CB  . ILE A 1 145 ? 0.503   -12.016 -1.140  1.00 19.57 ? 137 ILE A CB  1 
ATOM   1156 C  CG1 . ILE A 1 145 ? 0.558   -13.508 -1.568  1.00 22.07 ? 137 ILE A CG1 1 
ATOM   1157 C  CG2 . ILE A 1 145 ? -0.931  -11.441 -1.138  1.00 19.75 ? 137 ILE A CG2 1 
ATOM   1158 C  CD1 . ILE A 1 145 ? 0.340   -13.778 -3.090  1.00 23.89 ? 137 ILE A CD1 1 
ATOM   1159 N  N   . ASN A 1 146 ? 1.019   -8.752  -1.997  1.00 17.20 ? 138 ASN A N   1 
ATOM   1160 C  CA  . ASN A 1 146 ? 1.055   -7.366  -1.543  1.00 18.54 ? 138 ASN A CA  1 
ATOM   1161 C  C   . ASN A 1 146 ? -0.255  -6.956  -0.909  1.00 16.16 ? 138 ASN A C   1 
ATOM   1162 O  O   . ASN A 1 146 ? -1.345  -7.292  -1.411  1.00 17.24 ? 138 ASN A O   1 
ATOM   1163 C  CB  . ASN A 1 146 ? 1.330   -6.423  -2.712  1.00 20.37 ? 138 ASN A CB  1 
ATOM   1164 C  CG  . ASN A 1 146 ? 2.695   -6.614  -3.303  1.00 22.92 ? 138 ASN A CG  1 
ATOM   1165 O  OD1 . ASN A 1 146 ? 3.662   -6.025  -2.852  1.00 23.74 ? 138 ASN A OD1 1 
ATOM   1166 N  ND2 . ASN A 1 146 ? 2.779   -7.436  -4.347  1.00 25.98 ? 138 ASN A ND2 1 
ATOM   1167 N  N   . PHE A 1 147 ? -0.156  -6.194  0.195   1.00 15.17 ? 139 PHE A N   1 
ATOM   1168 C  CA  . PHE A 1 147 ? -1.306  -5.669  0.919   1.00 15.54 ? 139 PHE A CA  1 
ATOM   1169 C  C   . PHE A 1 147 ? -1.132  -4.164  0.926   1.00 16.01 ? 139 PHE A C   1 
ATOM   1170 O  O   . PHE A 1 147 ? -0.197  -3.666  1.544   1.00 15.94 ? 139 PHE A O   1 
ATOM   1171 C  CB  . PHE A 1 147 ? -1.290  -6.195  2.363   1.00 17.47 ? 139 PHE A CB  1 
ATOM   1172 C  CG  . PHE A 1 147 ? -1.411  -7.692  2.439   1.00 15.32 ? 139 PHE A CG  1 
ATOM   1173 C  CD1 . PHE A 1 147 ? -2.651  -8.293  2.678   1.00 18.81 ? 139 PHE A CD1 1 
ATOM   1174 C  CD2 . PHE A 1 147 ? -0.285  -8.503  2.184   1.00 15.64 ? 139 PHE A CD2 1 
ATOM   1175 C  CE1 . PHE A 1 147 ? -2.774  -9.701  2.696   1.00 18.28 ? 139 PHE A CE1 1 
ATOM   1176 C  CE2 . PHE A 1 147 ? -0.389  -9.893  2.189   1.00 16.71 ? 139 PHE A CE2 1 
ATOM   1177 C  CZ  . PHE A 1 147 ? -1.643  -10.497 2.448   1.00 18.97 ? 139 PHE A CZ  1 
ATOM   1178 N  N   . GLU A 1 148 ? -1.985  -3.461  0.181   1.00 15.95 ? 140 GLU A N   1 
ATOM   1179 C  CA  . GLU A 1 148 ? -1.903  -2.004  0.024   1.00 16.39 ? 140 GLU A CA  1 
ATOM   1180 C  C   . GLU A 1 148 ? -3.103  -1.321  0.684   1.00 15.20 ? 140 GLU A C   1 
ATOM   1181 O  O   . GLU A 1 148 ? -4.247  -1.722  0.474   1.00 18.03 ? 140 GLU A O   1 
ATOM   1182 C  CB  . GLU A 1 148 ? -1.833  -1.584  -1.474  1.00 15.46 ? 140 GLU A CB  1 
ATOM   1183 C  CG  . GLU A 1 148 ? -1.975  -0.079  -1.656  1.00 16.43 ? 140 GLU A CG  1 
ATOM   1184 C  CD  . GLU A 1 148 ? -1.841  0.402   -3.113  1.00 18.64 ? 140 GLU A CD  1 
ATOM   1185 O  OE1 . GLU A 1 148 ? -1.211  -0.323  -3.918  1.00 21.24 ? 140 GLU A OE1 1 
ATOM   1186 O  OE2 . GLU A 1 148 ? -2.343  1.498   -3.439  1.00 22.08 ? 140 GLU A OE2 1 
ATOM   1187 N  N   . VAL A 1 149 ? -2.831  -0.299  1.495   1.00 15.48 ? 141 VAL A N   1 
ATOM   1188 C  CA  . VAL A 1 149 ? -3.887  0.509   2.091   1.00 15.89 ? 141 VAL A CA  1 
ATOM   1189 C  C   . VAL A 1 149 ? -3.749  1.946   1.563   1.00 14.27 ? 141 VAL A C   1 
ATOM   1190 O  O   . VAL A 1 149 ? -2.648  2.517   1.615   1.00 14.79 ? 141 VAL A O   1 
ATOM   1191 C  CB  . VAL A 1 149 ? -3.791  0.463   3.638   1.00 16.36 ? 141 VAL A CB  1 
ATOM   1192 C  CG1 . VAL A 1 149 ? -4.871  1.327   4.262   1.00 17.12 ? 141 VAL A CG1 1 
ATOM   1193 C  CG2 . VAL A 1 149 ? -3.849  -1.036  4.136   1.00 16.04 ? 141 VAL A CG2 1 
ATOM   1194 N  N   . ASP A 1 150 ? -4.854  2.497   1.050   1.00 16.77 ? 142 ASP A N   1 
ATOM   1195 C  CA  . ASP A 1 150 ? -4.900  3.868   0.498   1.00 18.55 ? 142 ASP A CA  1 
ATOM   1196 C  C   . ASP A 1 150 ? -5.623  4.813   1.468   1.00 19.29 ? 142 ASP A C   1 
ATOM   1197 O  O   . ASP A 1 150 ? -6.611  4.414   2.111   1.00 18.77 ? 142 ASP A O   1 
ATOM   1198 C  CB  . ASP A 1 150 ? -5.613  3.892   -0.858  1.00 20.45 ? 142 ASP A CB  1 
ATOM   1199 C  CG  . ASP A 1 150 ? -4.853  3.132   -1.947  1.00 21.72 ? 142 ASP A CG  1 
ATOM   1200 O  OD1 . ASP A 1 150 ? -3.700  2.730   -1.700  1.00 17.48 ? 142 ASP A OD1 1 
ATOM   1201 O  OD2 . ASP A 1 150 ? -5.424  2.949   -3.049  1.00 24.18 ? 142 ASP A OD2 1 
ATOM   1202 N  N   . LEU A 1 151 ? -5.132  6.042   1.605   1.00 20.83 ? 143 LEU A N   1 
ATOM   1203 C  CA  . LEU A 1 151 ? -5.574  6.913   2.713   1.00 21.31 ? 143 LEU A CA  1 
ATOM   1204 C  C   . LEU A 1 151 ? -5.971  8.355   2.394   1.00 24.75 ? 143 LEU A C   1 
ATOM   1205 O  O   . LEU A 1 151 ? -6.120  9.166   3.322   1.00 25.66 ? 143 LEU A O   1 
ATOM   1206 C  CB  . LEU A 1 151 ? -4.517  6.943   3.818   1.00 24.20 ? 143 LEU A CB  1 
ATOM   1207 C  CG  . LEU A 1 151 ? -4.413  5.598   4.536   1.00 28.40 ? 143 LEU A CG  1 
ATOM   1208 C  CD1 . LEU A 1 151 ? -3.090  5.444   5.200   1.00 31.46 ? 143 LEU A CD1 1 
ATOM   1209 C  CD2 . LEU A 1 151 ? -5.569  5.389   5.504   1.00 31.17 ? 143 LEU A CD2 1 
ATOM   1210 N  N   . GLY A 1 152 ? -6.128  8.701   1.127   1.00 22.24 ? 144 GLY A N   1 
ATOM   1211 C  CA  . GLY A 1 152 ? -6.263  10.139  0.801   1.00 25.01 ? 144 GLY A CA  1 
ATOM   1212 C  C   . GLY A 1 152 ? -5.114  10.949  1.412   1.00 22.41 ? 144 GLY A C   1 
ATOM   1213 O  O   . GLY A 1 152 ? -4.061  10.396  1.735   1.00 25.49 ? 144 GLY A O   1 
ATOM   1214 N  N   . PHE A 1 153 ? -5.310  12.259  1.603   1.00 20.66 ? 145 PHE A N   1 
ATOM   1215 C  CA  . PHE A 1 153 ? -4.213  13.106  2.085   1.00 19.49 ? 145 PHE A CA  1 
ATOM   1216 C  C   . PHE A 1 153 ? -4.268  13.351  3.588   1.00 22.34 ? 145 PHE A C   1 
ATOM   1217 O  O   . PHE A 1 153 ? -4.098  14.487  4.071   1.00 23.48 ? 145 PHE A O   1 
ATOM   1218 C  CB  . PHE A 1 153 ? -4.135  14.422  1.279   1.00 22.93 ? 145 PHE A CB  1 
ATOM   1219 C  CG  . PHE A 1 153 ? -3.649  14.227  -0.141  1.00 22.90 ? 145 PHE A CG  1 
ATOM   1220 C  CD1 . PHE A 1 153 ? -2.286  14.091  -0.411  1.00 26.95 ? 145 PHE A CD1 1 
ATOM   1221 C  CD2 . PHE A 1 153 ? -4.553  14.142  -1.190  1.00 24.96 ? 145 PHE A CD2 1 
ATOM   1222 C  CE1 . PHE A 1 153 ? -1.823  13.891  -1.723  1.00 27.81 ? 145 PHE A CE1 1 
ATOM   1223 C  CE2 . PHE A 1 153 ? -4.095  13.936  -2.523  1.00 23.82 ? 145 PHE A CE2 1 
ATOM   1224 C  CZ  . PHE A 1 153 ? -2.731  13.816  -2.771  1.00 26.67 ? 145 PHE A CZ  1 
ATOM   1225 N  N   . ASP A 1 154 ? -4.517  12.267  4.317   1.00 20.77 ? 146 ASP A N   1 
ATOM   1226 C  CA  . ASP A 1 154 ? -4.692  12.333  5.776   1.00 21.71 ? 146 ASP A CA  1 
ATOM   1227 C  C   . ASP A 1 154 ? -3.416  11.849  6.455   1.00 18.58 ? 146 ASP A C   1 
ATOM   1228 O  O   . ASP A 1 154 ? -3.174  10.637  6.587   1.00 19.85 ? 146 ASP A O   1 
ATOM   1229 C  CB  . ASP A 1 154 ? -5.916  11.512  6.189   1.00 22.30 ? 146 ASP A CB  1 
ATOM   1230 C  CG  . ASP A 1 154 ? -6.299  11.709  7.653   1.00 22.29 ? 146 ASP A CG  1 
ATOM   1231 O  OD1 . ASP A 1 154 ? -5.403  11.960  8.483   1.00 21.23 ? 146 ASP A OD1 1 
ATOM   1232 O  OD2 . ASP A 1 154 ? -7.511  11.612  7.959   1.00 22.69 ? 146 ASP A OD2 1 
ATOM   1233 N  N   . LYS A 1 155 ? -2.606  12.805  6.897   1.00 21.17 ? 147 LYS A N   1 
ATOM   1234 C  CA  . LYS A 1 155 ? -1.315  12.523  7.555   1.00 21.10 ? 147 LYS A CA  1 
ATOM   1235 C  C   . LYS A 1 155 ? -1.473  11.726  8.852   1.00 20.28 ? 147 LYS A C   1 
ATOM   1236 O  O   . LYS A 1 155 ? -0.756  10.757  9.091   1.00 21.52 ? 147 LYS A O   1 
ATOM   1237 C  CB  . LYS A 1 155 ? -0.565  13.842  7.829   1.00 25.33 ? 147 LYS A CB  1 
ATOM   1238 C  CG  . LYS A 1 155 ? -0.379  14.725  6.592   1.00 25.29 ? 147 LYS A CG  1 
ATOM   1239 C  CD  . LYS A 1 155 ? 0.291   16.073  6.952   1.00 26.25 ? 147 LYS A CD  1 
ATOM   1240 C  CE  . LYS A 1 155 ? 0.462   16.938  5.704   1.00 30.11 ? 147 LYS A CE  1 
ATOM   1241 N  NZ  . LYS A 1 155 ? 1.292   18.152  5.963   1.00 33.13 ? 147 LYS A NZ  1 
ATOM   1242 N  N   . GLU A 1 156 ? -2.452  12.097  9.668   1.00 20.81 ? 148 GLU A N   1 
ATOM   1243 C  CA  . GLU A 1 156 ? -2.716  11.351  10.908  1.00 19.18 ? 148 GLU A CA  1 
ATOM   1244 C  C   . GLU A 1 156 ? -2.999  9.888   10.613  1.00 20.90 ? 148 GLU A C   1 
ATOM   1245 O  O   . GLU A 1 156 ? -2.526  9.005   11.331  1.00 20.03 ? 148 GLU A O   1 
ATOM   1246 C  CB  . GLU A 1 156 ? -3.908  11.972  11.663  1.00 20.07 ? 148 GLU A CB  1 
ATOM   1247 C  CG  . GLU A 1 156 ? -4.154  11.394  13.091  1.00 22.10 ? 148 GLU A CG  1 
ATOM   1248 C  CD  . GLU A 1 156 ? -5.083  10.132  13.127  1.00 23.67 ? 148 GLU A CD  1 
ATOM   1249 O  OE1 . GLU A 1 156 ? -5.692  9.794   12.087  1.00 24.31 ? 148 GLU A OE1 1 
ATOM   1250 O  OE2 . GLU A 1 156 ? -5.214  9.479   14.210  1.00 21.60 ? 148 GLU A OE2 1 
ATOM   1251 N  N   . GLU A 1 157 ? -3.780  9.644   9.549   1.00 19.12 ? 149 GLU A N   1 
ATOM   1252 C  CA  . GLU A 1 157 ? -4.171  8.283   9.191   1.00 20.22 ? 149 GLU A CA  1 
ATOM   1253 C  C   . GLU A 1 157 ? -3.021  7.482   8.622   1.00 18.21 ? 149 GLU A C   1 
ATOM   1254 O  O   . GLU A 1 157 ? -2.913  6.295   8.882   1.00 18.86 ? 149 GLU A O   1 
ATOM   1255 C  CB  . GLU A 1 157 ? -5.393  8.269   8.250   1.00 21.68 ? 149 GLU A CB  1 
ATOM   1256 C  CG  . GLU A 1 157 ? -6.714  8.366   9.025   1.00 22.72 ? 149 GLU A CG  1 
ATOM   1257 C  CD  . GLU A 1 157 ? -7.937  8.471   8.135   1.00 25.19 ? 149 GLU A CD  1 
ATOM   1258 O  OE1 . GLU A 1 157 ? -7.815  8.206   6.911   1.00 26.15 ? 149 GLU A OE1 1 
ATOM   1259 O  OE2 . GLU A 1 157 ? -9.024  8.816   8.655   1.00 21.66 ? 149 GLU A OE2 1 
ATOM   1260 N  N   . VAL A 1 158 ? -2.136  8.100   7.837   1.00 17.13 ? 150 VAL A N   1 
ATOM   1261 C  CA  . VAL A 1 158 ? -1.007  7.279   7.369   1.00 20.49 ? 150 VAL A CA  1 
ATOM   1262 C  C   . VAL A 1 158 ? -0.170  6.751   8.524   1.00 19.72 ? 150 VAL A C   1 
ATOM   1263 O  O   . VAL A 1 158 ? 0.174   5.556   8.560   1.00 20.54 ? 150 VAL A O   1 
ATOM   1264 C  CB  . VAL A 1 158 ? -0.148  7.971   6.294   1.00 24.38 ? 150 VAL A CB  1 
ATOM   1265 C  CG1 . VAL A 1 158 ? 0.807   6.943   5.631   1.00 28.97 ? 150 VAL A CG1 1 
ATOM   1266 C  CG2 . VAL A 1 158 ? -1.026  8.507   5.272   1.00 30.54 ? 150 VAL A CG2 1 
ATOM   1267 N  N   . LYS A 1 159 ? 0.116   7.626   9.494   1.00 19.56 ? 151 LYS A N   1 
ATOM   1268 C  CA  . LYS A 1 159 ? 0.863   7.226   10.678  1.00 21.02 ? 151 LYS A CA  1 
ATOM   1269 C  C   . LYS A 1 159 ? 0.108   6.155   11.475  1.00 18.81 ? 151 LYS A C   1 
ATOM   1270 O  O   . LYS A 1 159 ? 0.671   5.130   11.829  1.00 20.06 ? 151 LYS A O   1 
ATOM   1271 C  CB  . LYS A 1 159 ? 1.176   8.427   11.580  1.00 23.52 ? 151 LYS A CB  1 
ATOM   1272 C  CG  . LYS A 1 159 ? 2.257   9.358   11.070  1.00 29.87 ? 151 LYS A CG  1 
ATOM   1273 C  CD  . LYS A 1 159 ? 2.540   10.465  12.124  1.00 30.02 ? 151 LYS A CD  1 
ATOM   1274 C  CE  . LYS A 1 159 ? 3.606   11.436  11.644  1.00 36.83 ? 151 LYS A CE  1 
ATOM   1275 N  NZ  . LYS A 1 159 ? 3.791   12.586  12.581  1.00 37.74 ? 151 LYS A NZ  1 
ATOM   1276 N  N   . ARG A 1 160 ? -1.182  6.384   11.732  1.00 17.03 ? 152 ARG A N   1 
ATOM   1277 C  CA  . ARG A 1 160 ? -1.944  5.423   12.540  1.00 16.95 ? 152 ARG A CA  1 
ATOM   1278 C  C   . ARG A 1 160 ? -2.157  4.074   11.859  1.00 16.97 ? 152 ARG A C   1 
ATOM   1279 O  O   . ARG A 1 160 ? -2.060  3.023   12.496  1.00 16.73 ? 152 ARG A O   1 
ATOM   1280 C  CB  . ARG A 1 160 ? -3.262  6.031   13.017  1.00 15.54 ? 152 ARG A CB  1 
ATOM   1281 C  CG  . ARG A 1 160 ? -4.072  5.069   13.917  1.00 18.32 ? 152 ARG A CG  1 
ATOM   1282 C  CD  . ARG A 1 160 ? -5.154  5.814   14.734  1.00 18.06 ? 152 ARG A CD  1 
ATOM   1283 N  NE  . ARG A 1 160 ? -5.909  6.716   13.864  1.00 18.34 ? 152 ARG A NE  1 
ATOM   1284 C  CZ  . ARG A 1 160 ? -6.907  6.335   13.075  1.00 18.06 ? 152 ARG A CZ  1 
ATOM   1285 N  NH1 . ARG A 1 160 ? -7.326  5.075   13.078  1.00 17.65 ? 152 ARG A NH1 1 
ATOM   1286 N  NH2 . ARG A 1 160 ? -7.492  7.220   12.283  1.00 18.42 ? 152 ARG A NH2 1 
ATOM   1287 N  N   . GLU A 1 161 ? -2.446  4.096   10.556  1.00 15.46 ? 153 GLU A N   1 
ATOM   1288 C  CA  . GLU A 1 161 ? -2.695  2.848   9.843   1.00 16.16 ? 153 GLU A CA  1 
ATOM   1289 C  C   . GLU A 1 161 ? -1.436  2.006   9.634   1.00 16.35 ? 153 GLU A C   1 
ATOM   1290 O  O   . GLU A 1 161 ? -1.507  0.783   9.704   1.00 16.11 ? 153 GLU A O   1 
ATOM   1291 C  CB  . GLU A 1 161 ? -3.446  3.105   8.527   1.00 15.98 ? 153 GLU A CB  1 
ATOM   1292 C  CG  . GLU A 1 161 ? -4.820  3.783   8.685   1.00 16.81 ? 153 GLU A CG  1 
ATOM   1293 C  CD  . GLU A 1 161 ? -5.752  3.087   9.678   1.00 19.48 ? 153 GLU A CD  1 
ATOM   1294 O  OE1 . GLU A 1 161 ? -5.546  1.902   9.984   1.00 19.09 ? 153 GLU A OE1 1 
ATOM   1295 O  OE2 . GLU A 1 161 ? -6.701  3.755   10.121  1.00 20.34 ? 153 GLU A OE2 1 
ATOM   1296 N  N   . ILE A 1 162 ? -0.293  2.655   9.367   1.00 16.89 ? 154 ILE A N   1 
ATOM   1297 C  CA  . ILE A 1 162 ? 0.979   1.910   9.323   1.00 17.71 ? 154 ILE A CA  1 
ATOM   1298 C  C   . ILE A 1 162 ? 1.215   1.241   10.670  1.00 16.81 ? 154 ILE A C   1 
ATOM   1299 O  O   . ILE A 1 162 ? 1.591   0.071   10.730  1.00 19.28 ? 154 ILE A O   1 
ATOM   1300 C  CB  . ILE A 1 162 ? 2.191   2.798   8.953   1.00 20.76 ? 154 ILE A CB  1 
ATOM   1301 C  CG1 . ILE A 1 162 ? 2.091   3.223   7.502   1.00 24.41 ? 154 ILE A CG1 1 
ATOM   1302 C  CG2 . ILE A 1 162 ? 3.510   2.059   9.259   1.00 24.62 ? 154 ILE A CG2 1 
ATOM   1303 C  CD1 . ILE A 1 162 ? 3.102   4.311   7.066   1.00 23.10 ? 154 ILE A CD1 1 
ATOM   1304 N  N   . LYS A 1 163 ? 0.945   1.972   11.748  1.00 17.83 ? 155 LYS A N   1 
ATOM   1305 C  CA  . LYS A 1 163 ? 1.128   1.429   13.098  1.00 20.09 ? 155 LYS A CA  1 
ATOM   1306 C  C   . LYS A 1 163 ? 0.216   0.211   13.313  1.00 18.78 ? 155 LYS A C   1 
ATOM   1307 O  O   . LYS A 1 163 ? 0.666   -0.841  13.775  1.00 18.74 ? 155 LYS A O   1 
ATOM   1308 C  CB  . LYS A 1 163 ? 0.848   2.516   14.146  1.00 22.68 ? 155 LYS A CB  1 
ATOM   1309 C  CG  . LYS A 1 163 ? 0.863   1.985   15.582  1.00 27.48 ? 155 LYS A CG  1 
ATOM   1310 C  CD  . LYS A 1 163 ? 0.726   3.104   16.620  1.00 29.13 ? 155 LYS A CD  1 
ATOM   1311 C  CE  . LYS A 1 163 ? -0.671  3.679   16.659  1.00 34.70 ? 155 LYS A CE  1 
ATOM   1312 N  NZ  . LYS A 1 163 ? -0.860  4.546   17.866  1.00 38.15 ? 155 LYS A NZ  1 
ATOM   1313 N  N   . ARG A 1 164 ? -1.066  0.352   12.973  1.00 16.30 ? 156 ARG A N   1 
ATOM   1314 C  CA  . ARG A 1 164 ? -2.019  -0.761  13.082  1.00 16.90 ? 156 ARG A CA  1 
ATOM   1315 C  C   . ARG A 1 164 ? -1.592  -1.952  12.212  1.00 18.24 ? 156 ARG A C   1 
ATOM   1316 O  O   . ARG A 1 164 ? -1.709  -3.101  12.617  1.00 17.74 ? 156 ARG A O   1 
ATOM   1317 C  CB  . ARG A 1 164 ? -3.461  -0.324  12.780  1.00 20.27 ? 156 ARG A CB  1 
ATOM   1318 C  CG  . ARG A 1 164 ? -4.051  0.618   13.859  1.00 17.84 ? 156 ARG A CG  1 
ATOM   1319 C  CD  . ARG A 1 164 ? -5.448  1.120   13.494  1.00 18.02 ? 156 ARG A CD  1 
ATOM   1320 N  NE  . ARG A 1 164 ? -6.466  0.091   13.652  1.00 19.44 ? 156 ARG A NE  1 
ATOM   1321 C  CZ  . ARG A 1 164 ? -7.058  -0.555  12.650  1.00 22.42 ? 156 ARG A CZ  1 
ATOM   1322 N  NH1 . ARG A 1 164 ? -6.726  -0.290  11.391  1.00 21.03 ? 156 ARG A NH1 1 
ATOM   1323 N  NH2 . ARG A 1 164 ? -7.990  -1.473  12.907  1.00 21.73 ? 156 ARG A NH2 1 
ATOM   1324 N  N   . PHE A 1 165 ? -1.080  -1.667  11.012  1.00 16.67 ? 157 PHE A N   1 
ATOM   1325 C  CA  . PHE A 1 165 ? -0.647  -2.735  10.159  1.00 15.21 ? 157 PHE A CA  1 
ATOM   1326 C  C   . PHE A 1 165 ? 0.544   -3.488  10.749  1.00 16.29 ? 157 PHE A C   1 
ATOM   1327 O  O   . PHE A 1 165 ? 0.574   -4.734  10.771  1.00 17.14 ? 157 PHE A O   1 
ATOM   1328 C  CB  . PHE A 1 165 ? -0.309  -2.210  8.746   1.00 13.31 ? 157 PHE A CB  1 
ATOM   1329 C  CG  . PHE A 1 165 ? -0.091  -3.321  7.749   1.00 14.15 ? 157 PHE A CG  1 
ATOM   1330 C  CD1 . PHE A 1 165 ? -1.173  -3.817  7.000   1.00 17.37 ? 157 PHE A CD1 1 
ATOM   1331 C  CD2 . PHE A 1 165 ? 1.169   -3.913  7.605   1.00 18.72 ? 157 PHE A CD2 1 
ATOM   1332 C  CE1 . PHE A 1 165 ? -0.990  -4.877  6.105   1.00 18.87 ? 157 PHE A CE1 1 
ATOM   1333 C  CE2 . PHE A 1 165 ? 1.367   -4.986  6.697   1.00 19.82 ? 157 PHE A CE2 1 
ATOM   1334 C  CZ  . PHE A 1 165 ? 0.279   -5.453  5.940   1.00 16.87 ? 157 PHE A CZ  1 
ATOM   1335 N  N   . ILE A 1 166 ? 1.525   -2.730  11.235  1.00 18.21 ? 158 ILE A N   1 
ATOM   1336 C  CA  . ILE A 1 166 ? 2.726   -3.335  11.835  1.00 17.21 ? 158 ILE A CA  1 
ATOM   1337 C  C   . ILE A 1 166 ? 2.341   -4.199  13.048  1.00 17.52 ? 158 ILE A C   1 
ATOM   1338 O  O   . ILE A 1 166 ? 2.829   -5.322  13.189  1.00 20.13 ? 158 ILE A O   1 
ATOM   1339 C  CB  . ILE A 1 166 ? 3.814   -2.266  12.168  1.00 18.32 ? 158 ILE A CB  1 
ATOM   1340 C  CG1 . ILE A 1 166 ? 4.451   -1.746  10.865  1.00 20.73 ? 158 ILE A CG1 1 
ATOM   1341 C  CG2 . ILE A 1 166 ? 4.893   -2.853  13.086  1.00 19.75 ? 158 ILE A CG2 1 
ATOM   1342 C  CD1 . ILE A 1 166 ? 5.254   -0.440  11.010  1.00 21.22 ? 158 ILE A CD1 1 
ATOM   1343 N  N   . GLU A 1 167 ? 1.420   -3.702  13.858  1.00 19.25 ? 159 GLU A N   1 
ATOM   1344 C  CA  . GLU A 1 167 ? 0.972   -4.425  15.059  1.00 19.87 ? 159 GLU A CA  1 
ATOM   1345 C  C   . GLU A 1 167 ? 0.249   -5.729  14.667  1.00 20.03 ? 159 GLU A C   1 
ATOM   1346 O  O   . GLU A 1 167 ? 0.477   -6.781  15.271  1.00 22.63 ? 159 GLU A O   1 
ATOM   1347 C  CB  . GLU A 1 167 ? 0.125   -3.512  15.946  1.00 23.32 ? 159 GLU A CB  1 
ATOM   1348 C  CG  . GLU A 1 167 ? 0.959   -2.373  16.553  1.00 26.55 ? 159 GLU A CG  1 
ATOM   1349 C  CD  . GLU A 1 167 ? 0.134   -1.237  17.170  1.00 29.40 ? 159 GLU A CD  1 
ATOM   1350 O  OE1 . GLU A 1 167 ? -1.098  -1.137  16.905  1.00 31.70 ? 159 GLU A OE1 1 
ATOM   1351 O  OE2 . GLU A 1 167 ? 0.757   -0.424  17.903  1.00 32.25 ? 159 GLU A OE2 1 
ATOM   1352 N  N   . LEU A 1 168 ? -0.580  -5.671  13.622  1.00 18.59 ? 160 LEU A N   1 
ATOM   1353 C  CA  . LEU A 1 168 ? -1.249  -6.877  13.137  1.00 18.93 ? 160 LEU A CA  1 
ATOM   1354 C  C   . LEU A 1 168 ? -0.215  -7.872  12.592  1.00 18.46 ? 160 LEU A C   1 
ATOM   1355 O  O   . LEU A 1 168 ? -0.268  -9.068  12.886  1.00 20.03 ? 160 LEU A O   1 
ATOM   1356 C  CB  . LEU A 1 168 ? -2.269  -6.518  12.064  1.00 20.88 ? 160 LEU A CB  1 
ATOM   1357 C  CG  . LEU A 1 168 ? -2.954  -7.680  11.355  1.00 21.82 ? 160 LEU A CG  1 
ATOM   1358 C  CD1 . LEU A 1 168 ? -3.768  -8.572  12.312  1.00 23.93 ? 160 LEU A CD1 1 
ATOM   1359 C  CD2 . LEU A 1 168 ? -3.837  -7.130  10.218  1.00 24.74 ? 160 LEU A CD2 1 
ATOM   1360 N  N   . ALA A 1 169 ? 0.725   -7.371  11.790  1.00 17.71 ? 161 ALA A N   1 
ATOM   1361 C  CA  . ALA A 1 169 ? 1.799   -8.197  11.241  1.00 18.61 ? 161 ALA A CA  1 
ATOM   1362 C  C   . ALA A 1 169 ? 2.647   -8.869  12.317  1.00 19.17 ? 161 ALA A C   1 
ATOM   1363 O  O   . ALA A 1 169 ? 2.999   -10.028 12.168  1.00 19.33 ? 161 ALA A O   1 
ATOM   1364 C  CB  . ALA A 1 169 ? 2.681   -7.366  10.308  1.00 22.01 ? 161 ALA A CB  1 
ATOM   1365 N  N   . ARG A 1 170 ? 2.952   -8.130  13.393  1.00 21.57 ? 162 ARG A N   1 
ATOM   1366 C  CA  . ARG A 1 170 ? 3.694   -8.689  14.537  1.00 24.15 ? 162 ARG A CA  1 
ATOM   1367 C  C   . ARG A 1 170 ? 2.985   -9.915  15.125  1.00 22.56 ? 162 ARG A C   1 
ATOM   1368 O  O   . ARG A 1 170 ? 3.636   -10.908 15.477  1.00 23.80 ? 162 ARG A O   1 
ATOM   1369 C  CB  . ARG A 1 170 ? 3.898   -7.625  15.631  1.00 23.64 ? 162 ARG A CB  1 
ATOM   1370 C  CG  . ARG A 1 170 ? 4.936   -6.578  15.314  1.00 28.55 ? 162 ARG A CG  1 
ATOM   1371 C  CD  . ARG A 1 170 ? 5.404   -5.886  16.598  1.00 28.59 ? 162 ARG A CD  1 
ATOM   1372 N  NE  . ARG A 1 170 ? 6.328   -4.793  16.318  1.00 31.39 ? 162 ARG A NE  1 
ATOM   1373 C  CZ  . ARG A 1 170 ? 6.036   -3.509  16.468  1.00 33.73 ? 162 ARG A CZ  1 
ATOM   1374 N  NH1 . ARG A 1 170 ? 4.830   -3.134  16.908  1.00 34.99 ? 162 ARG A NH1 1 
ATOM   1375 N  NH2 . ARG A 1 170 ? 6.954   -2.592  16.180  1.00 35.03 ? 162 ARG A NH2 1 
ATOM   1376 N  N   . ARG A 1 171 ? 1.657   -9.856  15.211  1.00 25.21 ? 163 ARG A N   1 
ATOM   1377 C  CA  . ARG A 1 171 ? 0.851   -10.977 15.732  1.00 26.96 ? 163 ARG A CA  1 
ATOM   1378 C  C   . ARG A 1 171 ? 1.042   -12.273 14.939  1.00 27.33 ? 163 ARG A C   1 
ATOM   1379 O  O   . ARG A 1 171 ? 0.909   -13.374 15.490  1.00 28.96 ? 163 ARG A O   1 
ATOM   1380 C  CB  . ARG A 1 171 ? -0.635  -10.635 15.733  1.00 26.98 ? 163 ARG A CB  1 
ATOM   1381 C  CG  . ARG A 1 171 ? -1.111  -9.650  16.789  1.00 31.71 ? 163 ARG A CG  1 
ATOM   1382 C  CD  . ARG A 1 171 ? -2.653  -9.468  16.669  1.00 35.15 ? 163 ARG A CD  1 
ATOM   1383 N  NE  . ARG A 1 171 ? -3.340  -10.755 16.554  1.00 41.19 ? 163 ARG A NE  1 
ATOM   1384 C  CZ  . ARG A 1 171 ? -4.464  -10.975 15.870  1.00 43.21 ? 163 ARG A CZ  1 
ATOM   1385 N  NH1 . ARG A 1 171 ? -5.077  -9.994  15.210  1.00 41.54 ? 163 ARG A NH1 1 
ATOM   1386 N  NH2 . ARG A 1 171 ? -4.979  -12.198 15.843  1.00 44.73 ? 163 ARG A NH2 1 
ATOM   1387 N  N   . TYR A 1 172 ? 1.341   -12.132 13.645  1.00 22.38 ? 164 TYR A N   1 
ATOM   1388 C  CA  . TYR A 1 172 ? 1.574   -13.264 12.765  1.00 21.52 ? 164 TYR A CA  1 
ATOM   1389 C  C   . TYR A 1 172 ? 3.051   -13.506 12.444  1.00 22.15 ? 164 TYR A C   1 
ATOM   1390 O  O   . TYR A 1 172 ? 3.372   -14.286 11.536  1.00 22.55 ? 164 TYR A O   1 
ATOM   1391 C  CB  . TYR A 1 172 ? 0.744   -13.092 11.479  1.00 22.59 ? 164 TYR A CB  1 
ATOM   1392 C  CG  . TYR A 1 172 ? -0.736  -13.276 11.733  1.00 23.10 ? 164 TYR A CG  1 
ATOM   1393 C  CD1 . TYR A 1 172 ? -1.332  -14.533 11.598  1.00 24.67 ? 164 TYR A CD1 1 
ATOM   1394 C  CD2 . TYR A 1 172 ? -1.531  -12.208 12.154  1.00 21.90 ? 164 TYR A CD2 1 
ATOM   1395 C  CE1 . TYR A 1 172 ? -2.684  -14.717 11.846  1.00 26.03 ? 164 TYR A CE1 1 
ATOM   1396 C  CE2 . TYR A 1 172 ? -2.897  -12.382 12.401  1.00 23.61 ? 164 TYR A CE2 1 
ATOM   1397 C  CZ  . TYR A 1 172 ? -3.459  -13.644 12.248  1.00 24.98 ? 164 TYR A CZ  1 
ATOM   1398 O  OH  . TYR A 1 172 ? -4.802  -13.828 12.502  1.00 28.21 ? 164 TYR A OH  1 
ATOM   1399 N  N   . ASN A 1 173 ? 3.943   -12.840 13.190  1.00 22.42 ? 165 ASN A N   1 
ATOM   1400 C  CA  . ASN A 1 173 ? 5.385   -13.008 13.030  1.00 21.77 ? 165 ASN A CA  1 
ATOM   1401 C  C   . ASN A 1 173 ? 5.886   -12.575 11.653  1.00 20.53 ? 165 ASN A C   1 
ATOM   1402 O  O   . ASN A 1 173 ? 6.877   -13.106 11.131  1.00 21.79 ? 165 ASN A O   1 
ATOM   1403 C  CB  . ASN A 1 173 ? 5.800   -14.469 13.306  1.00 24.87 ? 165 ASN A CB  1 
ATOM   1404 C  CG  . ASN A 1 173 ? 7.267   -14.594 13.595  1.00 24.49 ? 165 ASN A CG  1 
ATOM   1405 O  OD1 . ASN A 1 173 ? 7.797   -13.842 14.405  1.00 23.13 ? 165 ASN A OD1 1 
ATOM   1406 N  ND2 . ASN A 1 173 ? 7.941   -15.525 12.920  1.00 27.71 ? 165 ASN A ND2 1 
ATOM   1407 N  N   . LEU A 1 174 ? 5.186   -11.612 11.070  1.00 19.57 ? 166 LEU A N   1 
ATOM   1408 C  CA  . LEU A 1 174 ? 5.516   -11.096 9.735   1.00 20.16 ? 166 LEU A CA  1 
ATOM   1409 C  C   . LEU A 1 174 ? 6.408   -9.851  9.771   1.00 22.55 ? 166 LEU A C   1 
ATOM   1410 O  O   . LEU A 1 174 ? 7.193   -9.618  8.829   1.00 22.63 ? 166 LEU A O   1 
ATOM   1411 C  CB  . LEU A 1 174 ? 4.228   -10.796 8.947   1.00 21.69 ? 166 LEU A CB  1 
ATOM   1412 C  CG  . LEU A 1 174 ? 3.371   -12.011 8.555   1.00 23.26 ? 166 LEU A CG  1 
ATOM   1413 C  CD1 . LEU A 1 174 ? 2.062   -11.529 7.972   1.00 21.22 ? 166 LEU A CD1 1 
ATOM   1414 C  CD2 . LEU A 1 174 ? 4.085   -12.945 7.583   1.00 26.63 ? 166 LEU A CD2 1 
ATOM   1415 N  N   . LEU A 1 175 ? 6.270   -9.047  10.837  1.00 19.26 ? 167 LEU A N   1 
ATOM   1416 C  CA  . LEU A 1 175 ? 7.073   -7.834  11.002  1.00 20.35 ? 167 LEU A CA  1 
ATOM   1417 C  C   . LEU A 1 175 ? 7.492   -7.634  12.441  1.00 22.80 ? 167 LEU A C   1 
ATOM   1418 O  O   . LEU A 1 175 ? 7.198   -8.465  13.299  1.00 23.58 ? 167 LEU A O   1 
ATOM   1419 C  CB  . LEU A 1 175 ? 6.328   -6.584  10.526  1.00 21.20 ? 167 LEU A CB  1 
ATOM   1420 C  CG  . LEU A 1 175 ? 6.140   -6.396  9.014   1.00 20.04 ? 167 LEU A CG  1 
ATOM   1421 C  CD1 . LEU A 1 175 ? 5.278   -5.150  8.762   1.00 17.90 ? 167 LEU A CD1 1 
ATOM   1422 C  CD2 . LEU A 1 175 ? 7.455   -6.309  8.271   1.00 20.55 ? 167 LEU A CD2 1 
ATOM   1423 O  OXT . LEU A 1 175 ? 8.115   -6.619  12.712  1.00 22.89 ? 167 LEU A OXT 1 
HETATM 1424 X  UNK . UNX B 2 .   ? -7.840  2.161   6.746   1.00 10.32 ? 401 UNX A UNK 1 
HETATM 1425 O  O   . HOH C 3 .   ? -8.802  -3.726  15.049  1.00 20.45 ? 201 HOH A O   1 
HETATM 1426 O  O   . HOH C 3 .   ? 13.891  4.223   10.957  1.00 18.96 ? 202 HOH A O   1 
HETATM 1427 O  O   . HOH C 3 .   ? 13.160  3.901   -1.463  1.00 19.08 ? 203 HOH A O   1 
HETATM 1428 O  O   . HOH C 3 .   ? -9.441  -5.300  -9.412  1.00 21.39 ? 204 HOH A O   1 
HETATM 1429 O  O   . HOH C 3 .   ? 15.851  3.993   8.938   1.00 19.61 ? 205 HOH A O   1 
HETATM 1430 O  O   . HOH C 3 .   ? 14.019  -3.189  8.624   1.00 17.72 ? 206 HOH A O   1 
HETATM 1431 O  O   . HOH C 3 .   ? 1.762   -3.514  -8.823  1.00 27.21 ? 207 HOH A O   1 
HETATM 1432 O  O   . HOH C 3 .   ? -11.303 -4.008  3.662   1.00 23.51 ? 208 HOH A O   1 
HETATM 1433 O  O   . HOH C 3 .   ? -8.238  3.264   3.980   1.00 20.84 ? 209 HOH A O   1 
HETATM 1434 O  O   . HOH C 3 .   ? 11.153  -16.052 12.382  1.00 24.80 ? 210 HOH A O   1 
HETATM 1435 O  O   . HOH C 3 .   ? 12.891  -4.879  1.410   1.00 26.51 ? 211 HOH A O   1 
HETATM 1436 O  O   . HOH C 3 .   ? 4.087   5.878   -11.633 1.00 26.24 ? 212 HOH A O   1 
HETATM 1437 O  O   . HOH C 3 .   ? 12.835  11.694  -5.811  1.00 33.81 ? 213 HOH A O   1 
HETATM 1438 O  O   . HOH C 3 .   ? 8.642   1.125   15.270  1.00 37.55 ? 214 HOH A O   1 
HETATM 1439 O  O   . HOH C 3 .   ? -3.172  5.849   -4.932  1.00 23.79 ? 215 HOH A O   1 
HETATM 1440 O  O   . HOH C 3 .   ? -5.179  7.242   -1.780  1.00 36.45 ? 216 HOH A O   1 
HETATM 1441 O  O   . HOH C 3 .   ? 18.500  -3.141  6.437   1.00 24.76 ? 217 HOH A O   1 
HETATM 1442 O  O   . HOH C 3 .   ? 1.966   25.268  -3.790  1.00 33.65 ? 218 HOH A O   1 
HETATM 1443 O  O   . HOH C 3 .   ? 3.185   14.535  5.164   1.00 25.16 ? 219 HOH A O   1 
HETATM 1444 O  O   . HOH C 3 .   ? 6.521   -13.857 16.601  1.00 29.37 ? 220 HOH A O   1 
HETATM 1445 O  O   . HOH C 3 .   ? -5.410  -19.614 9.250   1.00 35.21 ? 221 HOH A O   1 
HETATM 1446 O  O   . HOH C 3 .   ? 2.620   -4.649  18.652  1.00 29.53 ? 222 HOH A O   1 
HETATM 1447 O  O   . HOH C 3 .   ? 3.406   4.788   12.122  1.00 31.53 ? 223 HOH A O   1 
HETATM 1448 O  O   . HOH C 3 .   ? -8.820  -7.561  12.050  1.00 28.00 ? 224 HOH A O   1 
HETATM 1449 O  O   . HOH C 3 .   ? 8.040   -8.368  4.175   1.00 26.87 ? 225 HOH A O   1 
HETATM 1450 O  O   . HOH C 3 .   ? 11.277  3.434   -3.289  1.00 28.98 ? 226 HOH A O   1 
HETATM 1451 O  O   . HOH C 3 .   ? 15.382  2.508   12.487  1.00 22.69 ? 227 HOH A O   1 
HETATM 1452 O  O   . HOH C 3 .   ? 16.176  -4.494  7.204   1.00 23.63 ? 228 HOH A O   1 
HETATM 1453 O  O   . HOH C 3 .   ? 1.075   -6.917  17.982  1.00 28.46 ? 229 HOH A O   1 
HETATM 1454 O  O   . HOH C 3 .   ? 4.291   2.515   13.825  1.00 30.88 ? 230 HOH A O   1 
HETATM 1455 O  O   . HOH C 3 .   ? -3.771  2.590   -18.708 1.00 29.98 ? 231 HOH A O   1 
HETATM 1456 O  O   . HOH C 3 .   ? 10.834  -10.741 7.637   1.00 26.12 ? 232 HOH A O   1 
HETATM 1457 O  O   . HOH C 3 .   ? 15.226  6.826   13.756  1.00 32.00 ? 233 HOH A O   1 
HETATM 1458 O  O   . HOH C 3 .   ? 4.955   -11.966 17.514  1.00 32.29 ? 234 HOH A O   1 
HETATM 1459 O  O   . HOH C 3 .   ? 9.987   3.193   -12.009 1.00 29.59 ? 235 HOH A O   1 
HETATM 1460 O  O   . HOH C 3 .   ? 0.390   22.959  -2.307  1.00 37.88 ? 236 HOH A O   1 
HETATM 1461 O  O   . HOH C 3 .   ? -3.528  -3.831  14.727  1.00 29.67 ? 237 HOH A O   1 
HETATM 1462 O  O   . HOH C 3 .   ? -15.209 -2.945  1.310   1.00 31.98 ? 238 HOH A O   1 
HETATM 1463 O  O   . HOH C 3 .   ? 6.820   6.660   -18.289 1.00 26.96 ? 239 HOH A O   1 
HETATM 1464 O  O   . HOH C 3 .   ? 11.563  -2.458  15.907  1.00 30.14 ? 240 HOH A O   1 
HETATM 1465 O  O   . HOH C 3 .   ? -7.822  13.612  1.324   1.00 38.02 ? 241 HOH A O   1 
HETATM 1466 O  O   . HOH C 3 .   ? 15.304  2.317   -1.976  1.00 34.57 ? 242 HOH A O   1 
HETATM 1467 O  O   . HOH C 3 .   ? -12.345 -8.242  -4.138  1.00 29.75 ? 243 HOH A O   1 
HETATM 1468 O  O   . HOH C 3 .   ? -0.568  7.018   15.386  1.00 29.45 ? 244 HOH A O   1 
HETATM 1469 O  O   . HOH C 3 .   ? -9.960  5.469   4.256   1.00 30.98 ? 245 HOH A O   1 
HETATM 1470 O  O   . HOH C 3 .   ? 5.763   0.986   15.952  1.00 49.74 ? 246 HOH A O   1 
HETATM 1471 O  O   . HOH C 3 .   ? 6.293   -3.205  -0.988  1.00 36.25 ? 247 HOH A O   1 
HETATM 1472 O  O   . HOH C 3 .   ? -8.263  9.388   4.561   1.00 29.54 ? 248 HOH A O   1 
HETATM 1473 O  O   . HOH C 3 .   ? 9.567   5.637   17.724  1.00 34.48 ? 249 HOH A O   1 
HETATM 1474 O  O   . HOH C 3 .   ? 14.208  8.002   -8.352  1.00 34.00 ? 250 HOH A O   1 
HETATM 1475 O  O   . HOH C 3 .   ? -0.337  2.936   -7.329  1.00 33.08 ? 251 HOH A O   1 
HETATM 1476 O  O   . HOH C 3 .   ? 3.985   -12.162 -6.672  1.00 32.12 ? 252 HOH A O   1 
HETATM 1477 O  O   . HOH C 3 .   ? -9.376  -2.635  -15.030 1.00 33.04 ? 253 HOH A O   1 
HETATM 1478 O  O   . HOH C 3 .   ? 15.190  -6.681  5.694   1.00 34.96 ? 254 HOH A O   1 
HETATM 1479 O  O   . HOH C 3 .   ? 13.203  -10.549 6.176   1.00 39.26 ? 255 HOH A O   1 
HETATM 1480 O  O   . HOH C 3 .   ? -3.214  -6.405  16.031  1.00 35.86 ? 256 HOH A O   1 
HETATM 1481 O  O   . HOH C 3 .   ? -8.598  13.177  4.287   1.00 42.88 ? 257 HOH A O   1 
HETATM 1482 O  O   . HOH C 3 .   ? -6.983  -9.677  -14.502 1.00 37.79 ? 258 HOH A O   1 
HETATM 1483 O  O   . HOH C 3 .   ? -6.201  -5.128  13.547  1.00 40.59 ? 259 HOH A O   1 
HETATM 1484 O  O   . HOH C 3 .   ? 14.429  -6.912  3.095   1.00 33.79 ? 260 HOH A O   1 
HETATM 1485 O  O   . HOH C 3 .   ? 11.792  4.089   -7.651  1.00 36.21 ? 261 HOH A O   1 
HETATM 1486 O  O   . HOH C 3 .   ? -2.097  3.397   -5.339  1.00 32.43 ? 262 HOH A O   1 
HETATM 1487 O  O   . HOH C 3 .   ? -4.438  -20.939 6.456   1.00 35.33 ? 263 HOH A O   1 
HETATM 1488 O  O   . HOH C 3 .   ? -1.975  5.815   -19.377 1.00 35.22 ? 264 HOH A O   1 
HETATM 1489 O  O   . HOH C 3 .   ? 9.635   6.414   -18.092 1.00 41.68 ? 265 HOH A O   1 
HETATM 1490 O  O   . HOH C 3 .   ? 5.610   -16.687 16.700  1.00 35.29 ? 266 HOH A O   1 
HETATM 1491 O  O   . HOH C 3 .   ? -1.407  -3.496  18.982  1.00 54.22 ? 267 HOH A O   1 
HETATM 1492 O  O   . HOH C 3 .   ? 9.137   15.964  8.243   1.00 50.22 ? 268 HOH A O   1 
HETATM 1493 O  O   . HOH C 3 .   ? -4.705  1.335   -5.345  1.00 32.95 ? 269 HOH A O   1 
HETATM 1494 O  O   . HOH C 3 .   ? -12.512 -11.026 6.876   1.00 33.82 ? 270 HOH A O   1 
HETATM 1495 O  O   . HOH C 3 .   ? 8.315   -10.203 6.408   1.00 28.31 ? 271 HOH A O   1 
HETATM 1496 O  O   . HOH C 3 .   ? -8.504  6.305   -2.654  1.00 37.61 ? 272 HOH A O   1 
HETATM 1497 O  O   . HOH C 3 .   ? 17.744  5.261   -0.126  1.00 43.55 ? 273 HOH A O   1 
HETATM 1498 O  O   . HOH C 3 .   ? -7.942  -7.910  -12.046 1.00 49.83 ? 274 HOH A O   1 
HETATM 1499 O  O   . HOH C 3 .   ? -1.488  17.660  2.541   1.00 34.82 ? 275 HOH A O   1 
HETATM 1500 O  O   . HOH C 3 .   ? 10.550  -2.575  -0.114  1.00 33.32 ? 276 HOH A O   1 
HETATM 1501 O  O   . HOH C 3 .   ? -8.027  3.855   -3.537  1.00 34.78 ? 277 HOH A O   1 
HETATM 1502 O  O   . HOH C 3 .   ? -15.016 -9.055  2.711   1.00 40.01 ? 278 HOH A O   1 
HETATM 1503 O  O   . HOH C 3 .   ? -15.002 -6.238  3.233   1.00 40.06 ? 279 HOH A O   1 
HETATM 1504 O  O   . HOH C 3 .   ? 6.405   0.742   -11.831 1.00 42.53 ? 280 HOH A O   1 
HETATM 1505 O  O   . HOH C 3 .   ? -17.171 -13.925 -1.705  1.00 45.29 ? 281 HOH A O   1 
HETATM 1506 O  O   . HOH C 3 .   ? -8.906  5.666   10.477  1.00 25.74 ? 282 HOH A O   1 
HETATM 1507 O  O   . HOH C 3 .   ? 1.224   -0.840  -10.883 1.00 27.95 ? 283 HOH A O   1 
HETATM 1508 O  O   . HOH C 3 .   ? -2.729  -0.312  -6.125  1.00 35.61 ? 284 HOH A O   1 
HETATM 1509 O  O   . HOH C 3 .   ? 2.302   -0.820  -8.380  1.00 36.08 ? 285 HOH A O   1 
HETATM 1510 O  O   . HOH C 3 .   ? -13.101 3.245   -8.540  1.00 46.66 ? 286 HOH A O   1 
HETATM 1511 O  O   . HOH C 3 .   ? 4.647   6.793   13.794  1.00 42.22 ? 287 HOH A O   1 
HETATM 1512 O  O   . HOH C 3 .   ? 12.718  13.458  3.014   1.00 31.50 ? 288 HOH A O   1 
HETATM 1513 O  O   . HOH C 3 .   ? 14.288  11.366  0.890   1.00 30.90 ? 289 HOH A O   1 
HETATM 1514 O  O   . HOH C 3 .   ? 18.500  9.571   6.118   1.00 44.89 ? 290 HOH A O   1 
HETATM 1515 O  O   . HOH C 3 .   ? 3.282   19.510  1.567   1.00 35.79 ? 291 HOH A O   1 
HETATM 1516 O  O   . HOH C 3 .   ? -10.432 -9.600  12.905  1.00 39.76 ? 292 HOH A O   1 
HETATM 1517 O  O   . HOH C 3 .   ? -15.512 -2.257  -8.764  1.00 60.37 ? 293 HOH A O   1 
HETATM 1518 O  O   . HOH C 3 .   ? -10.470 -7.884  -8.263  1.00 41.47 ? 294 HOH A O   1 
HETATM 1519 O  O   . HOH C 3 .   ? -1.538  9.330   14.061  1.00 25.01 ? 295 HOH A O   1 
HETATM 1520 O  O   . HOH C 3 .   ? -0.553  12.151  13.756  1.00 42.17 ? 296 HOH A O   1 
HETATM 1521 O  O   . HOH C 3 .   ? 2.142   -9.034  19.153  1.00 36.20 ? 297 HOH A O   1 
HETATM 1522 O  O   . HOH C 3 .   ? -4.801  6.735   -18.080 1.00 35.17 ? 298 HOH A O   1 
HETATM 1523 O  O   . HOH C 3 .   ? -1.338  1.328   -20.205 1.00 40.90 ? 299 HOH A O   1 
HETATM 1524 O  O   . HOH C 3 .   ? -5.384  3.249   -6.826  1.00 48.81 ? 300 HOH A O   1 
HETATM 1525 O  O   . HOH C 3 .   ? -9.522  3.270   -5.535  1.00 37.51 ? 301 HOH A O   1 
HETATM 1526 O  O   . HOH C 3 .   ? 7.977   18.680  2.560   1.00 41.30 ? 302 HOH A O   1 
# 
